data_4M8Y
# 
_entry.id   4M8Y 
# 
_audit_conform.dict_name       mmcif_pdbx.dic 
_audit_conform.dict_version    5.379 
_audit_conform.dict_location   http://mmcif.pdb.org/dictionaries/ascii/mmcif_pdbx.dic 
# 
loop_
_database_2.database_id 
_database_2.database_code 
_database_2.pdbx_database_accession 
_database_2.pdbx_DOI 
PDB   4M8Y         pdb_00004m8y 10.2210/pdb4m8y/pdb 
RCSB  RCSB081615   ?            ?                   
WWPDB D_1000081615 ?            ?                   
# 
loop_
_pdbx_database_related.db_name 
_pdbx_database_related.db_id 
_pdbx_database_related.details 
_pdbx_database_related.content_type 
PDB 2RKF . unspecified 
PDB 2RKG . unspecified 
PDB 4M8X . unspecified 
# 
_pdbx_database_status.status_code                     REL 
_pdbx_database_status.entry_id                        4M8Y 
_pdbx_database_status.recvd_initial_deposition_date   2013-08-14 
_pdbx_database_status.deposit_site                    RCSB 
_pdbx_database_status.process_site                    RCSB 
_pdbx_database_status.status_code_sf                  REL 
_pdbx_database_status.status_code_mr                  ? 
_pdbx_database_status.SG_entry                        ? 
_pdbx_database_status.status_code_cs                  ? 
_pdbx_database_status.methods_development_category    ? 
_pdbx_database_status.pdb_format_compatible           Y 
_pdbx_database_status.status_code_nmr_data            ? 
# 
loop_
_audit_author.name 
_audit_author.pdbx_ordinal 
'Grantz saskova, K.' 1 
'Brynda, J.'         2 
'Rezacova, P.'       3 
'Kozisek, M.'        4 
'Konvalinka, J.'     5 
# 
_citation.id                        primary 
_citation.title                     
;GS-8374, a prototype phosphonate-containing inhibitor of HIV-1 protease, effectively inhibits protease mutants with amino acid insertions.
;
_citation.journal_abbrev            J.Virol. 
_citation.journal_volume            88 
_citation.page_first                3586 
_citation.page_last                 3590 
_citation.year                      2014 
_citation.journal_id_ASTM           JOVIAM 
_citation.country                   US 
_citation.journal_id_ISSN           0022-538X 
_citation.journal_id_CSD            0825 
_citation.book_publisher            ? 
_citation.pdbx_database_id_PubMed   24371077 
_citation.pdbx_database_id_DOI      10.1128/JVI.02688-13 
# 
loop_
_citation_author.citation_id 
_citation_author.name 
_citation_author.ordinal 
_citation_author.identifier_ORCID 
primary 'Grantz Saskova, K.'   1  ? 
primary 'Kozisek, M.'          2  ? 
primary 'Stray, K.'            3  ? 
primary 'de Jong, D.'          4  ? 
primary 'Rezaova, P.'          5  ? 
primary 'Brynda, J.'           6  ? 
primary 'van Maarseveen, N.M.' 7  ? 
primary 'Nijhuis, M.'          8  ? 
primary 'Cihlar, T.'           9  ? 
primary 'Konvalinka, J.'       10 ? 
# 
_cell.entry_id           4M8Y 
_cell.length_a           61.905 
_cell.length_b           61.905 
_cell.length_c           83.178 
_cell.angle_alpha        90.00 
_cell.angle_beta         90.00 
_cell.angle_gamma        120.00 
_cell.Z_PDB              12 
_cell.pdbx_unique_axis   ? 
_cell.length_a_esd       ? 
_cell.length_b_esd       ? 
_cell.length_c_esd       ? 
_cell.angle_alpha_esd    ? 
_cell.angle_beta_esd     ? 
_cell.angle_gamma_esd    ? 
# 
_symmetry.entry_id                         4M8Y 
_symmetry.space_group_name_H-M             'P 61' 
_symmetry.pdbx_full_space_group_name_H-M   ? 
_symmetry.cell_setting                     ? 
_symmetry.Int_Tables_number                169 
_symmetry.space_group_name_Hall            ? 
# 
loop_
_entity.id 
_entity.type 
_entity.src_method 
_entity.pdbx_description 
_entity.formula_weight 
_entity.pdbx_number_of_molecules 
_entity.pdbx_ec 
_entity.pdbx_mutation 
_entity.pdbx_fragment 
_entity.details 
1 polymer     man Protease 10912.771 2  3.4.23.16 'L10F, I13V, G16A, K20M, D37S, I46V, I54M, A71V, GLU INSERSION AFTER 33' ? ? 
2 non-polymer syn 
;DIETHYL ({4-[(2S,3R)-2-({[(3R,3AS,6AR)-HEXAHYDROFURO[2,3-B]FURAN-3-YLOXY]CARBONYL}AMINO)-3-HYDROXY-4-{ISOBUTYL[(4-METHOXYPHENYL)SULFONYL]AMINO}BUTYL]PHENOXY}METHYL)PHOSPHONATE
;
728.787   2  ?         ?                                                                        ? ? 
3 water       nat water 18.015    79 ?         ?                                                                        ? ? 
# 
_entity_poly.entity_id                      1 
_entity_poly.type                           'polypeptide(L)' 
_entity_poly.nstd_linkage                   no 
_entity_poly.nstd_monomer                   no 
_entity_poly.pdbx_seq_one_letter_code       
;PQITLWQRPFVTVKIAGQLMEALLDTGADDTILEEEMSLPGRWTPKVVGGIGGFMKVRQYDQILVEICGHKVIGTVLVGP
TPANIIGRNLLTQIGCTLNF
;
_entity_poly.pdbx_seq_one_letter_code_can   
;PQITLWQRPFVTVKIAGQLMEALLDTGADDTILEEEMSLPGRWTPKVVGGIGGFMKVRQYDQILVEICGHKVIGTVLVGP
TPANIIGRNLLTQIGCTLNF
;
_entity_poly.pdbx_strand_id                 A,B 
_entity_poly.pdbx_target_identifier         ? 
# 
loop_
_entity_poly_seq.entity_id 
_entity_poly_seq.num 
_entity_poly_seq.mon_id 
_entity_poly_seq.hetero 
1 1   PRO n 
1 2   GLN n 
1 3   ILE n 
1 4   THR n 
1 5   LEU n 
1 6   TRP n 
1 7   GLN n 
1 8   ARG n 
1 9   PRO n 
1 10  PHE n 
1 11  VAL n 
1 12  THR n 
1 13  VAL n 
1 14  LYS n 
1 15  ILE n 
1 16  ALA n 
1 17  GLY n 
1 18  GLN n 
1 19  LEU n 
1 20  MET n 
1 21  GLU n 
1 22  ALA n 
1 23  LEU n 
1 24  LEU n 
1 25  ASP n 
1 26  THR n 
1 27  GLY n 
1 28  ALA n 
1 29  ASP n 
1 30  ASP n 
1 31  THR n 
1 32  ILE n 
1 33  LEU n 
1 34  GLU n 
1 35  GLU n 
1 36  GLU n 
1 37  MET n 
1 38  SER n 
1 39  LEU n 
1 40  PRO n 
1 41  GLY n 
1 42  ARG n 
1 43  TRP n 
1 44  THR n 
1 45  PRO n 
1 46  LYS n 
1 47  VAL n 
1 48  VAL n 
1 49  GLY n 
1 50  GLY n 
1 51  ILE n 
1 52  GLY n 
1 53  GLY n 
1 54  PHE n 
1 55  MET n 
1 56  LYS n 
1 57  VAL n 
1 58  ARG n 
1 59  GLN n 
1 60  TYR n 
1 61  ASP n 
1 62  GLN n 
1 63  ILE n 
1 64  LEU n 
1 65  VAL n 
1 66  GLU n 
1 67  ILE n 
1 68  CYS n 
1 69  GLY n 
1 70  HIS n 
1 71  LYS n 
1 72  VAL n 
1 73  ILE n 
1 74  GLY n 
1 75  THR n 
1 76  VAL n 
1 77  LEU n 
1 78  VAL n 
1 79  GLY n 
1 80  PRO n 
1 81  THR n 
1 82  PRO n 
1 83  ALA n 
1 84  ASN n 
1 85  ILE n 
1 86  ILE n 
1 87  GLY n 
1 88  ARG n 
1 89  ASN n 
1 90  LEU n 
1 91  LEU n 
1 92  THR n 
1 93  GLN n 
1 94  ILE n 
1 95  GLY n 
1 96  CYS n 
1 97  THR n 
1 98  LEU n 
1 99  ASN n 
1 100 PHE n 
# 
_entity_src_gen.entity_id                          1 
_entity_src_gen.pdbx_src_id                        1 
_entity_src_gen.pdbx_alt_source_flag               sample 
_entity_src_gen.pdbx_seq_type                      ? 
_entity_src_gen.pdbx_beg_seq_num                   ? 
_entity_src_gen.pdbx_end_seq_num                   ? 
_entity_src_gen.gene_src_common_name               ? 
_entity_src_gen.gene_src_genus                     ? 
_entity_src_gen.pdbx_gene_src_gene                 pol 
_entity_src_gen.gene_src_species                   ? 
_entity_src_gen.gene_src_strain                    ? 
_entity_src_gen.gene_src_tissue                    ? 
_entity_src_gen.gene_src_tissue_fraction           ? 
_entity_src_gen.gene_src_details                   ? 
_entity_src_gen.pdbx_gene_src_fragment             ? 
_entity_src_gen.pdbx_gene_src_scientific_name      'Human immunodeficiency virus 1' 
_entity_src_gen.pdbx_gene_src_ncbi_taxonomy_id     11676 
_entity_src_gen.pdbx_gene_src_variant              ? 
_entity_src_gen.pdbx_gene_src_cell_line            ? 
_entity_src_gen.pdbx_gene_src_atcc                 ? 
_entity_src_gen.pdbx_gene_src_organ                ? 
_entity_src_gen.pdbx_gene_src_organelle            ? 
_entity_src_gen.pdbx_gene_src_cell                 ? 
_entity_src_gen.pdbx_gene_src_cellular_location    ? 
_entity_src_gen.host_org_common_name               ? 
_entity_src_gen.pdbx_host_org_scientific_name      'Escherichia coli' 
_entity_src_gen.pdbx_host_org_ncbi_taxonomy_id     469008 
_entity_src_gen.host_org_genus                     ? 
_entity_src_gen.pdbx_host_org_gene                 ? 
_entity_src_gen.pdbx_host_org_organ                ? 
_entity_src_gen.host_org_species                   ? 
_entity_src_gen.pdbx_host_org_tissue               ? 
_entity_src_gen.pdbx_host_org_tissue_fraction      ? 
_entity_src_gen.pdbx_host_org_strain               'BL21(DE3)RIL' 
_entity_src_gen.pdbx_host_org_variant              ? 
_entity_src_gen.pdbx_host_org_cell_line            ? 
_entity_src_gen.pdbx_host_org_atcc                 ? 
_entity_src_gen.pdbx_host_org_culture_collection   ? 
_entity_src_gen.pdbx_host_org_cell                 ? 
_entity_src_gen.pdbx_host_org_organelle            ? 
_entity_src_gen.pdbx_host_org_cellular_location    ? 
_entity_src_gen.pdbx_host_org_vector_type          plasmid 
_entity_src_gen.pdbx_host_org_vector               ? 
_entity_src_gen.host_org_details                   ? 
_entity_src_gen.expression_system_id               ? 
_entity_src_gen.plasmid_name                       pET24a 
_entity_src_gen.plasmid_details                    ? 
_entity_src_gen.pdbx_description                   ? 
# 
_struct_ref.id                         1 
_struct_ref.db_name                    UNP 
_struct_ref.db_code                    Q90JJ9_9HIV1 
_struct_ref.pdbx_db_accession          Q90JJ9 
_struct_ref.entity_id                  1 
_struct_ref.pdbx_seq_one_letter_code   
;PQITLWQRPLVTIKIGGQLKEALLDTGADDTILEEMDLPGRWTPKIVGGIGGFIKVRQYDQILVEICGHKAIGTVLVGPT
PANIIGRNLLTQIGCTLNF
;
_struct_ref.pdbx_align_begin           1 
_struct_ref.pdbx_db_isoform            ? 
# 
loop_
_struct_ref_seq.align_id 
_struct_ref_seq.ref_id 
_struct_ref_seq.pdbx_PDB_id_code 
_struct_ref_seq.pdbx_strand_id 
_struct_ref_seq.seq_align_beg 
_struct_ref_seq.pdbx_seq_align_beg_ins_code 
_struct_ref_seq.seq_align_end 
_struct_ref_seq.pdbx_seq_align_end_ins_code 
_struct_ref_seq.pdbx_db_accession 
_struct_ref_seq.db_align_beg 
_struct_ref_seq.pdbx_db_align_beg_ins_code 
_struct_ref_seq.db_align_end 
_struct_ref_seq.pdbx_db_align_end_ins_code 
_struct_ref_seq.pdbx_auth_seq_align_beg 
_struct_ref_seq.pdbx_auth_seq_align_end 
1 1 4M8Y A 1 ? 100 ? Q90JJ9 1 ? 99 ? 1 100 
2 1 4M8Y B 1 ? 100 ? Q90JJ9 1 ? 99 ? 1 100 
# 
loop_
_struct_ref_seq_dif.align_id 
_struct_ref_seq_dif.pdbx_pdb_id_code 
_struct_ref_seq_dif.mon_id 
_struct_ref_seq_dif.pdbx_pdb_strand_id 
_struct_ref_seq_dif.seq_num 
_struct_ref_seq_dif.pdbx_pdb_ins_code 
_struct_ref_seq_dif.pdbx_seq_db_name 
_struct_ref_seq_dif.pdbx_seq_db_accession_code 
_struct_ref_seq_dif.db_mon_id 
_struct_ref_seq_dif.pdbx_seq_db_seq_num 
_struct_ref_seq_dif.details 
_struct_ref_seq_dif.pdbx_auth_seq_num 
_struct_ref_seq_dif.pdbx_ordinal 
1 4M8Y PHE A 10 ? UNP Q90JJ9 LEU 10 'engineered mutation' 10 1  
1 4M8Y VAL A 13 ? UNP Q90JJ9 ILE 13 'engineered mutation' 13 2  
1 4M8Y ALA A 16 ? UNP Q90JJ9 GLY 16 'engineered mutation' 16 3  
1 4M8Y MET A 20 ? UNP Q90JJ9 LYS 20 'engineered mutation' 20 4  
1 4M8Y GLU A 34 ? UNP Q90JJ9 ?   ?  insertion             34 5  
1 4M8Y SER A 38 ? UNP Q90JJ9 ASP 37 'engineered mutation' 38 6  
1 4M8Y VAL A 47 ? UNP Q90JJ9 ILE 46 'engineered mutation' 47 7  
1 4M8Y MET A 55 ? UNP Q90JJ9 ILE 54 'engineered mutation' 55 8  
1 4M8Y VAL A 72 ? UNP Q90JJ9 ALA 71 'engineered mutation' 72 9  
2 4M8Y PHE B 10 ? UNP Q90JJ9 LEU 10 'engineered mutation' 10 10 
2 4M8Y VAL B 13 ? UNP Q90JJ9 ILE 13 'engineered mutation' 13 11 
2 4M8Y ALA B 16 ? UNP Q90JJ9 GLY 16 'engineered mutation' 16 12 
2 4M8Y MET B 20 ? UNP Q90JJ9 LYS 20 'engineered mutation' 20 13 
2 4M8Y GLU B 34 ? UNP Q90JJ9 ?   ?  insertion             34 14 
2 4M8Y SER B 38 ? UNP Q90JJ9 ASP 37 'engineered mutation' 38 15 
2 4M8Y VAL B 47 ? UNP Q90JJ9 ILE 46 'engineered mutation' 47 16 
2 4M8Y MET B 55 ? UNP Q90JJ9 ILE 54 'engineered mutation' 55 17 
2 4M8Y VAL B 72 ? UNP Q90JJ9 ALA 71 'engineered mutation' 72 18 
# 
loop_
_chem_comp.id 
_chem_comp.type 
_chem_comp.mon_nstd_flag 
_chem_comp.name 
_chem_comp.pdbx_synonyms 
_chem_comp.formula 
_chem_comp.formula_weight 
ALA 'L-peptide linking' y ALANINE ? 'C3 H7 N O2'         89.093  
ARG 'L-peptide linking' y ARGININE ? 'C6 H15 N4 O2 1'     175.209 
ASN 'L-peptide linking' y ASPARAGINE ? 'C4 H8 N2 O3'        132.118 
ASP 'L-peptide linking' y 'ASPARTIC ACID' ? 'C4 H7 N O4'         133.103 
CYS 'L-peptide linking' y CYSTEINE ? 'C3 H7 N O2 S'       121.158 
GLN 'L-peptide linking' y GLUTAMINE ? 'C5 H10 N2 O3'       146.144 
GLU 'L-peptide linking' y 'GLUTAMIC ACID' ? 'C5 H9 N O4'         147.129 
GLY 'peptide linking'   y GLYCINE ? 'C2 H5 N O2'         75.067  
HIS 'L-peptide linking' y HISTIDINE ? 'C6 H10 N3 O2 1'     156.162 
HOH non-polymer         . WATER ? 'H2 O'               18.015  
ILE 'L-peptide linking' y ISOLEUCINE ? 'C6 H13 N O2'        131.173 
KGQ non-polymer         . 
;DIETHYL ({4-[(2S,3R)-2-({[(3R,3AS,6AR)-HEXAHYDROFURO[2,3-B]FURAN-3-YLOXY]CARBONYL}AMINO)-3-HYDROXY-4-{ISOBUTYL[(4-METHOXYPHENYL)SULFONYL]AMINO}BUTYL]PHENOXY}METHYL)PHOSPHONATE
;
? 'C33 H49 N2 O12 P S' 728.787 
LEU 'L-peptide linking' y LEUCINE ? 'C6 H13 N O2'        131.173 
LYS 'L-peptide linking' y LYSINE ? 'C6 H15 N2 O2 1'     147.195 
MET 'L-peptide linking' y METHIONINE ? 'C5 H11 N O2 S'      149.211 
PHE 'L-peptide linking' y PHENYLALANINE ? 'C9 H11 N O2'        165.189 
PRO 'L-peptide linking' y PROLINE ? 'C5 H9 N O2'         115.130 
SER 'L-peptide linking' y SERINE ? 'C3 H7 N O3'         105.093 
THR 'L-peptide linking' y THREONINE ? 'C4 H9 N O3'         119.119 
TRP 'L-peptide linking' y TRYPTOPHAN ? 'C11 H12 N2 O2'      204.225 
TYR 'L-peptide linking' y TYROSINE ? 'C9 H11 N O3'        181.189 
VAL 'L-peptide linking' y VALINE ? 'C5 H11 N O2'        117.146 
# 
_exptl.entry_id          4M8Y 
_exptl.method            'X-RAY DIFFRACTION' 
_exptl.crystals_number   1 
# 
_exptl_crystal.id                    1 
_exptl_crystal.density_meas          ? 
_exptl_crystal.density_Matthews      2.11 
_exptl_crystal.density_percent_sol   41.65 
_exptl_crystal.description           ? 
_exptl_crystal.F_000                 ? 
_exptl_crystal.preparation           ? 
# 
_exptl_crystal_grow.crystal_id      1 
_exptl_crystal_grow.method          'VAPOR DIFFUSION, HANGING DROP' 
_exptl_crystal_grow.temp            292.15 
_exptl_crystal_grow.temp_details    ? 
_exptl_crystal_grow.pH              6.0 
_exptl_crystal_grow.pdbx_pH_range   ? 
_exptl_crystal_grow.pdbx_details    
'0.5 ammonium sulphate and 0.1 M MES pH 6.0, VAPOR DIFFUSION, HANGING DROP, temperature 292.15K' 
# 
_diffrn.id                     1 
_diffrn.ambient_temp           120 
_diffrn.ambient_temp_details   ? 
_diffrn.crystal_id             1 
# 
_diffrn_detector.diffrn_id              1 
_diffrn_detector.detector               'IMAGE PLATE' 
_diffrn_detector.type                   'MAR scanner 345 mm plate' 
_diffrn_detector.pdbx_collection_date   2009-01-01 
_diffrn_detector.details                ? 
# 
_diffrn_radiation.diffrn_id                        1 
_diffrn_radiation.wavelength_id                    1 
_diffrn_radiation.pdbx_monochromatic_or_laue_m_l   M 
_diffrn_radiation.monochromator                    ? 
_diffrn_radiation.pdbx_diffrn_protocol             'SINGLE WAVELENGTH' 
_diffrn_radiation.pdbx_scattering_type             x-ray 
# 
_diffrn_radiation_wavelength.id           1 
_diffrn_radiation_wavelength.wavelength   1.54 
_diffrn_radiation_wavelength.wt           1.0 
# 
_diffrn_source.diffrn_id                   1 
_diffrn_source.source                      'ROTATING ANODE' 
_diffrn_source.type                        OTHER 
_diffrn_source.pdbx_synchrotron_site       ? 
_diffrn_source.pdbx_synchrotron_beamline   ? 
_diffrn_source.pdbx_wavelength             ? 
_diffrn_source.pdbx_wavelength_list        1.54 
# 
_reflns.pdbx_diffrn_id               1 
_reflns.pdbx_ordinal                 1 
_reflns.entry_id                     4M8Y 
_reflns.observed_criterion_sigma_I   ? 
_reflns.observed_criterion_sigma_F   ? 
_reflns.d_resolution_low             ? 
_reflns.d_resolution_high            2.22 
_reflns.number_obs                   8455 
_reflns.number_all                   8906 
_reflns.percent_possible_obs         ? 
_reflns.pdbx_Rmerge_I_obs            ? 
_reflns.pdbx_Rsym_value              ? 
_reflns.pdbx_netI_over_sigmaI        ? 
_reflns.B_iso_Wilson_estimate        ? 
_reflns.pdbx_redundancy              ? 
_reflns.R_free_details               ? 
_reflns.limit_h_max                  ? 
_reflns.limit_h_min                  ? 
_reflns.limit_k_max                  ? 
_reflns.limit_k_min                  ? 
_reflns.limit_l_max                  ? 
_reflns.limit_l_min                  ? 
_reflns.observed_criterion_F_max     ? 
_reflns.observed_criterion_F_min     ? 
_reflns.pdbx_chi_squared             ? 
_reflns.pdbx_scaling_rejects         ? 
# 
_refine.pdbx_refine_id                           'X-RAY DIFFRACTION' 
_refine.entry_id                                 4M8Y 
_refine.pdbx_diffrn_id                           1 
_refine.pdbx_TLS_residual_ADP_flag               ? 
_refine.ls_number_reflns_obs                     8453 
_refine.ls_number_reflns_all                     8906 
_refine.pdbx_ls_sigma_I                          ? 
_refine.pdbx_ls_sigma_F                          . 
_refine.pdbx_data_cutoff_high_absF               ? 
_refine.pdbx_data_cutoff_low_absF                ? 
_refine.pdbx_data_cutoff_high_rms_absF           ? 
_refine.ls_d_res_low                             32.86 
_refine.ls_d_res_high                            2.22 
_refine.ls_percent_reflns_obs                    99.37 
_refine.ls_R_factor_obs                          0.20107 
_refine.ls_R_factor_all                          ? 
_refine.ls_R_factor_R_work                       0.19788 
_refine.ls_R_factor_R_free                       0.26783 
_refine.ls_R_factor_R_free_error                 ? 
_refine.ls_R_factor_R_free_error_details         ? 
_refine.ls_percent_reflns_R_free                 4.8 
_refine.ls_number_reflns_R_free                  422 
_refine.ls_number_parameters                     ? 
_refine.ls_number_restraints                     ? 
_refine.occupancy_min                            ? 
_refine.occupancy_max                            ? 
_refine.correlation_coeff_Fo_to_Fc               0.948 
_refine.correlation_coeff_Fo_to_Fc_free          0.889 
_refine.B_iso_mean                               35.014 
_refine.aniso_B[1][1]                            0.00 
_refine.aniso_B[2][2]                            0.00 
_refine.aniso_B[3][3]                            -0.01 
_refine.aniso_B[1][2]                            0.00 
_refine.aniso_B[1][3]                            0.00 
_refine.aniso_B[2][3]                            0.00 
_refine.solvent_model_details                    'BABINET MODEL WITH MASK' 
_refine.solvent_model_param_ksol                 ? 
_refine.solvent_model_param_bsol                 ? 
_refine.pdbx_solvent_vdw_probe_radii             1.20 
_refine.pdbx_solvent_ion_probe_radii             0.80 
_refine.pdbx_solvent_shrinkage_radii             0.80 
_refine.pdbx_ls_cross_valid_method               THROUGHOUT 
_refine.details                                  'HYDROGENS HAVE BEEN USED IF PRESENT IN THE INPUT' 
_refine.pdbx_starting_model                      'PDB ENTRY 2RKG' 
_refine.pdbx_method_to_determine_struct          'MOLECULAR REPLACEMENT' 
_refine.pdbx_isotropic_thermal_model             ? 
_refine.pdbx_stereochemistry_target_values       'MAXIMUM LIKELIHOOD' 
_refine.pdbx_stereochem_target_val_spec_case     ? 
_refine.pdbx_R_Free_selection_details            RANDOM 
_refine.pdbx_overall_ESU_R                       0.466 
_refine.pdbx_overall_ESU_R_Free                  0.273 
_refine.overall_SU_ML                            0.208 
_refine.pdbx_overall_phase_error                 ? 
_refine.overall_SU_B                             8.440 
_refine.overall_SU_R_Cruickshank_DPI             ? 
_refine.pdbx_overall_SU_R_free_Cruickshank_DPI   ? 
_refine.pdbx_overall_SU_R_Blow_DPI               ? 
_refine.pdbx_overall_SU_R_free_Blow_DPI          ? 
_refine.ls_redundancy_reflns_obs                 ? 
_refine.B_iso_min                                ? 
_refine.B_iso_max                                ? 
_refine.overall_SU_R_free                        ? 
_refine.ls_wR_factor_R_free                      ? 
_refine.ls_wR_factor_R_work                      ? 
_refine.overall_FOM_free_R_set                   ? 
_refine.overall_FOM_work_R_set                   ? 
# 
_refine_hist.pdbx_refine_id                   'X-RAY DIFFRACTION' 
_refine_hist.cycle_id                         LAST 
_refine_hist.pdbx_number_atoms_protein        1524 
_refine_hist.pdbx_number_atoms_nucleic_acid   0 
_refine_hist.pdbx_number_atoms_ligand         98 
_refine_hist.number_atoms_solvent             79 
_refine_hist.number_atoms_total               1701 
_refine_hist.d_res_high                       2.22 
_refine_hist.d_res_low                        32.86 
# 
loop_
_refine_ls_restr.type 
_refine_ls_restr.dev_ideal 
_refine_ls_restr.dev_ideal_target 
_refine_ls_restr.weight 
_refine_ls_restr.number 
_refine_ls_restr.pdbx_refine_id 
_refine_ls_restr.pdbx_restraint_function 
r_bond_refined_d             0.009  0.020  ? 1676 'X-RAY DIFFRACTION' ? 
r_bond_other_d               ?      ?      ? ?    'X-RAY DIFFRACTION' ? 
r_angle_refined_deg          1.508  2.041  ? 2287 'X-RAY DIFFRACTION' ? 
r_angle_other_deg            ?      ?      ? ?    'X-RAY DIFFRACTION' ? 
r_dihedral_angle_1_deg       6.241  5.000  ? 202  'X-RAY DIFFRACTION' ? 
r_dihedral_angle_2_deg       38.205 24.915 ? 59   'X-RAY DIFFRACTION' ? 
r_dihedral_angle_3_deg       13.715 15.000 ? 271  'X-RAY DIFFRACTION' ? 
r_dihedral_angle_4_deg       21.579 15.000 ? 7    'X-RAY DIFFRACTION' ? 
r_chiral_restr               0.088  0.200  ? 274  'X-RAY DIFFRACTION' ? 
r_gen_planes_refined         0.005  0.021  ? 1193 'X-RAY DIFFRACTION' ? 
r_gen_planes_other           ?      ?      ? ?    'X-RAY DIFFRACTION' ? 
r_nbd_refined                ?      ?      ? ?    'X-RAY DIFFRACTION' ? 
r_nbd_other                  ?      ?      ? ?    'X-RAY DIFFRACTION' ? 
r_nbtor_refined              ?      ?      ? ?    'X-RAY DIFFRACTION' ? 
r_nbtor_other                ?      ?      ? ?    'X-RAY DIFFRACTION' ? 
r_xyhbond_nbd_refined        ?      ?      ? ?    'X-RAY DIFFRACTION' ? 
r_xyhbond_nbd_other          ?      ?      ? ?    'X-RAY DIFFRACTION' ? 
r_metal_ion_refined          ?      ?      ? ?    'X-RAY DIFFRACTION' ? 
r_metal_ion_other            ?      ?      ? ?    'X-RAY DIFFRACTION' ? 
r_symmetry_vdw_refined       ?      ?      ? ?    'X-RAY DIFFRACTION' ? 
r_symmetry_vdw_other         ?      ?      ? ?    'X-RAY DIFFRACTION' ? 
r_symmetry_hbond_refined     ?      ?      ? ?    'X-RAY DIFFRACTION' ? 
r_symmetry_hbond_other       ?      ?      ? ?    'X-RAY DIFFRACTION' ? 
r_symmetry_metal_ion_refined ?      ?      ? ?    'X-RAY DIFFRACTION' ? 
r_symmetry_metal_ion_other   ?      ?      ? ?    'X-RAY DIFFRACTION' ? 
r_mcbond_it                  ?      ?      ? ?    'X-RAY DIFFRACTION' ? 
r_mcbond_other               ?      ?      ? ?    'X-RAY DIFFRACTION' ? 
r_mcangle_it                 ?      ?      ? ?    'X-RAY DIFFRACTION' ? 
r_mcangle_other              ?      ?      ? ?    'X-RAY DIFFRACTION' ? 
r_scbond_it                  ?      ?      ? ?    'X-RAY DIFFRACTION' ? 
r_scbond_other               ?      ?      ? ?    'X-RAY DIFFRACTION' ? 
r_scangle_it                 ?      ?      ? ?    'X-RAY DIFFRACTION' ? 
r_scangle_other              ?      ?      ? ?    'X-RAY DIFFRACTION' ? 
r_long_range_B_refined       ?      ?      ? ?    'X-RAY DIFFRACTION' ? 
r_long_range_B_other         ?      ?      ? ?    'X-RAY DIFFRACTION' ? 
r_rigid_bond_restr           ?      ?      ? ?    'X-RAY DIFFRACTION' ? 
r_sphericity_free            ?      ?      ? ?    'X-RAY DIFFRACTION' ? 
r_sphericity_bonded          ?      ?      ? ?    'X-RAY DIFFRACTION' ? 
# 
_refine_ls_shell.pdbx_refine_id                   'X-RAY DIFFRACTION' 
_refine_ls_shell.pdbx_total_number_of_bins_used   20 
_refine_ls_shell.d_res_high                       2.223 
_refine_ls_shell.d_res_low                        2.281 
_refine_ls_shell.number_reflns_R_work             549 
_refine_ls_shell.R_factor_R_work                  0.212 
_refine_ls_shell.percent_reflns_obs               91.56 
_refine_ls_shell.R_factor_R_free                  0.275 
_refine_ls_shell.R_factor_R_free_error            ? 
_refine_ls_shell.percent_reflns_R_free            ? 
_refine_ls_shell.number_reflns_R_free             26 
_refine_ls_shell.number_reflns_all                ? 
_refine_ls_shell.R_factor_all                     ? 
_refine_ls_shell.redundancy_reflns_obs            ? 
_refine_ls_shell.number_reflns_obs                ? 
# 
_struct.entry_id                  4M8Y 
_struct.title                     
'GS-8374, a Novel Phosphonate-Containing Inhibitor of HIV-1 Protease, Effectively Inhibits HIV PR Mutants with Amino Acid Insertions' 
_struct.pdbx_model_details        ? 
_struct.pdbx_CASP_flag            ? 
_struct.pdbx_model_type_details   ? 
# 
_struct_keywords.entry_id        4M8Y 
_struct_keywords.pdbx_keywords   'Hydrolase/Hydrolase Inhibitor' 
_struct_keywords.text            'HIV-1 protease, aspartic protease, amino acid insertion, Hydrolase-Hydrolase Inhibitor complex' 
# 
loop_
_struct_asym.id 
_struct_asym.pdbx_blank_PDB_chainid_flag 
_struct_asym.pdbx_modified 
_struct_asym.entity_id 
_struct_asym.details 
A N N 1 ? 
B N N 1 ? 
C N N 2 ? 
D N N 2 ? 
E N N 3 ? 
F N N 3 ? 
# 
_struct_biol.id        1 
_struct_biol.details   ? 
# 
loop_
_struct_conf.conf_type_id 
_struct_conf.id 
_struct_conf.pdbx_PDB_helix_id 
_struct_conf.beg_label_comp_id 
_struct_conf.beg_label_asym_id 
_struct_conf.beg_label_seq_id 
_struct_conf.pdbx_beg_PDB_ins_code 
_struct_conf.end_label_comp_id 
_struct_conf.end_label_asym_id 
_struct_conf.end_label_seq_id 
_struct_conf.pdbx_end_PDB_ins_code 
_struct_conf.beg_auth_comp_id 
_struct_conf.beg_auth_asym_id 
_struct_conf.beg_auth_seq_id 
_struct_conf.end_auth_comp_id 
_struct_conf.end_auth_asym_id 
_struct_conf.end_auth_seq_id 
_struct_conf.pdbx_PDB_helix_class 
_struct_conf.details 
_struct_conf.pdbx_PDB_helix_length 
HELX_P HELX_P1 1 GLY A 87 ? THR A 92 ? GLY A 87 THR A 92 1 ? 6 
HELX_P HELX_P2 2 GLN A 93 ? GLY A 95 ? GLN A 93 GLY A 95 5 ? 3 
HELX_P HELX_P3 3 GLY B 87 ? THR B 92 ? GLY B 87 THR B 92 1 ? 6 
HELX_P HELX_P4 4 GLN B 93 ? GLY B 95 ? GLN B 93 GLY B 95 5 ? 3 
# 
_struct_conf_type.id          HELX_P 
_struct_conf_type.criteria    ? 
_struct_conf_type.reference   ? 
# 
loop_
_struct_sheet.id 
_struct_sheet.type 
_struct_sheet.number_strands 
_struct_sheet.details 
A ? 4 ? 
B ? 8 ? 
C ? 8 ? 
# 
loop_
_struct_sheet_order.sheet_id 
_struct_sheet_order.range_id_1 
_struct_sheet_order.range_id_2 
_struct_sheet_order.offset 
_struct_sheet_order.sense 
A 1 2 ? anti-parallel 
A 2 3 ? anti-parallel 
A 3 4 ? anti-parallel 
B 1 2 ? anti-parallel 
B 2 3 ? anti-parallel 
B 3 4 ? parallel      
B 4 5 ? anti-parallel 
B 5 6 ? parallel      
B 6 7 ? anti-parallel 
B 7 8 ? anti-parallel 
C 1 2 ? anti-parallel 
C 2 3 ? anti-parallel 
C 3 4 ? parallel      
C 4 5 ? anti-parallel 
C 5 6 ? parallel      
C 6 7 ? anti-parallel 
C 7 8 ? anti-parallel 
# 
loop_
_struct_sheet_range.sheet_id 
_struct_sheet_range.id 
_struct_sheet_range.beg_label_comp_id 
_struct_sheet_range.beg_label_asym_id 
_struct_sheet_range.beg_label_seq_id 
_struct_sheet_range.pdbx_beg_PDB_ins_code 
_struct_sheet_range.end_label_comp_id 
_struct_sheet_range.end_label_asym_id 
_struct_sheet_range.end_label_seq_id 
_struct_sheet_range.pdbx_end_PDB_ins_code 
_struct_sheet_range.beg_auth_comp_id 
_struct_sheet_range.beg_auth_asym_id 
_struct_sheet_range.beg_auth_seq_id 
_struct_sheet_range.end_auth_comp_id 
_struct_sheet_range.end_auth_asym_id 
_struct_sheet_range.end_auth_seq_id 
A 1 GLN A 2  ? ILE A 3  ? GLN A 2  ILE A 3  
A 2 THR B 97 ? ASN B 99 ? THR B 97 ASN B 99 
A 3 THR A 97 ? ASN A 99 ? THR A 97 ASN A 99 
A 4 GLN B 2  ? ILE B 3  ? GLN B 2  ILE B 3  
B 1 THR A 44 ? GLY A 50 ? THR A 44 GLY A 50 
B 2 GLY A 53 ? ILE A 67 ? GLY A 53 ILE A 67 
B 3 HIS A 70 ? VAL A 78 ? HIS A 70 VAL A 78 
B 4 THR A 31 ? LEU A 33 ? THR A 31 LEU A 33 
B 5 ILE A 85 ? ILE A 86 ? ILE A 85 ILE A 86 
B 6 GLN A 18 ? LEU A 24 ? GLN A 18 LEU A 24 
B 7 PHE A 10 ? ILE A 15 ? PHE A 10 ILE A 15 
B 8 GLY A 53 ? ILE A 67 ? GLY A 53 ILE A 67 
C 1 THR B 44 ? GLY B 50 ? THR B 44 GLY B 50 
C 2 GLY B 53 ? ILE B 67 ? GLY B 53 ILE B 67 
C 3 HIS B 70 ? VAL B 78 ? HIS B 70 VAL B 78 
C 4 ILE B 32 ? LEU B 33 ? ILE B 32 LEU B 33 
C 5 ILE B 85 ? ILE B 86 ? ILE B 85 ILE B 86 
C 6 GLN B 18 ? LEU B 24 ? GLN B 18 LEU B 24 
C 7 PHE B 10 ? ILE B 15 ? PHE B 10 ILE B 15 
C 8 GLY B 53 ? ILE B 67 ? GLY B 53 ILE B 67 
# 
loop_
_pdbx_struct_sheet_hbond.sheet_id 
_pdbx_struct_sheet_hbond.range_id_1 
_pdbx_struct_sheet_hbond.range_id_2 
_pdbx_struct_sheet_hbond.range_1_label_atom_id 
_pdbx_struct_sheet_hbond.range_1_label_comp_id 
_pdbx_struct_sheet_hbond.range_1_label_asym_id 
_pdbx_struct_sheet_hbond.range_1_label_seq_id 
_pdbx_struct_sheet_hbond.range_1_PDB_ins_code 
_pdbx_struct_sheet_hbond.range_1_auth_atom_id 
_pdbx_struct_sheet_hbond.range_1_auth_comp_id 
_pdbx_struct_sheet_hbond.range_1_auth_asym_id 
_pdbx_struct_sheet_hbond.range_1_auth_seq_id 
_pdbx_struct_sheet_hbond.range_2_label_atom_id 
_pdbx_struct_sheet_hbond.range_2_label_comp_id 
_pdbx_struct_sheet_hbond.range_2_label_asym_id 
_pdbx_struct_sheet_hbond.range_2_label_seq_id 
_pdbx_struct_sheet_hbond.range_2_PDB_ins_code 
_pdbx_struct_sheet_hbond.range_2_auth_atom_id 
_pdbx_struct_sheet_hbond.range_2_auth_comp_id 
_pdbx_struct_sheet_hbond.range_2_auth_asym_id 
_pdbx_struct_sheet_hbond.range_2_auth_seq_id 
A 1 2 N ILE A 3  ? N ILE A 3  O LEU B 98 ? O LEU B 98 
A 2 3 O ASN B 99 ? O ASN B 99 N THR A 97 ? N THR A 97 
A 3 4 N LEU A 98 ? N LEU A 98 O ILE B 3  ? O ILE B 3  
B 1 2 N GLY A 50 ? N GLY A 50 O GLY A 53 ? O GLY A 53 
B 2 3 N VAL A 65 ? N VAL A 65 O VAL A 72 ? O VAL A 72 
B 3 4 O LEU A 77 ? O LEU A 77 N LEU A 33 ? N LEU A 33 
B 4 5 N ILE A 32 ? N ILE A 32 O ILE A 85 ? O ILE A 85 
B 5 6 O ILE A 86 ? O ILE A 86 N LEU A 23 ? N LEU A 23 
B 6 7 O MET A 20 ? O MET A 20 N VAL A 13 ? N VAL A 13 
B 7 8 N LYS A 14 ? N LYS A 14 O GLU A 66 ? O GLU A 66 
C 1 2 N GLY B 50 ? N GLY B 50 O GLY B 53 ? O GLY B 53 
C 2 3 N VAL B 65 ? N VAL B 65 O VAL B 72 ? O VAL B 72 
C 3 4 O LEU B 77 ? O LEU B 77 N LEU B 33 ? N LEU B 33 
C 4 5 N ILE B 32 ? N ILE B 32 O ILE B 85 ? O ILE B 85 
C 5 6 O ILE B 86 ? O ILE B 86 N LEU B 23 ? N LEU B 23 
C 6 7 O MET B 20 ? O MET B 20 N VAL B 13 ? N VAL B 13 
C 7 8 N LYS B 14 ? N LYS B 14 O GLU B 66 ? O GLU B 66 
# 
loop_
_struct_site.id 
_struct_site.pdbx_evidence_code 
_struct_site.pdbx_auth_asym_id 
_struct_site.pdbx_auth_comp_id 
_struct_site.pdbx_auth_seq_id 
_struct_site.pdbx_auth_ins_code 
_struct_site.pdbx_num_residues 
_struct_site.details 
AC1 Software A KGQ 201 ? 24 'BINDING SITE FOR RESIDUE KGQ A 201' 
AC2 Software A KGQ 202 ? 20 'BINDING SITE FOR RESIDUE KGQ A 202' 
# 
loop_
_struct_site_gen.id 
_struct_site_gen.site_id 
_struct_site_gen.pdbx_num_res 
_struct_site_gen.label_comp_id 
_struct_site_gen.label_asym_id 
_struct_site_gen.label_seq_id 
_struct_site_gen.pdbx_auth_ins_code 
_struct_site_gen.auth_comp_id 
_struct_site_gen.auth_asym_id 
_struct_site_gen.auth_seq_id 
_struct_site_gen.label_atom_id 
_struct_site_gen.label_alt_id 
_struct_site_gen.symmetry 
_struct_site_gen.details 
1  AC1 24 ARG A 8  ? ARG A 8   . ? 5_454 ? 
2  AC1 24 ASP A 25 ? ASP A 25  . ? 1_555 ? 
3  AC1 24 GLY A 27 ? GLY A 27  . ? 1_555 ? 
4  AC1 24 ASP A 29 ? ASP A 29  . ? 1_555 ? 
5  AC1 24 ASP A 30 ? ASP A 30  . ? 1_555 ? 
6  AC1 24 ILE A 32 ? ILE A 32  . ? 1_555 ? 
7  AC1 24 GLY A 49 ? GLY A 49  . ? 1_555 ? 
8  AC1 24 GLY A 50 ? GLY A 50  . ? 1_555 ? 
9  AC1 24 ILE A 51 ? ILE A 51  . ? 1_555 ? 
10 AC1 24 PHE A 54 ? PHE A 54  . ? 1_555 ? 
11 AC1 24 HOH E .  ? HOH A 309 . ? 1_555 ? 
12 AC1 24 HOH E .  ? HOH A 318 . ? 1_555 ? 
13 AC1 24 HOH E .  ? HOH A 341 . ? 1_555 ? 
14 AC1 24 ASP B 25 ? ASP B 25  . ? 1_555 ? 
15 AC1 24 GLY B 27 ? GLY B 27  . ? 1_555 ? 
16 AC1 24 ALA B 28 ? ALA B 28  . ? 1_555 ? 
17 AC1 24 ASP B 30 ? ASP B 30  . ? 1_555 ? 
18 AC1 24 VAL B 47 ? VAL B 47  . ? 5_454 ? 
19 AC1 24 VAL B 48 ? VAL B 48  . ? 1_555 ? 
20 AC1 24 GLY B 49 ? GLY B 49  . ? 1_555 ? 
21 AC1 24 GLY B 50 ? GLY B 50  . ? 1_555 ? 
22 AC1 24 PHE B 54 ? PHE B 54  . ? 5_454 ? 
23 AC1 24 PRO B 82 ? PRO B 82  . ? 1_555 ? 
24 AC1 24 ILE B 85 ? ILE B 85  . ? 1_555 ? 
25 AC2 20 ASP A 25 ? ASP A 25  . ? 1_555 ? 
26 AC2 20 GLY A 27 ? GLY A 27  . ? 1_555 ? 
27 AC2 20 ALA A 28 ? ALA A 28  . ? 1_555 ? 
28 AC2 20 ASP A 30 ? ASP A 30  . ? 1_555 ? 
29 AC2 20 VAL A 48 ? VAL A 48  . ? 1_555 ? 
30 AC2 20 GLY A 49 ? GLY A 49  . ? 1_555 ? 
31 AC2 20 GLY A 50 ? GLY A 50  . ? 1_555 ? 
32 AC2 20 PRO A 82 ? PRO A 82  . ? 1_555 ? 
33 AC2 20 ILE A 85 ? ILE A 85  . ? 1_555 ? 
34 AC2 20 HOH E .  ? HOH A 309 . ? 1_555 ? 
35 AC2 20 HOH E .  ? HOH A 345 . ? 1_555 ? 
36 AC2 20 ASP B 25 ? ASP B 25  . ? 1_555 ? 
37 AC2 20 GLY B 27 ? GLY B 27  . ? 1_555 ? 
38 AC2 20 ASP B 29 ? ASP B 29  . ? 1_555 ? 
39 AC2 20 ASP B 30 ? ASP B 30  . ? 1_555 ? 
40 AC2 20 ILE B 32 ? ILE B 32  . ? 1_555 ? 
41 AC2 20 GLY B 49 ? GLY B 49  . ? 1_555 ? 
42 AC2 20 GLY B 50 ? GLY B 50  . ? 1_555 ? 
43 AC2 20 ILE B 51 ? ILE B 51  . ? 1_555 ? 
44 AC2 20 PHE B 54 ? PHE B 54  . ? 1_555 ? 
# 
_atom_sites.entry_id                    4M8Y 
_atom_sites.fract_transf_matrix[1][1]   -0.01807514 
_atom_sites.fract_transf_matrix[1][2]   0.00167469 
_atom_sites.fract_transf_matrix[1][3]   -0.00429075 
_atom_sites.fract_transf_matrix[2][1]   -0.00522071 
_atom_sites.fract_transf_matrix[2][2]   0.00190645 
_atom_sites.fract_transf_matrix[2][3]   -0.01780573 
_atom_sites.fract_transf_matrix[3][1]   -0.00086334 
_atom_sites.fract_transf_matrix[3][2]   -0.01194698 
_atom_sites.fract_transf_matrix[3][3]   -0.00102602 
_atom_sites.fract_transf_vector[1]      0.368944 
_atom_sites.fract_transf_vector[2]      1.000062 
_atom_sites.fract_transf_vector[3]      0.048988 
# 
loop_
_atom_type.symbol 
C 
N 
O 
P 
S 
# 
loop_
_atom_site.group_PDB 
_atom_site.id 
_atom_site.type_symbol 
_atom_site.label_atom_id 
_atom_site.label_alt_id 
_atom_site.label_comp_id 
_atom_site.label_asym_id 
_atom_site.label_entity_id 
_atom_site.label_seq_id 
_atom_site.pdbx_PDB_ins_code 
_atom_site.Cartn_x 
_atom_site.Cartn_y 
_atom_site.Cartn_z 
_atom_site.occupancy 
_atom_site.B_iso_or_equiv 
_atom_site.pdbx_formal_charge 
_atom_site.auth_seq_id 
_atom_site.auth_comp_id 
_atom_site.auth_asym_id 
_atom_site.auth_atom_id 
_atom_site.pdbx_PDB_model_num 
ATOM   1    N N   . PRO A 1 1   ? -18.671 5.132   -2.820  1.00 38.20 ? 1   PRO A N   1 
ATOM   2    C CA  . PRO A 1 1   ? -18.756 3.706   -3.146  1.00 38.66 ? 1   PRO A CA  1 
ATOM   3    C C   . PRO A 1 1   ? -18.135 2.815   -2.063  1.00 39.74 ? 1   PRO A C   1 
ATOM   4    O O   . PRO A 1 1   ? -17.274 3.266   -1.294  1.00 40.14 ? 1   PRO A O   1 
ATOM   5    C CB  . PRO A 1 1   ? -17.934 3.594   -4.442  1.00 39.64 ? 1   PRO A CB  1 
ATOM   6    C CG  . PRO A 1 1   ? -17.908 4.974   -5.017  1.00 38.89 ? 1   PRO A CG  1 
ATOM   7    C CD  . PRO A 1 1   ? -17.923 5.898   -3.836  1.00 38.51 ? 1   PRO A CD  1 
ATOM   8    N N   . GLN A 1 2   ? -18.576 1.562   -2.002  1.00 38.74 ? 2   GLN A N   1 
ATOM   9    C CA  . GLN A 1 2   ? -17.909 0.555   -1.185  1.00 40.23 ? 2   GLN A CA  1 
ATOM   10   C C   . GLN A 1 2   ? -17.214 -0.420  -2.122  1.00 40.02 ? 2   GLN A C   1 
ATOM   11   O O   . GLN A 1 2   ? -17.842 -0.931  -3.042  1.00 43.11 ? 2   GLN A O   1 
ATOM   12   C CB  . GLN A 1 2   ? -18.894 -0.171  -0.261  1.00 41.13 ? 2   GLN A CB  1 
ATOM   13   C CG  . GLN A 1 2   ? -18.206 -1.128  0.703   1.00 42.60 ? 2   GLN A CG  1 
ATOM   14   C CD  . GLN A 1 2   ? -19.165 -1.876  1.616   1.00 44.77 ? 2   GLN A CD  1 
ATOM   15   O OE1 . GLN A 1 2   ? -20.107 -2.513  1.151   1.00 46.47 ? 2   GLN A OE1 1 
ATOM   16   N NE2 . GLN A 1 2   ? -18.914 -1.818  2.923   1.00 42.79 ? 2   GLN A NE2 1 
ATOM   17   N N   . ILE A 1 3   ? -15.925 -0.670  -1.883  1.00 39.62 ? 3   ILE A N   1 
ATOM   18   C CA  . ILE A 1 3   ? -15.057 -1.381  -2.827  1.00 39.06 ? 3   ILE A CA  1 
ATOM   19   C C   . ILE A 1 3   ? -14.385 -2.584  -2.154  1.00 38.61 ? 3   ILE A C   1 
ATOM   20   O O   . ILE A 1 3   ? -13.697 -2.414  -1.156  1.00 39.10 ? 3   ILE A O   1 
ATOM   21   C CB  . ILE A 1 3   ? -14.001 -0.397  -3.401  1.00 41.93 ? 3   ILE A CB  1 
ATOM   22   C CG1 . ILE A 1 3   ? -14.675 0.623   -4.325  1.00 42.82 ? 3   ILE A CG1 1 
ATOM   23   C CG2 . ILE A 1 3   ? -12.877 -1.104  -4.149  1.00 41.29 ? 3   ILE A CG2 1 
ATOM   24   C CD1 . ILE A 1 3   ? -13.789 1.801   -4.685  1.00 46.19 ? 3   ILE A CD1 1 
ATOM   25   N N   . THR A 1 4   ? -14.582 -3.795  -2.690  1.00 36.49 ? 4   THR A N   1 
ATOM   26   C CA  . THR A 1 4   ? -13.887 -4.985  -2.162  1.00 35.11 ? 4   THR A CA  1 
ATOM   27   C C   . THR A 1 4   ? -12.484 -5.108  -2.769  1.00 33.11 ? 4   THR A C   1 
ATOM   28   O O   . THR A 1 4   ? -12.110 -4.327  -3.639  1.00 32.40 ? 4   THR A O   1 
ATOM   29   C CB  . THR A 1 4   ? -14.660 -6.317  -2.390  1.00 36.77 ? 4   THR A CB  1 
ATOM   30   O OG1 . THR A 1 4   ? -14.718 -6.614  -3.790  1.00 36.61 ? 4   THR A OG1 1 
ATOM   31   C CG2 . THR A 1 4   ? -16.074 -6.279  -1.774  1.00 35.17 ? 4   THR A CG2 1 
ATOM   32   N N   . LEU A 1 5   ? -11.727 -6.112  -2.331  1.00 30.27 ? 5   LEU A N   1 
ATOM   33   C CA  . LEU A 1 5   ? -10.294 -6.128  -2.575  1.00 28.67 ? 5   LEU A CA  1 
ATOM   34   C C   . LEU A 1 5   ? -9.796  -7.357  -3.341  1.00 27.61 ? 5   LEU A C   1 
ATOM   35   O O   . LEU A 1 5   ? -8.593  -7.639  -3.376  1.00 27.23 ? 5   LEU A O   1 
ATOM   36   C CB  . LEU A 1 5   ? -9.528  -5.893  -1.254  1.00 28.19 ? 5   LEU A CB  1 
ATOM   37   C CG  . LEU A 1 5   ? -9.676  -4.491  -0.616  1.00 27.40 ? 5   LEU A CG  1 
ATOM   38   C CD1 . LEU A 1 5   ? -9.118  -4.442  0.791   1.00 26.61 ? 5   LEU A CD1 1 
ATOM   39   C CD2 . LEU A 1 5   ? -9.014  -3.406  -1.457  1.00 27.49 ? 5   LEU A CD2 1 
ATOM   40   N N   . TRP A 1 6   ? -10.727 -8.058  -3.991  1.00 28.50 ? 6   TRP A N   1 
ATOM   41   C CA  . TRP A 1 6   ? -10.409 -9.187  -4.903  1.00 28.62 ? 6   TRP A CA  1 
ATOM   42   C C   . TRP A 1 6   ? -9.675  -8.745  -6.141  1.00 29.19 ? 6   TRP A C   1 
ATOM   43   O O   . TRP A 1 6   ? -9.030  -9.547  -6.812  1.00 32.13 ? 6   TRP A O   1 
ATOM   44   C CB  . TRP A 1 6   ? -11.674 -9.967  -5.277  1.00 27.82 ? 6   TRP A CB  1 
ATOM   45   C CG  . TRP A 1 6   ? -12.416 -10.504 -4.080  1.00 28.32 ? 6   TRP A CG  1 
ATOM   46   C CD1 . TRP A 1 6   ? -13.472 -9.910  -3.402  1.00 26.76 ? 6   TRP A CD1 1 
ATOM   47   C CD2 . TRP A 1 6   ? -12.159 -11.773 -3.359  1.00 28.42 ? 6   TRP A CD2 1 
ATOM   48   N NE1 . TRP A 1 6   ? -13.887 -10.700 -2.352  1.00 28.83 ? 6   TRP A NE1 1 
ATOM   49   C CE2 . TRP A 1 6   ? -13.133 -11.826 -2.264  1.00 28.11 ? 6   TRP A CE2 1 
ATOM   50   C CE3 . TRP A 1 6   ? -11.263 -12.827 -3.518  1.00 30.38 ? 6   TRP A CE3 1 
ATOM   51   C CZ2 . TRP A 1 6   ? -13.191 -12.896 -1.374  1.00 29.56 ? 6   TRP A CZ2 1 
ATOM   52   C CZ3 . TRP A 1 6   ? -11.318 -13.895 -2.609  1.00 31.84 ? 6   TRP A CZ3 1 
ATOM   53   C CH2 . TRP A 1 6   ? -12.269 -13.928 -1.560  1.00 29.32 ? 6   TRP A CH2 1 
ATOM   54   N N   . GLN A 1 7   ? -9.746  -7.458  -6.447  1.00 29.27 ? 7   GLN A N   1 
ATOM   55   C CA  . GLN A 1 7   ? -8.943  -6.861  -7.523  1.00 29.55 ? 7   GLN A CA  1 
ATOM   56   C C   . GLN A 1 7   ? -8.242  -5.618  -6.992  1.00 28.05 ? 7   GLN A C   1 
ATOM   57   O O   . GLN A 1 7   ? -8.716  -5.031  -6.020  1.00 27.07 ? 7   GLN A O   1 
ATOM   58   C CB  . GLN A 1 7   ? -9.855  -6.473  -8.699  1.00 32.47 ? 7   GLN A CB  1 
ATOM   59   C CG  . GLN A 1 7   ? -10.161 -7.671  -9.605  1.00 37.01 ? 7   GLN A CG  1 
ATOM   60   C CD  . GLN A 1 7   ? -11.052 -7.315  -10.785 1.00 38.98 ? 7   GLN A CD  1 
ATOM   61   O OE1 . GLN A 1 7   ? -12.024 -6.548  -10.646 1.00 34.40 ? 7   GLN A OE1 1 
ATOM   62   N NE2 . GLN A 1 7   ? -10.718 -7.869  -11.966 1.00 39.19 ? 7   GLN A NE2 1 
ATOM   63   N N   . ARG A 1 8   ? -7.142  -5.195  -7.620  1.00 27.65 ? 8   ARG A N   1 
ATOM   64   C CA  . ARG A 1 8   ? -6.435  -3.980  -7.169  1.00 28.20 ? 8   ARG A CA  1 
ATOM   65   C C   . ARG A 1 8   ? -7.420  -2.810  -7.189  1.00 25.64 ? 8   ARG A C   1 
ATOM   66   O O   . ARG A 1 8   ? -8.165  -2.681  -8.144  1.00 26.80 ? 8   ARG A O   1 
ATOM   67   C CB  . ARG A 1 8   ? -5.232  -3.683  -8.060  1.00 29.60 ? 8   ARG A CB  1 
ATOM   68   C CG  . ARG A 1 8   ? -4.209  -4.791  -8.058  1.00 32.32 ? 8   ARG A CG  1 
ATOM   69   C CD  . ARG A 1 8   ? -3.127  -4.647  -9.116  1.00 36.12 ? 8   ARG A CD  1 
ATOM   70   N NE  . ARG A 1 8   ? -2.451  -5.935  -9.231  1.00 44.54 ? 8   ARG A NE  1 
ATOM   71   C CZ  . ARG A 1 8   ? -1.592  -6.295  -10.181 1.00 48.94 ? 8   ARG A CZ  1 
ATOM   72   N NH1 . ARG A 1 8   ? -1.067  -7.515  -10.140 1.00 50.41 ? 8   ARG A NH1 1 
ATOM   73   N NH2 . ARG A 1 8   ? -1.243  -5.453  -11.156 1.00 51.47 ? 8   ARG A NH2 1 
ATOM   74   N N   . PRO A 1 9   ? -7.464  -1.987  -6.121  1.00 24.87 ? 9   PRO A N   1 
ATOM   75   C CA  . PRO A 1 9   ? -8.402  -0.828  -6.068  1.00 24.87 ? 9   PRO A CA  1 
ATOM   76   C C   . PRO A 1 9   ? -7.967  0.443   -6.857  1.00 25.24 ? 9   PRO A C   1 
ATOM   77   O O   . PRO A 1 9   ? -7.664  1.495   -6.256  1.00 24.78 ? 9   PRO A O   1 
ATOM   78   C CB  . PRO A 1 9   ? -8.482  -0.531  -4.578  1.00 24.47 ? 9   PRO A CB  1 
ATOM   79   C CG  . PRO A 1 9   ? -7.139  -0.956  -4.052  1.00 23.95 ? 9   PRO A CG  1 
ATOM   80   C CD  . PRO A 1 9   ? -6.757  -2.177  -4.842  1.00 23.83 ? 9   PRO A CD  1 
ATOM   81   N N   . PHE A 1 10  ? -7.929  0.325   -8.186  1.00 24.87 ? 10  PHE A N   1 
ATOM   82   C CA  . PHE A 1 10  ? -7.677  1.451   -9.090  1.00 24.47 ? 10  PHE A CA  1 
ATOM   83   C C   . PHE A 1 10  ? -8.921  2.328   -9.268  1.00 25.58 ? 10  PHE A C   1 
ATOM   84   O O   . PHE A 1 10  ? -10.027 1.804   -9.457  1.00 27.85 ? 10  PHE A O   1 
ATOM   85   C CB  . PHE A 1 10  ? -7.220  0.946   -10.467 1.00 24.56 ? 10  PHE A CB  1 
ATOM   86   C CG  . PHE A 1 10  ? -5.744  0.630   -10.552 1.00 24.98 ? 10  PHE A CG  1 
ATOM   87   C CD1 . PHE A 1 10  ? -4.805  1.652   -10.615 1.00 24.34 ? 10  PHE A CD1 1 
ATOM   88   C CD2 . PHE A 1 10  ? -5.297  -0.693  -10.585 1.00 25.90 ? 10  PHE A CD2 1 
ATOM   89   C CE1 . PHE A 1 10  ? -3.450  1.371   -10.698 1.00 25.29 ? 10  PHE A CE1 1 
ATOM   90   C CE2 . PHE A 1 10  ? -3.946  -0.985  -10.662 1.00 24.70 ? 10  PHE A CE2 1 
ATOM   91   C CZ  . PHE A 1 10  ? -3.023  0.048   -10.727 1.00 26.58 ? 10  PHE A CZ  1 
ATOM   92   N N   . VAL A 1 11  ? -8.736  3.651   -9.189  1.00 23.79 ? 11  VAL A N   1 
ATOM   93   C CA  . VAL A 1 11  ? -9.751  4.628   -9.592  1.00 22.94 ? 11  VAL A CA  1 
ATOM   94   C C   . VAL A 1 11  ? -9.226  5.566   -10.682 1.00 23.69 ? 11  VAL A C   1 
ATOM   95   O O   . VAL A 1 11  ? -8.026  5.749   -10.831 1.00 24.76 ? 11  VAL A O   1 
ATOM   96   C CB  . VAL A 1 11  ? -10.273 5.490   -8.401  1.00 21.93 ? 11  VAL A CB  1 
ATOM   97   C CG1 . VAL A 1 11  ? -11.138 4.648   -7.459  1.00 20.74 ? 11  VAL A CG1 1 
ATOM   98   C CG2 . VAL A 1 11  ? -9.124  6.173   -7.657  1.00 20.55 ? 11  VAL A CG2 1 
ATOM   99   N N   . THR A 1 12  ? -10.132 6.187   -11.426 1.00 25.05 ? 12  THR A N   1 
ATOM   100  C CA  . THR A 1 12  ? -9.751  7.156   -12.433 1.00 26.25 ? 12  THR A CA  1 
ATOM   101  C C   . THR A 1 12  ? -9.547  8.493   -11.758 1.00 26.66 ? 12  THR A C   1 
ATOM   102  O O   . THR A 1 12  ? -10.411 8.959   -11.014 1.00 29.14 ? 12  THR A O   1 
ATOM   103  C CB  . THR A 1 12  ? -10.790 7.226   -13.574 1.00 27.99 ? 12  THR A CB  1 
ATOM   104  O OG1 . THR A 1 12  ? -10.807 5.965   -14.250 1.00 28.64 ? 12  THR A OG1 1 
ATOM   105  C CG2 . THR A 1 12  ? -10.389 8.263   -14.581 1.00 29.96 ? 12  THR A CG2 1 
ATOM   106  N N   . VAL A 1 13  ? -8.373  9.079   -11.955 1.00 27.03 ? 13  VAL A N   1 
ATOM   107  C CA  . VAL A 1 13  ? -8.112  10.411  -11.422 1.00 27.93 ? 13  VAL A CA  1 
ATOM   108  C C   . VAL A 1 13  ? -7.753  11.409  -12.523 1.00 27.69 ? 13  VAL A C   1 
ATOM   109  O O   . VAL A 1 13  ? -7.288  11.023  -13.600 1.00 28.52 ? 13  VAL A O   1 
ATOM   110  C CB  . VAL A 1 13  ? -7.102  10.444  -10.232 1.00 28.41 ? 13  VAL A CB  1 
ATOM   111  C CG1 . VAL A 1 13  ? -7.332  9.282   -9.260  1.00 27.96 ? 13  VAL A CG1 1 
ATOM   112  C CG2 . VAL A 1 13  ? -5.686  10.466  -10.719 1.00 28.08 ? 13  VAL A CG2 1 
ATOM   113  N N   . LYS A 1 14  ? -8.010  12.684  -12.240 1.00 27.25 ? 14  LYS A N   1 
ATOM   114  C CA  . LYS A 1 14  ? -7.753  13.765  -13.142 1.00 28.22 ? 14  LYS A CA  1 
ATOM   115  C C   . LYS A 1 14  ? -6.928  14.811  -12.409 1.00 30.30 ? 14  LYS A C   1 
ATOM   116  O O   . LYS A 1 14  ? -7.337  15.348  -11.372 1.00 29.32 ? 14  LYS A O   1 
ATOM   117  C CB  . LYS A 1 14  ? -9.067  14.343  -13.654 1.00 30.27 ? 14  LYS A CB  1 
ATOM   118  C CG  . LYS A 1 14  ? -8.929  15.520  -14.602 1.00 30.87 ? 14  LYS A CG  1 
ATOM   119  C CD  . LYS A 1 14  ? -10.306 16.078  -14.912 1.00 34.85 ? 14  LYS A CD  1 
ATOM   120  C CE  . LYS A 1 14  ? -10.228 17.296  -15.821 1.00 39.80 ? 14  LYS A CE  1 
ATOM   121  N NZ  . LYS A 1 14  ? -11.537 18.015  -15.802 1.00 42.49 ? 14  LYS A NZ  1 
ATOM   122  N N   . ILE A 1 15  ? -5.746  15.075  -12.963 1.00 32.16 ? 15  ILE A N   1 
ATOM   123  C CA  . ILE A 1 15  ? -4.747  15.915  -12.346 1.00 32.66 ? 15  ILE A CA  1 
ATOM   124  C C   . ILE A 1 15  ? -4.164  16.794  -13.441 1.00 34.87 ? 15  ILE A C   1 
ATOM   125  O O   . ILE A 1 15  ? -3.558  16.292  -14.389 1.00 37.49 ? 15  ILE A O   1 
ATOM   126  C CB  . ILE A 1 15  ? -3.635  15.077  -11.674 1.00 33.57 ? 15  ILE A CB  1 
ATOM   127  C CG1 . ILE A 1 15  ? -4.243  14.056  -10.703 1.00 35.22 ? 15  ILE A CG1 1 
ATOM   128  C CG2 . ILE A 1 15  ? -2.677  15.984  -10.911 1.00 35.16 ? 15  ILE A CG2 1 
ATOM   129  C CD1 . ILE A 1 15  ? -3.278  13.014  -10.157 1.00 37.30 ? 15  ILE A CD1 1 
ATOM   130  N N   . ALA A 1 16  ? -4.387  18.101  -13.303 1.00 36.63 ? 16  ALA A N   1 
ATOM   131  C CA  . ALA A 1 16  ? -3.983  19.132  -14.265 1.00 34.28 ? 16  ALA A CA  1 
ATOM   132  C C   . ALA A 1 16  ? -4.341  18.763  -15.699 1.00 33.20 ? 16  ALA A C   1 
ATOM   133  O O   . ALA A 1 16  ? -3.479  18.741  -16.585 1.00 33.41 ? 16  ALA A O   1 
ATOM   134  C CB  . ALA A 1 16  ? -2.488  19.445  -14.118 1.00 38.20 ? 16  ALA A CB  1 
ATOM   135  N N   . GLY A 1 17  ? -5.617  18.452  -15.916 1.00 31.68 ? 17  GLY A N   1 
ATOM   136  C CA  . GLY A 1 17  ? -6.138  18.139  -17.240 1.00 28.32 ? 17  GLY A CA  1 
ATOM   137  C C   . GLY A 1 17  ? -5.787  16.778  -17.797 1.00 28.69 ? 17  GLY A C   1 
ATOM   138  O O   . GLY A 1 17  ? -6.327  16.392  -18.830 1.00 29.24 ? 17  GLY A O   1 
ATOM   139  N N   . GLN A 1 18  ? -4.870  16.054  -17.137 1.00 29.03 ? 18  GLN A N   1 
ATOM   140  C CA  . GLN A 1 18  ? -4.510  14.669  -17.513 1.00 26.81 ? 18  GLN A CA  1 
ATOM   141  C C   . GLN A 1 18  ? -5.303  13.619  -16.732 1.00 25.60 ? 18  GLN A C   1 
ATOM   142  O O   . GLN A 1 18  ? -5.554  13.773  -15.526 1.00 25.41 ? 18  GLN A O   1 
ATOM   143  C CB  . GLN A 1 18  ? -3.009  14.419  -17.308 1.00 27.66 ? 18  GLN A CB  1 
ATOM   144  C CG  . GLN A 1 18  ? -2.113  15.326  -18.135 1.00 29.49 ? 18  GLN A CG  1 
ATOM   145  C CD  . GLN A 1 18  ? -0.764  15.574  -17.485 1.00 30.09 ? 18  GLN A CD  1 
ATOM   146  O OE1 . GLN A 1 18  ? 0.140   14.759  -17.602 1.00 33.01 ? 18  GLN A OE1 1 
ATOM   147  N NE2 . GLN A 1 18  ? -0.630  16.697  -16.781 1.00 29.39 ? 18  GLN A NE2 1 
ATOM   148  N N   . LEU A 1 19  ? -5.656  12.538  -17.423 1.00 25.31 ? 19  LEU A N   1 
ATOM   149  C CA  . LEU A 1 19  ? -6.377  11.404  -16.829 1.00 25.90 ? 19  LEU A CA  1 
ATOM   150  C C   . LEU A 1 19  ? -5.439  10.221  -16.618 1.00 25.89 ? 19  LEU A C   1 
ATOM   151  O O   . LEU A 1 19  ? -4.529  9.994   -17.403 1.00 26.44 ? 19  LEU A O   1 
ATOM   152  C CB  . LEU A 1 19  ? -7.547  10.972  -17.725 1.00 24.73 ? 19  LEU A CB  1 
ATOM   153  C CG  . LEU A 1 19  ? -8.391  12.088  -18.340 1.00 25.11 ? 19  LEU A CG  1 
ATOM   154  C CD1 . LEU A 1 19  ? -9.346  11.517  -19.383 1.00 25.01 ? 19  LEU A CD1 1 
ATOM   155  C CD2 . LEU A 1 19  ? -9.158  12.835  -17.263 1.00 25.69 ? 19  LEU A CD2 1 
ATOM   156  N N   . MET A 1 20  ? -5.661  9.473   -15.552 1.00 26.74 ? 20  MET A N   1 
ATOM   157  C CA  . MET A 1 20  ? -4.846  8.298   -15.246 1.00 28.11 ? 20  MET A CA  1 
ATOM   158  C C   . MET A 1 20  ? -5.603  7.432   -14.249 1.00 26.26 ? 20  MET A C   1 
ATOM   159  O O   . MET A 1 20  ? -6.544  7.894   -13.628 1.00 25.28 ? 20  MET A O   1 
ATOM   160  C CB  . MET A 1 20  ? -3.475  8.711   -14.679 1.00 29.44 ? 20  MET A CB  1 
ATOM   161  C CG  . MET A 1 20  ? -3.564  9.359   -13.305 1.00 32.70 ? 20  MET A CG  1 
ATOM   162  S SD  . MET A 1 20  ? -2.267  10.564  -12.976 1.00 36.49 ? 20  MET A SD  1 
ATOM   163  C CE  . MET A 1 20  ? -2.703  11.822  -14.185 1.00 34.78 ? 20  MET A CE  1 
ATOM   164  N N   . GLU A 1 21  ? -5.221  6.165   -14.135 1.00 26.28 ? 21  GLU A N   1 
ATOM   165  C CA  . GLU A 1 21  ? -5.712  5.327   -13.057 1.00 26.10 ? 21  GLU A CA  1 
ATOM   166  C C   . GLU A 1 21  ? -4.688  5.279   -11.923 1.00 24.00 ? 21  GLU A C   1 
ATOM   167  O O   . GLU A 1 21  ? -3.491  5.272   -12.173 1.00 23.43 ? 21  GLU A O   1 
ATOM   168  C CB  . GLU A 1 21  ? -6.049  3.935   -13.561 1.00 26.74 ? 21  GLU A CB  1 
ATOM   169  C CG  . GLU A 1 21  ? -7.169  3.978   -14.579 1.00 30.87 ? 21  GLU A CG  1 
ATOM   170  C CD  . GLU A 1 21  ? -7.791  2.630   -14.787 1.00 30.47 ? 21  GLU A CD  1 
ATOM   171  O OE1 . GLU A 1 21  ? -8.461  2.157   -13.856 1.00 32.23 ? 21  GLU A OE1 1 
ATOM   172  O OE2 . GLU A 1 21  ? -7.613  2.063   -15.879 1.00 31.30 ? 21  GLU A OE2 1 
ATOM   173  N N   . ALA A 1 22  ? -5.174  5.282   -10.683 1.00 22.84 ? 22  ALA A N   1 
ATOM   174  C CA  . ALA A 1 22  ? -4.313  5.266   -9.511  1.00 22.11 ? 22  ALA A CA  1 
ATOM   175  C C   . ALA A 1 22  ? -4.821  4.324   -8.421  1.00 24.09 ? 22  ALA A C   1 
ATOM   176  O O   . ALA A 1 22  ? -6.032  4.183   -8.194  1.00 23.60 ? 22  ALA A O   1 
ATOM   177  C CB  . ALA A 1 22  ? -4.143  6.665   -8.963  1.00 20.92 ? 22  ALA A CB  1 
ATOM   178  N N   . LEU A 1 23  ? -3.874  3.684   -7.745  1.00 24.87 ? 23  LEU A N   1 
ATOM   179  C CA  . LEU A 1 23  ? -4.178  2.712   -6.719  1.00 26.36 ? 23  LEU A CA  1 
ATOM   180  C C   . LEU A 1 23  ? -4.588  3.421   -5.415  1.00 25.70 ? 23  LEU A C   1 
ATOM   181  O O   . LEU A 1 23  ? -3.887  4.304   -4.948  1.00 27.57 ? 23  LEU A O   1 
ATOM   182  C CB  . LEU A 1 23  ? -2.935  1.831   -6.533  1.00 28.22 ? 23  LEU A CB  1 
ATOM   183  C CG  . LEU A 1 23  ? -2.966  0.400   -6.006  1.00 30.39 ? 23  LEU A CG  1 
ATOM   184  C CD1 . LEU A 1 23  ? -3.990  -0.466  -6.747  1.00 30.75 ? 23  LEU A CD1 1 
ATOM   185  C CD2 . LEU A 1 23  ? -1.571  -0.185  -6.124  1.00 27.28 ? 23  LEU A CD2 1 
ATOM   186  N N   . LEU A 1 24  ? -5.742  3.066   -4.854  1.00 25.11 ? 24  LEU A N   1 
ATOM   187  C CA  . LEU A 1 24  ? -6.115  3.540   -3.514  1.00 24.68 ? 24  LEU A CA  1 
ATOM   188  C C   . LEU A 1 24  ? -5.279  2.758   -2.520  1.00 24.85 ? 24  LEU A C   1 
ATOM   189  O O   . LEU A 1 24  ? -5.462  1.558   -2.354  1.00 26.21 ? 24  LEU A O   1 
ATOM   190  C CB  . LEU A 1 24  ? -7.615  3.337   -3.238  1.00 24.46 ? 24  LEU A CB  1 
ATOM   191  C CG  . LEU A 1 24  ? -8.623  4.088   -4.110  1.00 23.92 ? 24  LEU A CG  1 
ATOM   192  C CD1 . LEU A 1 24  ? -10.049 3.773   -3.662  1.00 23.69 ? 24  LEU A CD1 1 
ATOM   193  C CD2 . LEU A 1 24  ? -8.357  5.599   -4.120  1.00 22.46 ? 24  LEU A CD2 1 
ATOM   194  N N   . ASP A 1 25  ? -4.319  3.423   -1.892  1.00 25.01 ? 25  ASP A N   1 
ATOM   195  C CA  . ASP A 1 25  ? -3.244  2.698   -1.229  1.00 23.89 ? 25  ASP A CA  1 
ATOM   196  C C   . ASP A 1 25  ? -3.090  3.096   0.237   1.00 23.70 ? 25  ASP A C   1 
ATOM   197  O O   . ASP A 1 25  ? -2.379  4.056   0.561   1.00 21.69 ? 25  ASP A O   1 
ATOM   198  C CB  . ASP A 1 25  ? -1.939  2.871   -2.023  1.00 25.14 ? 25  ASP A CB  1 
ATOM   199  C CG  . ASP A 1 25  ? -0.793  2.030   -1.477  1.00 26.24 ? 25  ASP A CG  1 
ATOM   200  O OD1 . ASP A 1 25  ? -0.959  1.380   -0.425  1.00 26.69 ? 25  ASP A OD1 1 
ATOM   201  O OD2 . ASP A 1 25  ? 0.284   2.026   -2.100  1.00 25.78 ? 25  ASP A OD2 1 
ATOM   202  N N   . THR A 1 26  ? -3.745  2.320   1.110   1.00 23.76 ? 26  THR A N   1 
ATOM   203  C CA  . THR A 1 26  ? -3.751  2.560   2.567   1.00 24.41 ? 26  THR A CA  1 
ATOM   204  C C   . THR A 1 26  ? -2.365  2.375   3.211   1.00 24.95 ? 26  THR A C   1 
ATOM   205  O O   . THR A 1 26  ? -2.127  2.882   4.302   1.00 24.86 ? 26  THR A O   1 
ATOM   206  C CB  . THR A 1 26  ? -4.776  1.665   3.304   1.00 24.13 ? 26  THR A CB  1 
ATOM   207  O OG1 . THR A 1 26  ? -4.559  0.290   2.957   1.00 25.53 ? 26  THR A OG1 1 
ATOM   208  C CG2 . THR A 1 26  ? -6.218  2.053   2.951   1.00 23.13 ? 26  THR A CG2 1 
ATOM   209  N N   . GLY A 1 27  ? -1.462  1.668   2.528   1.00 24.89 ? 27  GLY A N   1 
ATOM   210  C CA  . GLY A 1 27  ? -0.101  1.450   3.023   1.00 24.63 ? 27  GLY A CA  1 
ATOM   211  C C   . GLY A 1 27  ? 0.882   2.534   2.607   1.00 25.86 ? 27  GLY A C   1 
ATOM   212  O O   . GLY A 1 27  ? 2.083   2.424   2.886   1.00 26.84 ? 27  GLY A O   1 
ATOM   213  N N   . ALA A 1 28  ? 0.374   3.585   1.959   1.00 24.74 ? 28  ALA A N   1 
ATOM   214  C CA  . ALA A 1 28  ? 1.187   4.692   1.456   1.00 23.93 ? 28  ALA A CA  1 
ATOM   215  C C   . ALA A 1 28  ? 0.858   5.972   2.213   1.00 24.58 ? 28  ALA A C   1 
ATOM   216  O O   . ALA A 1 28  ? -0.313  6.351   2.305   1.00 24.75 ? 28  ALA A O   1 
ATOM   217  C CB  . ALA A 1 28  ? 0.930   4.887   -0.027  1.00 23.32 ? 28  ALA A CB  1 
ATOM   218  N N   . ASP A 1 29  ? 1.876   6.624   2.780   1.00 25.54 ? 29  ASP A N   1 
ATOM   219  C CA  . ASP A 1 29  ? 1.676   7.881   3.488   1.00 27.38 ? 29  ASP A CA  1 
ATOM   220  C C   . ASP A 1 29  ? 1.387   8.945   2.443   1.00 28.80 ? 29  ASP A C   1 
ATOM   221  O O   . ASP A 1 29  ? 0.545   9.827   2.640   1.00 30.55 ? 29  ASP A O   1 
ATOM   222  C CB  . ASP A 1 29  ? 2.932   8.342   4.241   1.00 29.76 ? 29  ASP A CB  1 
ATOM   223  C CG  . ASP A 1 29  ? 3.461   7.336   5.234   1.00 31.96 ? 29  ASP A CG  1 
ATOM   224  O OD1 . ASP A 1 29  ? 2.701   6.529   5.818   1.00 33.75 ? 29  ASP A OD1 1 
ATOM   225  O OD2 . ASP A 1 29  ? 4.686   7.386   5.446   1.00 36.07 ? 29  ASP A OD2 1 
ATOM   226  N N   . ASP A 1 30  ? 2.110   8.835   1.334   1.00 28.00 ? 30  ASP A N   1 
ATOM   227  C CA  . ASP A 1 30  ? 2.198   9.860   0.328   1.00 28.72 ? 30  ASP A CA  1 
ATOM   228  C C   . ASP A 1 30  ? 1.679   9.363   -1.015  1.00 28.02 ? 30  ASP A C   1 
ATOM   229  O O   . ASP A 1 30  ? 1.712   8.174   -1.312  1.00 27.33 ? 30  ASP A O   1 
ATOM   230  C CB  . ASP A 1 30  ? 3.658   10.324  0.174   1.00 30.38 ? 30  ASP A CB  1 
ATOM   231  C CG  . ASP A 1 30  ? 4.216   10.951  1.442   1.00 31.84 ? 30  ASP A CG  1 
ATOM   232  O OD1 . ASP A 1 30  ? 3.437   11.402  2.311   1.00 32.60 ? 30  ASP A OD1 1 
ATOM   233  O OD2 . ASP A 1 30  ? 5.458   10.998  1.563   1.00 34.93 ? 30  ASP A OD2 1 
ATOM   234  N N   . THR A 1 31  ? 1.208   10.313  -1.814  1.00 27.66 ? 31  THR A N   1 
ATOM   235  C CA  . THR A 1 31  ? 0.703   10.081  -3.159  1.00 27.33 ? 31  THR A CA  1 
ATOM   236  C C   . THR A 1 31  ? 1.856   10.239  -4.112  1.00 27.15 ? 31  THR A C   1 
ATOM   237  O O   . THR A 1 31  ? 2.544   11.247  -4.051  1.00 27.57 ? 31  THR A O   1 
ATOM   238  C CB  . THR A 1 31  ? -0.401  11.128  -3.475  1.00 25.78 ? 31  THR A CB  1 
ATOM   239  O OG1 . THR A 1 31  ? -1.538  10.854  -2.651  1.00 25.09 ? 31  THR A OG1 1 
ATOM   240  C CG2 . THR A 1 31  ? -0.817  11.113  -4.937  1.00 23.94 ? 31  THR A CG2 1 
ATOM   241  N N   . ILE A 1 32  ? 2.062   9.250   -4.983  1.00 29.29 ? 32  ILE A N   1 
ATOM   242  C CA  . ILE A 1 32  ? 3.140   9.271   -6.000  1.00 30.25 ? 32  ILE A CA  1 
ATOM   243  C C   . ILE A 1 32  ? 2.619   8.927   -7.397  1.00 30.96 ? 32  ILE A C   1 
ATOM   244  O O   . ILE A 1 32  ? 1.828   8.004   -7.541  1.00 32.77 ? 32  ILE A O   1 
ATOM   245  C CB  . ILE A 1 32  ? 4.277   8.271   -5.691  1.00 29.39 ? 32  ILE A CB  1 
ATOM   246  C CG1 . ILE A 1 32  ? 4.706   8.373   -4.224  1.00 31.25 ? 32  ILE A CG1 1 
ATOM   247  C CG2 . ILE A 1 32  ? 5.447   8.501   -6.651  1.00 29.40 ? 32  ILE A CG2 1 
ATOM   248  C CD1 . ILE A 1 32  ? 5.683   7.315   -3.768  1.00 32.31 ? 32  ILE A CD1 1 
ATOM   249  N N   . LEU A 1 33  ? 3.102   9.642   -8.417  1.00 31.70 ? 33  LEU A N   1 
ATOM   250  C CA  . LEU A 1 33  ? 2.652   9.440   -9.795  1.00 35.17 ? 33  LEU A CA  1 
ATOM   251  C C   . LEU A 1 33  ? 3.811   9.102   -10.729 1.00 34.93 ? 33  LEU A C   1 
ATOM   252  O O   . LEU A 1 33  ? 4.942   9.518   -10.500 1.00 34.27 ? 33  LEU A O   1 
ATOM   253  C CB  . LEU A 1 33  ? 1.875   10.667  -10.319 1.00 36.48 ? 33  LEU A CB  1 
ATOM   254  C CG  . LEU A 1 33  ? 0.793   11.323  -9.438  1.00 37.40 ? 33  LEU A CG  1 
ATOM   255  C CD1 . LEU A 1 33  ? 0.320   12.618  -10.092 1.00 37.76 ? 33  LEU A CD1 1 
ATOM   256  C CD2 . LEU A 1 33  ? -0.381  10.397  -9.126  1.00 36.26 ? 33  LEU A CD2 1 
ATOM   257  N N   . GLU A 1 34  ? 3.500   8.329   -11.770 1.00 37.12 ? 34  GLU A N   1 
ATOM   258  C CA  . GLU A 1 34  ? 4.474   7.826   -12.738 1.00 40.23 ? 34  GLU A CA  1 
ATOM   259  C C   . GLU A 1 34  ? 5.378   8.927   -13.311 1.00 43.37 ? 34  GLU A C   1 
ATOM   260  O O   . GLU A 1 34  ? 5.012   10.110  -13.325 1.00 39.83 ? 34  GLU A O   1 
ATOM   261  C CB  . GLU A 1 34  ? 3.776   7.022   -13.842 1.00 43.49 ? 34  GLU A CB  1 
ATOM   262  C CG  . GLU A 1 34  ? 3.510   5.566   -13.462 1.00 48.59 ? 34  GLU A CG  1 
ATOM   263  C CD  . GLU A 1 34  ? 2.700   4.774   -14.491 1.00 52.80 ? 34  GLU A CD  1 
ATOM   264  O OE1 . GLU A 1 34  ? 2.771   5.068   -15.707 1.00 53.89 ? 34  GLU A OE1 1 
ATOM   265  O OE2 . GLU A 1 34  ? 1.992   3.827   -14.074 1.00 55.75 ? 34  GLU A OE2 1 
ATOM   266  N N   . GLU A 1 35  ? 6.565   8.518   -13.760 1.00 47.67 ? 35  GLU A N   1 
ATOM   267  C CA  . GLU A 1 35  ? 7.653   9.445   -14.116 1.00 50.85 ? 35  GLU A CA  1 
ATOM   268  C C   . GLU A 1 35  ? 7.283   10.436  -15.241 1.00 51.26 ? 35  GLU A C   1 
ATOM   269  O O   . GLU A 1 35  ? 7.780   11.567  -15.260 1.00 53.01 ? 35  GLU A O   1 
ATOM   270  C CB  . GLU A 1 35  ? 8.948   8.645   -14.399 1.00 52.52 ? 35  GLU A CB  1 
ATOM   271  C CG  . GLU A 1 35  ? 10.111  9.381   -15.062 1.00 57.33 ? 35  GLU A CG  1 
ATOM   272  C CD  . GLU A 1 35  ? 10.846  10.379  -14.164 1.00 63.13 ? 35  GLU A CD  1 
ATOM   273  O OE1 . GLU A 1 35  ? 10.468  10.594  -12.986 1.00 60.22 ? 35  GLU A OE1 1 
ATOM   274  O OE2 . GLU A 1 35  ? 11.831  10.971  -14.661 1.00 70.25 ? 35  GLU A OE2 1 
ATOM   275  N N   . GLU A 1 36  ? 6.375   10.022  -16.131 1.00 50.69 ? 36  GLU A N   1 
ATOM   276  C CA  . GLU A 1 36  ? 5.956   10.836  -17.284 1.00 50.06 ? 36  GLU A CA  1 
ATOM   277  C C   . GLU A 1 36  ? 4.878   11.888  -16.977 1.00 46.04 ? 36  GLU A C   1 
ATOM   278  O O   . GLU A 1 36  ? 4.493   12.658  -17.843 1.00 45.57 ? 36  GLU A O   1 
ATOM   279  C CB  . GLU A 1 36  ? 5.510   9.942   -18.452 1.00 51.50 ? 36  GLU A CB  1 
ATOM   280  C CG  . GLU A 1 36  ? 6.512   8.867   -18.851 1.00 54.23 ? 36  GLU A CG  1 
ATOM   281  C CD  . GLU A 1 36  ? 6.249   7.520   -18.179 1.00 57.39 ? 36  GLU A CD  1 
ATOM   282  O OE1 . GLU A 1 36  ? 5.822   7.481   -16.998 1.00 54.02 ? 36  GLU A OE1 1 
ATOM   283  O OE2 . GLU A 1 36  ? 6.478   6.486   -18.848 1.00 58.36 ? 36  GLU A OE2 1 
ATOM   284  N N   . MET A 1 37  ? 4.386   11.921  -15.751 1.00 47.43 ? 37  MET A N   1 
ATOM   285  C CA  . MET A 1 37  ? 3.437   12.953  -15.352 1.00 49.59 ? 37  MET A CA  1 
ATOM   286  C C   . MET A 1 37  ? 4.116   14.328  -15.400 1.00 52.30 ? 37  MET A C   1 
ATOM   287  O O   . MET A 1 37  ? 5.156   14.547  -14.772 1.00 51.93 ? 37  MET A O   1 
ATOM   288  C CB  . MET A 1 37  ? 2.928   12.664  -13.942 1.00 52.13 ? 37  MET A CB  1 
ATOM   289  C CG  . MET A 1 37  ? 1.978   13.699  -13.375 1.00 52.24 ? 37  MET A CG  1 
ATOM   290  S SD  . MET A 1 37  ? 0.340   13.470  -14.073 1.00 56.66 ? 37  MET A SD  1 
ATOM   291  C CE  . MET A 1 37  ? -0.415  15.024  -13.593 1.00 51.43 ? 37  MET A CE  1 
ATOM   292  N N   . SER A 1 38  ? 3.539   15.249  -16.161 1.00 54.13 ? 38  SER A N   1 
ATOM   293  C CA  . SER A 1 38  ? 4.103   16.586  -16.257 1.00 55.78 ? 38  SER A CA  1 
ATOM   294  C C   . SER A 1 38  ? 3.289   17.551  -15.403 1.00 55.80 ? 38  SER A C   1 
ATOM   295  O O   . SER A 1 38  ? 2.141   17.877  -15.738 1.00 53.48 ? 38  SER A O   1 
ATOM   296  C CB  . SER A 1 38  ? 4.199   17.051  -17.715 1.00 60.46 ? 38  SER A CB  1 
ATOM   297  O OG  . SER A 1 38  ? 2.913   17.176  -18.305 1.00 66.16 ? 38  SER A OG  1 
ATOM   298  N N   . LEU A 1 39  ? 3.887   17.973  -14.286 1.00 51.71 ? 39  LEU A N   1 
ATOM   299  C CA  . LEU A 1 39  ? 3.282   18.940  -13.375 1.00 50.94 ? 39  LEU A CA  1 
ATOM   300  C C   . LEU A 1 39  ? 4.003   20.288  -13.454 1.00 51.80 ? 39  LEU A C   1 
ATOM   301  O O   . LEU A 1 39  ? 5.235   20.332  -13.474 1.00 53.02 ? 39  LEU A O   1 
ATOM   302  C CB  . LEU A 1 39  ? 3.289   18.420  -11.930 1.00 48.19 ? 39  LEU A CB  1 
ATOM   303  C CG  . LEU A 1 39  ? 2.192   17.451  -11.458 1.00 46.69 ? 39  LEU A CG  1 
ATOM   304  C CD1 . LEU A 1 39  ? 2.332   17.208  -9.967  1.00 43.68 ? 39  LEU A CD1 1 
ATOM   305  C CD2 . LEU A 1 39  ? 0.789   17.961  -11.765 1.00 44.43 ? 39  LEU A CD2 1 
ATOM   306  N N   . PRO A 1 40  ? 3.240   21.393  -13.510 1.00 52.21 ? 40  PRO A N   1 
ATOM   307  C CA  . PRO A 1 40  ? 3.881   22.702  -13.595 1.00 53.13 ? 40  PRO A CA  1 
ATOM   308  C C   . PRO A 1 40  ? 4.293   23.258  -12.229 1.00 51.21 ? 40  PRO A C   1 
ATOM   309  O O   . PRO A 1 40  ? 3.743   22.859  -11.205 1.00 52.16 ? 40  PRO A O   1 
ATOM   310  C CB  . PRO A 1 40  ? 2.801   23.576  -14.228 1.00 54.41 ? 40  PRO A CB  1 
ATOM   311  C CG  . PRO A 1 40  ? 1.503   22.925  -13.862 1.00 53.53 ? 40  PRO A CG  1 
ATOM   312  C CD  . PRO A 1 40  ? 1.767   21.492  -13.512 1.00 52.64 ? 40  PRO A CD  1 
ATOM   313  N N   . GLY A 1 41  ? 5.267   24.161  -12.228 1.00 49.40 ? 41  GLY A N   1 
ATOM   314  C CA  . GLY A 1 41  ? 5.667   24.853  -11.016 1.00 49.62 ? 41  GLY A CA  1 
ATOM   315  C C   . GLY A 1 41  ? 7.020   24.454  -10.455 1.00 51.06 ? 41  GLY A C   1 
ATOM   316  O O   . GLY A 1 41  ? 7.753   23.644  -11.044 1.00 46.74 ? 41  GLY A O   1 
ATOM   317  N N   . ARG A 1 42  ? 7.350   25.042  -9.309  1.00 51.20 ? 42  ARG A N   1 
ATOM   318  C CA  . ARG A 1 42  ? 8.555   24.670  -8.591  1.00 54.27 ? 42  ARG A CA  1 
ATOM   319  C C   . ARG A 1 42  ? 8.304   23.430  -7.720  1.00 56.61 ? 42  ARG A C   1 
ATOM   320  O O   . ARG A 1 42  ? 7.154   23.068  -7.417  1.00 55.27 ? 42  ARG A O   1 
ATOM   321  C CB  . ARG A 1 42  ? 9.100   25.842  -7.758  1.00 54.41 ? 42  ARG A CB  1 
ATOM   322  C CG  . ARG A 1 42  ? 8.342   26.139  -6.472  1.00 57.88 ? 42  ARG A CG  1 
ATOM   323  C CD  . ARG A 1 42  ? 9.101   27.112  -5.573  1.00 60.75 ? 42  ARG A CD  1 
ATOM   324  N NE  . ARG A 1 42  ? 10.219  26.475  -4.869  1.00 63.81 ? 42  ARG A NE  1 
ATOM   325  C CZ  . ARG A 1 42  ? 10.195  26.085  -3.593  1.00 65.91 ? 42  ARG A CZ  1 
ATOM   326  N NH1 . ARG A 1 42  ? 9.106   26.266  -2.854  1.00 63.05 ? 42  ARG A NH1 1 
ATOM   327  N NH2 . ARG A 1 42  ? 11.267  25.514  -3.046  1.00 63.45 ? 42  ARG A NH2 1 
ATOM   328  N N   . TRP A 1 43  ? 9.396   22.785  -7.331  1.00 56.97 ? 43  TRP A N   1 
ATOM   329  C CA  . TRP A 1 43  ? 9.352   21.615  -6.478  1.00 54.60 ? 43  TRP A CA  1 
ATOM   330  C C   . TRP A 1 43  ? 10.595  21.525  -5.643  1.00 57.54 ? 43  TRP A C   1 
ATOM   331  O O   . TRP A 1 43  ? 11.563  22.254  -5.880  1.00 57.65 ? 43  TRP A O   1 
ATOM   332  C CB  . TRP A 1 43  ? 9.177   20.358  -7.317  1.00 54.25 ? 43  TRP A CB  1 
ATOM   333  C CG  . TRP A 1 43  ? 10.167  20.214  -8.444  1.00 54.11 ? 43  TRP A CG  1 
ATOM   334  C CD1 . TRP A 1 43  ? 10.056  20.704  -9.743  1.00 55.14 ? 43  TRP A CD1 1 
ATOM   335  C CD2 . TRP A 1 43  ? 11.445  19.493  -8.413  1.00 55.89 ? 43  TRP A CD2 1 
ATOM   336  N NE1 . TRP A 1 43  ? 11.150  20.352  -10.497 1.00 57.58 ? 43  TRP A NE1 1 
ATOM   337  C CE2 . TRP A 1 43  ? 12.023  19.625  -9.762  1.00 58.32 ? 43  TRP A CE2 1 
ATOM   338  C CE3 . TRP A 1 43  ? 12.147  18.782  -7.441  1.00 56.29 ? 43  TRP A CE3 1 
ATOM   339  C CZ2 . TRP A 1 43  ? 13.249  19.061  -10.096 1.00 58.16 ? 43  TRP A CZ2 1 
ATOM   340  C CZ3 . TRP A 1 43  ? 13.383  18.221  -7.791  1.00 58.73 ? 43  TRP A CZ3 1 
ATOM   341  C CH2 . TRP A 1 43  ? 13.918  18.357  -9.085  1.00 56.85 ? 43  TRP A CH2 1 
ATOM   342  N N   . THR A 1 44  ? 10.570  20.645  -4.643  1.00 55.21 ? 44  THR A N   1 
ATOM   343  C CA  . THR A 1 44  ? 11.751  20.372  -3.832  1.00 55.29 ? 44  THR A CA  1 
ATOM   344  C C   . THR A 1 44  ? 12.186  18.898  -3.961  1.00 55.59 ? 44  THR A C   1 
ATOM   345  O O   . THR A 1 44  ? 11.332  18.002  -4.036  1.00 54.35 ? 44  THR A O   1 
ATOM   346  C CB  . THR A 1 44  ? 11.553  20.809  -2.359  1.00 53.64 ? 44  THR A CB  1 
ATOM   347  O OG1 . THR A 1 44  ? 10.365  20.219  -1.820  1.00 54.02 ? 44  THR A OG1 1 
ATOM   348  C CG2 . THR A 1 44  ? 11.408  22.325  -2.282  1.00 56.56 ? 44  THR A CG2 1 
ATOM   349  N N   . PRO A 1 45  ? 13.515  18.643  -4.025  1.00 55.87 ? 45  PRO A N   1 
ATOM   350  C CA  . PRO A 1 45  ? 13.990  17.257  -4.079  1.00 51.21 ? 45  PRO A CA  1 
ATOM   351  C C   . PRO A 1 45  ? 13.573  16.500  -2.828  1.00 47.71 ? 45  PRO A C   1 
ATOM   352  O O   . PRO A 1 45  ? 13.619  17.048  -1.720  1.00 48.84 ? 45  PRO A O   1 
ATOM   353  C CB  . PRO A 1 45  ? 15.514  17.404  -4.111  1.00 51.95 ? 45  PRO A CB  1 
ATOM   354  C CG  . PRO A 1 45  ? 15.776  18.746  -3.500  1.00 55.72 ? 45  PRO A CG  1 
ATOM   355  C CD  . PRO A 1 45  ? 14.641  19.597  -3.991  1.00 55.30 ? 45  PRO A CD  1 
ATOM   356  N N   . LYS A 1 46  ? 13.116  15.271  -3.014  1.00 42.88 ? 46  LYS A N   1 
ATOM   357  C CA  . LYS A 1 46  ? 12.873  14.388  -1.891  1.00 43.57 ? 46  LYS A CA  1 
ATOM   358  C C   . LYS A 1 46  ? 13.187  12.979  -2.370  1.00 41.86 ? 46  LYS A C   1 
ATOM   359  O O   . LYS A 1 46  ? 13.372  12.733  -3.566  1.00 41.44 ? 46  LYS A O   1 
ATOM   360  C CB  . LYS A 1 46  ? 11.426  14.504  -1.377  1.00 44.50 ? 46  LYS A CB  1 
ATOM   361  C CG  . LYS A 1 46  ? 11.226  14.100  0.080   1.00 47.27 ? 46  LYS A CG  1 
ATOM   362  C CD  . LYS A 1 46  ? 9.753   14.129  0.459   1.00 52.32 ? 46  LYS A CD  1 
ATOM   363  C CE  . LYS A 1 46  ? 9.427   13.260  1.670   1.00 55.20 ? 46  LYS A CE  1 
ATOM   364  N NZ  . LYS A 1 46  ? 8.003   12.815  1.595   1.00 55.02 ? 46  LYS A NZ  1 
ATOM   365  N N   . VAL A 1 47  ? 13.281  12.064  -1.417  1.00 40.45 ? 47  VAL A N   1 
ATOM   366  C CA  . VAL A 1 47  ? 13.513  10.669  -1.704  1.00 39.29 ? 47  VAL A CA  1 
ATOM   367  C C   . VAL A 1 47  ? 12.434  9.938   -0.898  1.00 39.72 ? 47  VAL A C   1 
ATOM   368  O O   . VAL A 1 47  ? 12.032  10.410  0.174   1.00 41.08 ? 47  VAL A O   1 
ATOM   369  C CB  . VAL A 1 47  ? 14.968  10.265  -1.332  1.00 39.89 ? 47  VAL A CB  1 
ATOM   370  C CG1 . VAL A 1 47  ? 15.246  8.834   -1.720  1.00 38.68 ? 47  VAL A CG1 1 
ATOM   371  C CG2 . VAL A 1 47  ? 15.984  11.157  -2.046  1.00 37.54 ? 47  VAL A CG2 1 
ATOM   372  N N   . VAL A 1 48  ? 11.924  8.834   -1.447  1.00 37.02 ? 48  VAL A N   1 
ATOM   373  C CA  . VAL A 1 48  ? 10.849  8.035   -0.825  1.00 35.31 ? 48  VAL A CA  1 
ATOM   374  C C   . VAL A 1 48  ? 11.352  6.597   -0.626  1.00 33.13 ? 48  VAL A C   1 
ATOM   375  O O   . VAL A 1 48  ? 12.112  6.090   -1.442  1.00 30.37 ? 48  VAL A O   1 
ATOM   376  C CB  . VAL A 1 48  ? 9.574   8.035   -1.718  1.00 36.15 ? 48  VAL A CB  1 
ATOM   377  C CG1 . VAL A 1 48  ? 8.479   7.153   -1.153  1.00 37.09 ? 48  VAL A CG1 1 
ATOM   378  C CG2 . VAL A 1 48  ? 9.021   9.437   -1.859  1.00 38.42 ? 48  VAL A CG2 1 
ATOM   379  N N   . GLY A 1 49  ? 10.919  5.937   0.442   1.00 31.62 ? 49  GLY A N   1 
ATOM   380  C CA  . GLY A 1 49  ? 11.392  4.589   0.716   1.00 34.47 ? 49  GLY A CA  1 
ATOM   381  C C   . GLY A 1 49  ? 10.330  3.503   0.677   1.00 35.47 ? 49  GLY A C   1 
ATOM   382  O O   . GLY A 1 49  ? 9.180   3.729   1.047   1.00 37.07 ? 49  GLY A O   1 
ATOM   383  N N   . GLY A 1 50  ? 10.723  2.304   0.265   1.00 33.76 ? 50  GLY A N   1 
ATOM   384  C CA  . GLY A 1 50  ? 9.762   1.222   0.130   1.00 34.34 ? 50  GLY A CA  1 
ATOM   385  C C   . GLY A 1 50  ? 10.409  -0.133  0.067   1.00 35.36 ? 50  GLY A C   1 
ATOM   386  O O   . GLY A 1 50  ? 11.531  -0.314  0.533   1.00 37.08 ? 50  GLY A O   1 
ATOM   387  N N   . ILE A 1 51  ? 9.690   -1.088  -0.517  1.00 35.80 ? 51  ILE A N   1 
ATOM   388  C CA  . ILE A 1 51  ? 10.201  -2.432  -0.725  1.00 36.13 ? 51  ILE A CA  1 
ATOM   389  C C   . ILE A 1 51  ? 11.187  -2.365  -1.886  1.00 36.21 ? 51  ILE A C   1 
ATOM   390  O O   . ILE A 1 51  ? 10.828  -1.959  -2.985  1.00 40.66 ? 51  ILE A O   1 
ATOM   391  C CB  . ILE A 1 51  ? 9.026   -3.418  -0.977  1.00 36.46 ? 51  ILE A CB  1 
ATOM   392  C CG1 . ILE A 1 51  ? 8.341   -3.723  0.362   1.00 35.78 ? 51  ILE A CG1 1 
ATOM   393  C CG2 . ILE A 1 51  ? 9.502   -4.706  -1.646  1.00 35.38 ? 51  ILE A CG2 1 
ATOM   394  C CD1 . ILE A 1 51  ? 7.285   -4.796  0.320   1.00 35.82 ? 51  ILE A CD1 1 
ATOM   395  N N   . GLY A 1 52  ? 12.432  -2.731  -1.648  1.00 36.17 ? 52  GLY A N   1 
ATOM   396  C CA  . GLY A 1 52  ? 13.447  -2.588  -2.699  1.00 36.67 ? 52  GLY A CA  1 
ATOM   397  C C   . GLY A 1 52  ? 14.375  -1.392  -2.532  1.00 36.04 ? 52  GLY A C   1 
ATOM   398  O O   . GLY A 1 52  ? 15.356  -1.242  -3.266  1.00 36.87 ? 52  GLY A O   1 
ATOM   399  N N   . GLY A 1 53  ? 14.079  -0.524  -1.575  1.00 33.51 ? 53  GLY A N   1 
ATOM   400  C CA  . GLY A 1 53  ? 14.999  0.569   -1.308  1.00 33.15 ? 53  GLY A CA  1 
ATOM   401  C C   . GLY A 1 53  ? 14.375  1.941   -1.412  1.00 32.27 ? 53  GLY A C   1 
ATOM   402  O O   . GLY A 1 53  ? 13.258  2.169   -0.945  1.00 32.81 ? 53  GLY A O   1 
ATOM   403  N N   . PHE A 1 54  ? 15.103  2.863   -2.018  1.00 31.25 ? 54  PHE A N   1 
ATOM   404  C CA  A PHE A 1 54  ? 14.659  4.247   -2.115  0.50 32.03 ? 54  PHE A CA  1 
ATOM   405  C CA  B PHE A 1 54  ? 14.619  4.230   -2.113  0.50 32.42 ? 54  PHE A CA  1 
ATOM   406  C C   . PHE A 1 54  ? 14.552  4.717   -3.557  1.00 33.21 ? 54  PHE A C   1 
ATOM   407  O O   . PHE A 1 54  ? 15.186  4.145   -4.455  1.00 33.41 ? 54  PHE A O   1 
ATOM   408  C CB  A PHE A 1 54  ? 15.602  5.164   -1.330  0.50 31.60 ? 54  PHE A CB  1 
ATOM   409  C CB  B PHE A 1 54  ? 15.461  5.164   -1.229  0.50 32.64 ? 54  PHE A CB  1 
ATOM   410  C CG  A PHE A 1 54  ? 16.990  5.265   -1.911  0.50 31.69 ? 54  PHE A CG  1 
ATOM   411  C CG  B PHE A 1 54  ? 15.050  5.166   0.226   0.50 33.24 ? 54  PHE A CG  1 
ATOM   412  C CD1 A PHE A 1 54  ? 17.890  4.225   -1.779  0.50 31.70 ? 54  PHE A CD1 1 
ATOM   413  C CD1 B PHE A 1 54  ? 15.107  4.008   0.987   0.50 33.66 ? 54  PHE A CD1 1 
ATOM   414  C CD2 A PHE A 1 54  ? 17.396  6.413   -2.568  0.50 31.54 ? 54  PHE A CD2 1 
ATOM   415  C CD2 B PHE A 1 54  ? 14.615  6.332   0.836   0.50 34.55 ? 54  PHE A CD2 1 
ATOM   416  C CE1 A PHE A 1 54  ? 19.164  4.321   -2.304  0.50 32.76 ? 54  PHE A CE1 1 
ATOM   417  C CE1 B PHE A 1 54  ? 14.729  4.006   2.320   0.50 33.70 ? 54  PHE A CE1 1 
ATOM   418  C CE2 A PHE A 1 54  ? 18.666  6.518   -3.091  0.50 32.21 ? 54  PHE A CE2 1 
ATOM   419  C CE2 B PHE A 1 54  ? 14.239  6.340   2.170   0.50 34.33 ? 54  PHE A CE2 1 
ATOM   420  C CZ  A PHE A 1 54  ? 19.553  5.472   -2.962  0.50 32.14 ? 54  PHE A CZ  1 
ATOM   421  C CZ  B PHE A 1 54  ? 14.292  5.175   2.912   0.50 33.76 ? 54  PHE A CZ  1 
ATOM   422  N N   . MET A 1 55  ? 13.753  5.754   -3.787  1.00 33.55 ? 55  MET A N   1 
ATOM   423  C CA  . MET A 1 55  ? 13.735  6.374   -5.110  1.00 35.71 ? 55  MET A CA  1 
ATOM   424  C C   . MET A 1 55  ? 13.608  7.899   -5.034  1.00 34.90 ? 55  MET A C   1 
ATOM   425  O O   . MET A 1 55  ? 12.999  8.434   -4.110  1.00 34.38 ? 55  MET A O   1 
ATOM   426  C CB  . MET A 1 55  ? 12.672  5.733   -6.001  1.00 36.67 ? 55  MET A CB  1 
ATOM   427  C CG  . MET A 1 55  ? 11.264  6.198   -5.744  1.00 36.76 ? 55  MET A CG  1 
ATOM   428  S SD  . MET A 1 55  ? 10.300  5.837   -7.211  1.00 38.43 ? 55  MET A SD  1 
ATOM   429  C CE  . MET A 1 55  ? 8.795   6.677   -6.731  1.00 37.54 ? 55  MET A CE  1 
ATOM   430  N N   . LYS A 1 56  ? 14.226  8.595   -5.981  1.00 36.50 ? 56  LYS A N   1 
ATOM   431  C CA  . LYS A 1 56  ? 14.209  10.058  -5.951  1.00 38.32 ? 56  LYS A CA  1 
ATOM   432  C C   . LYS A 1 56  ? 12.931  10.598  -6.594  1.00 38.45 ? 56  LYS A C   1 
ATOM   433  O O   . LYS A 1 56  ? 12.499  10.098  -7.634  1.00 40.08 ? 56  LYS A O   1 
ATOM   434  C CB  . LYS A 1 56  ? 15.458  10.630  -6.613  1.00 40.19 ? 56  LYS A CB  1 
ATOM   435  C CG  . LYS A 1 56  ? 16.746  10.294  -5.883  1.00 42.96 ? 56  LYS A CG  1 
ATOM   436  C CD  . LYS A 1 56  ? 17.936  10.920  -6.591  1.00 45.43 ? 56  LYS A CD  1 
ATOM   437  C CE  . LYS A 1 56  ? 19.225  10.705  -5.809  1.00 46.55 ? 56  LYS A CE  1 
ATOM   438  N NZ  . LYS A 1 56  ? 20.391  11.324  -6.504  1.00 46.90 ? 56  LYS A NZ  1 
ATOM   439  N N   . VAL A 1 57  ? 12.317  11.594  -5.958  1.00 38.86 ? 57  VAL A N   1 
ATOM   440  C CA  . VAL A 1 57  ? 11.064  12.185  -6.471  1.00 39.85 ? 57  VAL A CA  1 
ATOM   441  C C   . VAL A 1 57  ? 11.049  13.720  -6.402  1.00 41.73 ? 57  VAL A C   1 
ATOM   442  O O   . VAL A 1 57  ? 11.748  14.327  -5.567  1.00 39.28 ? 57  VAL A O   1 
ATOM   443  C CB  . VAL A 1 57  ? 9.816   11.669  -5.709  1.00 38.23 ? 57  VAL A CB  1 
ATOM   444  C CG1 . VAL A 1 57  ? 9.590   10.179  -5.929  1.00 38.43 ? 57  VAL A CG1 1 
ATOM   445  C CG2 . VAL A 1 57  ? 9.915   11.997  -4.230  1.00 35.42 ? 57  VAL A CG2 1 
ATOM   446  N N   . ARG A 1 58  ? 10.238  14.333  -7.272  1.00 42.65 ? 58  ARG A N   1 
ATOM   447  C CA  . ARG A 1 58  ? 9.898   15.770  -7.184  1.00 40.58 ? 58  ARG A CA  1 
ATOM   448  C C   . ARG A 1 58  ? 8.664   15.951  -6.302  1.00 38.10 ? 58  ARG A C   1 
ATOM   449  O O   . ARG A 1 58  ? 7.640   15.316  -6.518  1.00 39.06 ? 58  ARG A O   1 
ATOM   450  C CB  . ARG A 1 58  ? 9.596   16.372  -8.562  1.00 41.48 ? 58  ARG A CB  1 
ATOM   451  C CG  . ARG A 1 58  ? 10.493  15.936  -9.715  1.00 49.08 ? 58  ARG A CG  1 
ATOM   452  C CD  . ARG A 1 58  ? 9.754   16.081  -11.043 1.00 53.41 ? 58  ARG A CD  1 
ATOM   453  N NE  . ARG A 1 58  ? 10.626  15.951  -12.212 1.00 57.89 ? 58  ARG A NE  1 
ATOM   454  C CZ  . ARG A 1 58  ? 10.973  16.962  -13.014 1.00 68.62 ? 58  ARG A CZ  1 
ATOM   455  N NH1 . ARG A 1 58  ? 10.516  18.196  -12.790 1.00 69.88 ? 58  ARG A NH1 1 
ATOM   456  N NH2 . ARG A 1 58  ? 11.781  16.744  -14.051 1.00 66.94 ? 58  ARG A NH2 1 
ATOM   457  N N   . GLN A 1 59  ? 8.758   16.821  -5.310  1.00 36.83 ? 59  GLN A N   1 
ATOM   458  C CA  . GLN A 1 59  ? 7.624   17.116  -4.460  1.00 38.32 ? 59  GLN A CA  1 
ATOM   459  C C   . GLN A 1 59  ? 6.917   18.390  -4.948  1.00 41.02 ? 59  GLN A C   1 
ATOM   460  O O   . GLN A 1 59  ? 7.510   19.478  -4.977  1.00 39.80 ? 59  GLN A O   1 
ATOM   461  C CB  . GLN A 1 59  ? 8.062   17.227  -2.985  1.00 39.53 ? 59  GLN A CB  1 
ATOM   462  C CG  . GLN A 1 59  ? 7.095   18.008  -2.094  1.00 41.82 ? 59  GLN A CG  1 
ATOM   463  C CD  . GLN A 1 59  ? 7.234   17.714  -0.610  1.00 45.26 ? 59  GLN A CD  1 
ATOM   464  O OE1 . GLN A 1 59  ? 7.648   16.624  -0.202  1.00 45.73 ? 59  GLN A OE1 1 
ATOM   465  N NE2 . GLN A 1 59  ? 6.859   18.692  0.217   1.00 47.94 ? 59  GLN A NE2 1 
ATOM   466  N N   . TYR A 1 60  ? 5.650   18.242  -5.334  1.00 41.16 ? 60  TYR A N   1 
ATOM   467  C CA  . TYR A 1 60  ? 4.799   19.378  -5.707  1.00 39.26 ? 60  TYR A CA  1 
ATOM   468  C C   . TYR A 1 60  ? 3.697   19.579  -4.681  1.00 38.92 ? 60  TYR A C   1 
ATOM   469  O O   . TYR A 1 60  ? 2.944   18.648  -4.380  1.00 38.30 ? 60  TYR A O   1 
ATOM   470  C CB  . TYR A 1 60  ? 4.156   19.138  -7.060  1.00 39.61 ? 60  TYR A CB  1 
ATOM   471  C CG  . TYR A 1 60  ? 5.105   19.028  -8.225  1.00 39.90 ? 60  TYR A CG  1 
ATOM   472  C CD1 . TYR A 1 60  ? 5.451   20.159  -8.968  1.00 40.71 ? 60  TYR A CD1 1 
ATOM   473  C CD2 . TYR A 1 60  ? 5.627   17.791  -8.613  1.00 37.63 ? 60  TYR A CD2 1 
ATOM   474  C CE1 . TYR A 1 60  ? 6.300   20.066  -10.055 1.00 40.88 ? 60  TYR A CE1 1 
ATOM   475  C CE2 . TYR A 1 60  ? 6.474   17.685  -9.701  1.00 39.53 ? 60  TYR A CE2 1 
ATOM   476  C CZ  . TYR A 1 60  ? 6.814   18.829  -10.418 1.00 42.62 ? 60  TYR A CZ  1 
ATOM   477  O OH  . TYR A 1 60  ? 7.655   18.745  -11.514 1.00 44.00 ? 60  TYR A OH  1 
ATOM   478  N N   . ASP A 1 61  ? 3.617   20.792  -4.140  1.00 38.51 ? 61  ASP A N   1 
ATOM   479  C CA  . ASP A 1 61  ? 2.623   21.147  -3.121  1.00 38.76 ? 61  ASP A CA  1 
ATOM   480  C C   . ASP A 1 61  ? 1.323   21.692  -3.727  1.00 38.85 ? 61  ASP A C   1 
ATOM   481  O O   . ASP A 1 61  ? 1.306   22.211  -4.851  1.00 37.32 ? 61  ASP A O   1 
ATOM   482  C CB  . ASP A 1 61  ? 3.202   22.169  -2.122  1.00 41.67 ? 61  ASP A CB  1 
ATOM   483  C CG  . ASP A 1 61  ? 4.280   21.572  -1.212  1.00 45.08 ? 61  ASP A CG  1 
ATOM   484  O OD1 . ASP A 1 61  ? 4.472   20.333  -1.228  1.00 45.74 ? 61  ASP A OD1 1 
ATOM   485  O OD2 . ASP A 1 61  ? 4.935   22.341  -0.474  1.00 43.24 ? 61  ASP A OD2 1 
ATOM   486  N N   . GLN A 1 62  ? 0.236   21.549  -2.972  1.00 37.27 ? 62  GLN A N   1 
ATOM   487  C CA  . GLN A 1 62  ? -1.051  22.123  -3.330  1.00 36.77 ? 62  GLN A CA  1 
ATOM   488  C C   . GLN A 1 62  ? -1.463  21.864  -4.771  1.00 34.05 ? 62  GLN A C   1 
ATOM   489  O O   . GLN A 1 62  ? -1.762  22.792  -5.502  1.00 34.20 ? 62  GLN A O   1 
ATOM   490  C CB  . GLN A 1 62  ? -1.030  23.616  -3.032  1.00 40.36 ? 62  GLN A CB  1 
ATOM   491  C CG  . GLN A 1 62  ? -0.516  23.901  -1.634  1.00 43.91 ? 62  GLN A CG  1 
ATOM   492  C CD  . GLN A 1 62  ? 0.018   25.305  -1.504  1.00 48.42 ? 62  GLN A CD  1 
ATOM   493  O OE1 . GLN A 1 62  ? -0.744  26.272  -1.494  1.00 49.58 ? 62  GLN A OE1 1 
ATOM   494  N NE2 . GLN A 1 62  ? 1.340   25.426  -1.405  1.00 50.68 ? 62  GLN A NE2 1 
ATOM   495  N N   . ILE A 1 63  ? -1.456  20.594  -5.159  1.00 32.38 ? 63  ILE A N   1 
ATOM   496  C CA  . ILE A 1 63  ? -1.922  20.132  -6.466  1.00 32.21 ? 63  ILE A CA  1 
ATOM   497  C C   . ILE A 1 63  ? -3.381  19.699  -6.350  1.00 30.35 ? 63  ILE A C   1 
ATOM   498  O O   . ILE A 1 63  ? -3.738  18.971  -5.421  1.00 30.07 ? 63  ILE A O   1 
ATOM   499  C CB  . ILE A 1 63  ? -1.071  18.937  -6.998  1.00 31.43 ? 63  ILE A CB  1 
ATOM   500  C CG1 . ILE A 1 63  ? 0.416   19.316  -7.128  1.00 32.52 ? 63  ILE A CG1 1 
ATOM   501  C CG2 . ILE A 1 63  ? -1.606  18.386  -8.315  1.00 30.66 ? 63  ILE A CG2 1 
ATOM   502  C CD1 . ILE A 1 63  ? 0.708   20.571  -7.934  1.00 32.76 ? 63  ILE A CD1 1 
ATOM   503  N N   . LEU A 1 64  ? -4.209  20.157  -7.289  1.00 28.08 ? 64  LEU A N   1 
ATOM   504  C CA  . LEU A 1 64  ? -5.606  19.748  -7.362  1.00 27.85 ? 64  LEU A CA  1 
ATOM   505  C C   . LEU A 1 64  ? -5.709  18.364  -8.023  1.00 27.93 ? 64  LEU A C   1 
ATOM   506  O O   . LEU A 1 64  ? -5.238  18.142  -9.145  1.00 29.18 ? 64  LEU A O   1 
ATOM   507  C CB  . LEU A 1 64  ? -6.441  20.780  -8.134  1.00 26.56 ? 64  LEU A CB  1 
ATOM   508  C CG  . LEU A 1 64  ? -7.917  20.445  -8.423  1.00 25.82 ? 64  LEU A CG  1 
ATOM   509  C CD1 . LEU A 1 64  ? -8.772  20.484  -7.153  1.00 24.86 ? 64  LEU A CD1 1 
ATOM   510  C CD2 . LEU A 1 64  ? -8.477  21.415  -9.451  1.00 24.62 ? 64  LEU A CD2 1 
ATOM   511  N N   . VAL A 1 65  ? -6.331  17.446  -7.306  1.00 27.32 ? 65  VAL A N   1 
ATOM   512  C CA  . VAL A 1 65  ? -6.501  16.080  -7.757  1.00 26.33 ? 65  VAL A CA  1 
ATOM   513  C C   . VAL A 1 65  ? -7.996  15.826  -7.735  1.00 26.47 ? 65  VAL A C   1 
ATOM   514  O O   . VAL A 1 65  ? -8.673  16.153  -6.758  1.00 25.22 ? 65  VAL A O   1 
ATOM   515  C CB  . VAL A 1 65  ? -5.757  15.094  -6.829  1.00 25.99 ? 65  VAL A CB  1 
ATOM   516  C CG1 . VAL A 1 65  ? -5.947  13.661  -7.291  1.00 26.48 ? 65  VAL A CG1 1 
ATOM   517  C CG2 . VAL A 1 65  ? -4.263  15.442  -6.734  1.00 25.02 ? 65  VAL A CG2 1 
ATOM   518  N N   . GLU A 1 66  ? -8.521  15.283  -8.825  1.00 28.01 ? 66  GLU A N   1 
ATOM   519  C CA  . GLU A 1 66  ? -9.918  14.858  -8.841  1.00 32.89 ? 66  GLU A CA  1 
ATOM   520  C C   . GLU A 1 66  ? -10.000 13.335  -8.860  1.00 34.14 ? 66  GLU A C   1 
ATOM   521  O O   . GLU A 1 66  ? -9.604  12.705  -9.847  1.00 30.30 ? 66  GLU A O   1 
ATOM   522  C CB  . GLU A 1 66  ? -10.663 15.488  -10.008 1.00 35.04 ? 66  GLU A CB  1 
ATOM   523  C CG  . GLU A 1 66  ? -10.837 16.982  -9.815  1.00 40.41 ? 66  GLU A CG  1 
ATOM   524  C CD  . GLU A 1 66  ? -11.413 17.672  -11.032 1.00 44.56 ? 66  GLU A CD  1 
ATOM   525  O OE1 . GLU A 1 66  ? -12.363 17.104  -11.635 1.00 47.13 ? 66  GLU A OE1 1 
ATOM   526  O OE2 . GLU A 1 66  ? -10.908 18.778  -11.362 1.00 42.96 ? 66  GLU A OE2 1 
ATOM   527  N N   . ILE A 1 67  ? -10.475 12.767  -7.741  1.00 35.63 ? 67  ILE A N   1 
ATOM   528  C CA  . ILE A 1 67  ? -10.438 11.322  -7.483  1.00 37.89 ? 67  ILE A CA  1 
ATOM   529  C C   . ILE A 1 67  ? -11.879 10.837  -7.423  1.00 39.71 ? 67  ILE A C   1 
ATOM   530  O O   . ILE A 1 67  ? -12.617 11.248  -6.520  1.00 39.65 ? 67  ILE A O   1 
ATOM   531  C CB  . ILE A 1 67  ? -9.769  10.969  -6.125  1.00 38.07 ? 67  ILE A CB  1 
ATOM   532  C CG1 . ILE A 1 67  ? -8.412  11.648  -5.943  1.00 40.70 ? 67  ILE A CG1 1 
ATOM   533  C CG2 . ILE A 1 67  ? -9.654  9.452   -5.942  1.00 37.89 ? 67  ILE A CG2 1 
ATOM   534  C CD1 . ILE A 1 67  ? -7.800  11.414  -4.566  1.00 41.93 ? 67  ILE A CD1 1 
ATOM   535  N N   . CYS A 1 68  ? -12.273 9.961   -8.351  1.00 41.57 ? 68  CYS A N   1 
ATOM   536  C CA  . CYS A 1 68  ? -13.687 9.556   -8.505  1.00 42.58 ? 68  CYS A CA  1 
ATOM   537  C C   . CYS A 1 68  ? -14.633 10.801  -8.461  1.00 46.73 ? 68  CYS A C   1 
ATOM   538  O O   . CYS A 1 68  ? -15.789 10.726  -8.001  1.00 45.42 ? 68  CYS A O   1 
ATOM   539  C CB  . CYS A 1 68  ? -14.066 8.488   -7.460  0.50 42.67 ? 68  CYS A CB  1 
ATOM   540  S SG  . CYS A 1 68  ? -15.062 7.097   -8.070  0.50 42.53 ? 68  CYS A SG  1 
ATOM   541  N N   . GLY A 1 69  ? -14.131 11.948  -8.938  1.00 45.77 ? 69  GLY A N   1 
ATOM   542  C CA  . GLY A 1 69  ? -14.914 13.184  -8.926  1.00 47.50 ? 69  GLY A CA  1 
ATOM   543  C C   . GLY A 1 69  ? -14.833 14.061  -7.672  1.00 48.02 ? 69  GLY A C   1 
ATOM   544  O O   . GLY A 1 69  ? -15.176 15.245  -7.747  1.00 51.42 ? 69  GLY A O   1 
ATOM   545  N N   . HIS A 1 70  ? -14.427 13.506  -6.520  1.00 41.59 ? 70  HIS A N   1 
ATOM   546  C CA  . HIS A 1 70  ? -14.137 14.328  -5.334  0.50 38.66 ? 70  HIS A CA  1 
ATOM   547  C C   . HIS A 1 70  ? -13.014 15.267  -5.688  1.00 34.61 ? 70  HIS A C   1 
ATOM   548  O O   . HIS A 1 70  ? -12.026 14.852  -6.272  1.00 37.35 ? 70  HIS A O   1 
ATOM   549  C CB  . HIS A 1 70  ? -13.654 13.478  -4.159  0.50 39.33 ? 70  HIS A CB  1 
ATOM   550  C CG  . HIS A 1 70  ? -14.690 12.549  -3.559  0.50 41.32 ? 70  HIS A CG  1 
ATOM   551  N ND1 . HIS A 1 70  ? -15.317 11.590  -4.273  0.50 41.52 ? 70  HIS A ND1 1 
ATOM   552  C CD2 . HIS A 1 70  ? -15.140 12.413  -2.243  0.50 40.59 ? 70  HIS A CD2 1 
ATOM   553  C CE1 . HIS A 1 70  ? -16.148 10.901  -3.466  0.50 40.90 ? 70  HIS A CE1 1 
ATOM   554  N NE2 . HIS A 1 70  ? -16.036 11.404  -2.224  0.50 41.37 ? 70  HIS A NE2 1 
ATOM   555  N N   . LYS A 1 71  ? -13.122 16.539  -5.354  1.00 33.07 ? 71  LYS A N   1 
ATOM   556  C CA  . LYS A 1 71  ? -11.956 17.409  -5.497  1.00 32.16 ? 71  LYS A CA  1 
ATOM   557  C C   . LYS A 1 71  ? -11.162 17.460  -4.196  1.00 31.39 ? 71  LYS A C   1 
ATOM   558  O O   . LYS A 1 71  ? -11.724 17.750  -3.117  1.00 30.89 ? 71  LYS A O   1 
ATOM   559  C CB  . LYS A 1 71  ? -12.357 18.820  -5.935  1.00 34.54 ? 71  LYS A CB  1 
ATOM   560  C CG  . LYS A 1 71  ? -12.639 18.933  -7.416  1.00 33.82 ? 71  LYS A CG  1 
ATOM   561  C CD  . LYS A 1 71  ? -13.525 20.123  -7.674  1.00 36.34 ? 71  LYS A CD  1 
ATOM   562  C CE  . LYS A 1 71  ? -13.759 20.323  -9.153  1.00 37.77 ? 71  LYS A CE  1 
ATOM   563  N NZ  . LYS A 1 71  ? -14.686 19.259  -9.616  1.00 44.90 ? 71  LYS A NZ  1 
ATOM   564  N N   . VAL A 1 72  ? -9.870  17.150  -4.298  1.00 28.12 ? 72  VAL A N   1 
ATOM   565  C CA  . VAL A 1 72  ? -8.950  17.274  -3.169  1.00 27.64 ? 72  VAL A CA  1 
ATOM   566  C C   . VAL A 1 72  ? -7.706  18.053  -3.587  1.00 28.11 ? 72  VAL A C   1 
ATOM   567  O O   . VAL A 1 72  ? -7.454  18.242  -4.772  1.00 28.61 ? 72  VAL A O   1 
ATOM   568  C CB  . VAL A 1 72  ? -8.585  15.905  -2.514  1.00 26.50 ? 72  VAL A CB  1 
ATOM   569  C CG1 . VAL A 1 72  ? -9.830  15.161  -2.062  1.00 25.48 ? 72  VAL A CG1 1 
ATOM   570  C CG2 . VAL A 1 72  ? -7.722  15.028  -3.422  1.00 26.66 ? 72  VAL A CG2 1 
ATOM   571  N N   . ILE A 1 73  ? -6.948  18.530  -2.607  1.00 29.06 ? 73  ILE A N   1 
ATOM   572  C CA  . ILE A 1 73  ? -5.710  19.269  -2.850  1.00 29.23 ? 73  ILE A CA  1 
ATOM   573  C C   . ILE A 1 73  ? -4.654  18.757  -1.867  1.00 30.81 ? 73  ILE A C   1 
ATOM   574  O O   . ILE A 1 73  ? -4.888  18.644  -0.659  1.00 31.48 ? 73  ILE A O   1 
ATOM   575  C CB  . ILE A 1 73  ? -5.904  20.815  -2.726  1.00 30.09 ? 73  ILE A CB  1 
ATOM   576  C CG1 . ILE A 1 73  ? -6.565  21.381  -3.989  1.00 30.98 ? 73  ILE A CG1 1 
ATOM   577  C CG2 . ILE A 1 73  ? -4.579  21.531  -2.519  1.00 28.56 ? 73  ILE A CG2 1 
ATOM   578  C CD1 . ILE A 1 73  ? -6.872  22.859  -3.925  1.00 34.27 ? 73  ILE A CD1 1 
ATOM   579  N N   . GLY A 1 74  ? -3.487  18.425  -2.379  1.00 32.62 ? 74  GLY A N   1 
ATOM   580  C CA  . GLY A 1 74  ? -2.435  18.006  -1.490  1.00 32.12 ? 74  GLY A CA  1 
ATOM   581  C C   . GLY A 1 74  ? -1.112  17.959  -2.192  1.00 32.84 ? 74  GLY A C   1 
ATOM   582  O O   . GLY A 1 74  ? -0.994  18.341  -3.369  1.00 30.63 ? 74  GLY A O   1 
ATOM   583  N N   . THR A 1 75  ? -0.115  17.490  -1.446  1.00 32.61 ? 75  THR A N   1 
ATOM   584  C CA  . THR A 1 75  ? 1.189   17.253  -1.993  1.00 31.80 ? 75  THR A CA  1 
ATOM   585  C C   . THR A 1 75  ? 1.110   15.970  -2.806  1.00 30.98 ? 75  THR A C   1 
ATOM   586  O O   . THR A 1 75  ? 0.581   14.963  -2.331  1.00 31.01 ? 75  THR A O   1 
ATOM   587  C CB  . THR A 1 75  ? 2.247   17.149  -0.875  1.00 31.75 ? 75  THR A CB  1 
ATOM   588  O OG1 . THR A 1 75  ? 2.325   18.400  -0.182  1.00 33.93 ? 75  THR A OG1 1 
ATOM   589  C CG2 . THR A 1 75  ? 3.623   16.784  -1.438  1.00 30.07 ? 75  THR A CG2 1 
ATOM   590  N N   . VAL A 1 76  ? 1.608   16.049  -4.035  1.00 29.46 ? 76  VAL A N   1 
ATOM   591  C CA  . VAL A 1 76  ? 1.788   14.914  -4.935  1.00 28.94 ? 76  VAL A CA  1 
ATOM   592  C C   . VAL A 1 76  ? 3.301   14.765  -5.189  1.00 31.74 ? 76  VAL A C   1 
ATOM   593  O O   . VAL A 1 76  ? 4.012   15.765  -5.395  1.00 33.07 ? 76  VAL A O   1 
ATOM   594  C CB  . VAL A 1 76  ? 1.068   15.172  -6.288  1.00 29.18 ? 76  VAL A CB  1 
ATOM   595  C CG1 . VAL A 1 76  ? 1.527   14.212  -7.374  1.00 28.01 ? 76  VAL A CG1 1 
ATOM   596  C CG2 . VAL A 1 76  ? -0.447  15.130  -6.134  1.00 28.04 ? 76  VAL A CG2 1 
ATOM   597  N N   . LEU A 1 77  ? 3.801   13.530  -5.175  1.00 31.48 ? 77  LEU A N   1 
ATOM   598  C CA  . LEU A 1 77  ? 5.193   13.255  -5.548  1.00 31.09 ? 77  LEU A CA  1 
ATOM   599  C C   . LEU A 1 77  ? 5.205   12.651  -6.933  1.00 31.59 ? 77  LEU A C   1 
ATOM   600  O O   . LEU A 1 77  ? 4.331   11.836  -7.248  1.00 32.14 ? 77  LEU A O   1 
ATOM   601  C CB  . LEU A 1 77  ? 5.861   12.298  -4.544  1.00 28.84 ? 77  LEU A CB  1 
ATOM   602  C CG  . LEU A 1 77  ? 5.795   12.654  -3.064  1.00 28.25 ? 77  LEU A CG  1 
ATOM   603  C CD1 . LEU A 1 77  ? 6.605   11.668  -2.219  1.00 27.82 ? 77  LEU A CD1 1 
ATOM   604  C CD2 . LEU A 1 77  ? 6.258   14.087  -2.815  1.00 28.35 ? 77  LEU A CD2 1 
ATOM   605  N N   . VAL A 1 78  ? 6.175   13.045  -7.763  1.00 31.10 ? 78  VAL A N   1 
ATOM   606  C CA  . VAL A 1 78  ? 6.329   12.449  -9.095  1.00 31.23 ? 78  VAL A CA  1 
ATOM   607  C C   . VAL A 1 78  ? 7.698   11.778  -9.183  1.00 32.98 ? 78  VAL A C   1 
ATOM   608  O O   . VAL A 1 78  ? 8.703   12.344  -8.738  1.00 35.84 ? 78  VAL A O   1 
ATOM   609  C CB  . VAL A 1 78  ? 6.183   13.491  -10.230 1.00 33.07 ? 78  VAL A CB  1 
ATOM   610  C CG1 . VAL A 1 78  ? 6.239   12.818  -11.602 1.00 31.57 ? 78  VAL A CG1 1 
ATOM   611  C CG2 . VAL A 1 78  ? 4.891   14.283  -10.077 1.00 31.83 ? 78  VAL A CG2 1 
ATOM   612  N N   . GLY A 1 79  ? 7.741   10.572  -9.742  1.00 31.04 ? 79  GLY A N   1 
ATOM   613  C CA  . GLY A 1 79  ? 8.994   9.841   -9.850  1.00 30.24 ? 79  GLY A CA  1 
ATOM   614  C C   . GLY A 1 79  ? 8.778   8.467   -10.437 1.00 32.96 ? 79  GLY A C   1 
ATOM   615  O O   . GLY A 1 79  ? 7.638   8.080   -10.727 1.00 32.12 ? 79  GLY A O   1 
ATOM   616  N N   . PRO A 1 80  ? 9.871   7.702   -10.607 1.00 34.80 ? 80  PRO A N   1 
ATOM   617  C CA  . PRO A 1 80  ? 9.804   6.458   -11.391 1.00 33.08 ? 80  PRO A CA  1 
ATOM   618  C C   . PRO A 1 80  ? 9.084   5.303   -10.709 1.00 33.51 ? 80  PRO A C   1 
ATOM   619  O O   . PRO A 1 80  ? 9.591   4.186   -10.729 1.00 34.72 ? 80  PRO A O   1 
ATOM   620  C CB  . PRO A 1 80  ? 11.270  6.122   -11.637 1.00 33.05 ? 80  PRO A CB  1 
ATOM   621  C CG  . PRO A 1 80  ? 12.004  6.769   -10.517 1.00 32.20 ? 80  PRO A CG  1 
ATOM   622  C CD  . PRO A 1 80  ? 11.244  8.009   -10.157 1.00 33.40 ? 80  PRO A CD  1 
ATOM   623  N N   . THR A 1 81  ? 7.906   5.574   -10.135 1.00 32.72 ? 81  THR A N   1 
ATOM   624  C CA  . THR A 1 81  ? 7.070   4.563   -9.471  1.00 31.19 ? 81  THR A CA  1 
ATOM   625  C C   . THR A 1 81  ? 6.425   3.633   -10.496 1.00 31.85 ? 81  THR A C   1 
ATOM   626  O O   . THR A 1 81  ? 6.016   4.077   -11.558 1.00 31.97 ? 81  THR A O   1 
ATOM   627  C CB  . THR A 1 81  ? 5.946   5.199   -8.606  1.00 30.82 ? 81  THR A CB  1 
ATOM   628  O OG1 . THR A 1 81  ? 5.074   4.172   -8.114  1.00 29.88 ? 81  THR A OG1 1 
ATOM   629  C CG2 . THR A 1 81  ? 5.104   6.166   -9.423  1.00 31.09 ? 81  THR A CG2 1 
ATOM   630  N N   . PRO A 1 82  ? 6.347   2.333   -10.183 1.00 32.22 ? 82  PRO A N   1 
ATOM   631  C CA  . PRO A 1 82  ? 5.711   1.348   -11.069 1.00 31.46 ? 82  PRO A CA  1 
ATOM   632  C C   . PRO A 1 82  ? 4.181   1.463   -11.145 1.00 31.97 ? 82  PRO A C   1 
ATOM   633  O O   . PRO A 1 82  ? 3.556   0.837   -12.021 1.00 31.25 ? 82  PRO A O   1 
ATOM   634  C CB  . PRO A 1 82  ? 6.086   0.006   -10.428 1.00 30.86 ? 82  PRO A CB  1 
ATOM   635  C CG  . PRO A 1 82  ? 6.411   0.331   -9.008  1.00 31.81 ? 82  PRO A CG  1 
ATOM   636  C CD  . PRO A 1 82  ? 7.040   1.687   -9.047  1.00 33.02 ? 82  PRO A CD  1 
ATOM   637  N N   . ALA A 1 83  ? 3.587   2.233   -10.226 1.00 31.24 ? 83  ALA A N   1 
ATOM   638  C CA  . ALA A 1 83  ? 2.132   2.429   -10.189 1.00 31.08 ? 83  ALA A CA  1 
ATOM   639  C C   . ALA A 1 83  ? 1.794   3.796   -9.654  1.00 29.12 ? 83  ALA A C   1 
ATOM   640  O O   . ALA A 1 83  ? 2.420   4.260   -8.703  1.00 31.98 ? 83  ALA A O   1 
ATOM   641  C CB  . ALA A 1 83  ? 1.462   1.352   -9.333  1.00 31.86 ? 83  ALA A CB  1 
ATOM   642  N N   . ASN A 1 84  ? 0.816   4.454   -10.266 1.00 27.85 ? 84  ASN A N   1 
ATOM   643  C CA  . ASN A 1 84  ? 0.247   5.654   -9.661  1.00 27.15 ? 84  ASN A CA  1 
ATOM   644  C C   . ASN A 1 84  ? -0.408  5.254   -8.342  1.00 25.78 ? 84  ASN A C   1 
ATOM   645  O O   . ASN A 1 84  ? -1.167  4.282   -8.302  1.00 26.06 ? 84  ASN A O   1 
ATOM   646  C CB  . ASN A 1 84  ? -0.767  6.321   -10.594 1.00 28.20 ? 84  ASN A CB  1 
ATOM   647  C CG  . ASN A 1 84  ? -0.147  6.765   -11.913 1.00 29.46 ? 84  ASN A CG  1 
ATOM   648  O OD1 . ASN A 1 84  ? 0.985   7.260   -11.945 1.00 27.95 ? 84  ASN A OD1 1 
ATOM   649  N ND2 . ASN A 1 84  ? -0.898  6.599   -13.015 1.00 25.91 ? 84  ASN A ND2 1 
ATOM   650  N N   . ILE A 1 85  ? -0.107  5.996   -7.278  1.00 24.68 ? 85  ILE A N   1 
ATOM   651  C CA  . ILE A 1 85  ? -0.469  5.623   -5.904  1.00 24.95 ? 85  ILE A CA  1 
ATOM   652  C C   . ILE A 1 85  ? -1.137  6.792   -5.191  1.00 23.82 ? 85  ILE A C   1 
ATOM   653  O O   . ILE A 1 85  ? -0.542  7.845   -5.056  1.00 22.62 ? 85  ILE A O   1 
ATOM   654  C CB  . ILE A 1 85  ? 0.788   5.214   -5.094  1.00 26.33 ? 85  ILE A CB  1 
ATOM   655  C CG1 . ILE A 1 85  ? 1.340   3.868   -5.560  1.00 27.64 ? 85  ILE A CG1 1 
ATOM   656  C CG2 . ILE A 1 85  ? 0.502   5.101   -3.600  1.00 27.20 ? 85  ILE A CG2 1 
ATOM   657  C CD1 . ILE A 1 85  ? 2.662   3.566   -4.877  1.00 30.62 ? 85  ILE A CD1 1 
ATOM   658  N N   . ILE A 1 86  ? -2.362  6.592   -4.702  1.00 22.94 ? 86  ILE A N   1 
ATOM   659  C CA  . ILE A 1 86  ? -3.012  7.610   -3.876  1.00 22.07 ? 86  ILE A CA  1 
ATOM   660  C C   . ILE A 1 86  ? -2.820  7.209   -2.438  1.00 22.11 ? 86  ILE A C   1 
ATOM   661  O O   . ILE A 1 86  ? -3.323  6.175   -2.029  1.00 22.68 ? 86  ILE A O   1 
ATOM   662  C CB  . ILE A 1 86  ? -4.536  7.747   -4.157  1.00 21.78 ? 86  ILE A CB  1 
ATOM   663  C CG1 . ILE A 1 86  ? -4.819  7.928   -5.663  1.00 20.28 ? 86  ILE A CG1 1 
ATOM   664  C CG2 . ILE A 1 86  ? -5.142  8.858   -3.279  1.00 20.66 ? 86  ILE A CG2 1 
ATOM   665  C CD1 . ILE A 1 86  ? -4.229  9.164   -6.291  1.00 20.78 ? 86  ILE A CD1 1 
ATOM   666  N N   . GLY A 1 87  ? -2.090  8.032   -1.687  1.00 22.89 ? 87  GLY A N   1 
ATOM   667  C CA  . GLY A 1 87  ? -1.722  7.744   -0.313  1.00 21.90 ? 87  GLY A CA  1 
ATOM   668  C C   . GLY A 1 87  ? -2.664  8.420   0.667   1.00 22.48 ? 87  GLY A C   1 
ATOM   669  O O   . GLY A 1 87  ? -3.568  9.165   0.271   1.00 22.28 ? 87  GLY A O   1 
ATOM   670  N N   . ARG A 1 88  ? -2.435  8.176   1.950   1.00 22.16 ? 88  ARG A N   1 
ATOM   671  C CA  . ARG A 1 88  ? -3.371  8.606   3.005   1.00 22.46 ? 88  ARG A CA  1 
ATOM   672  C C   . ARG A 1 88  ? -3.508  10.131  3.082   1.00 22.96 ? 88  ARG A C   1 
ATOM   673  O O   . ARG A 1 88  ? -4.542  10.610  3.533   1.00 23.29 ? 88  ARG A O   1 
ATOM   674  C CB  . ARG A 1 88  ? -2.965  8.047   4.379   1.00 21.60 ? 88  ARG A CB  1 
ATOM   675  C CG  . ARG A 1 88  ? -3.000  6.522   4.510   1.00 22.30 ? 88  ARG A CG  1 
ATOM   676  C CD  . ARG A 1 88  ? -2.576  6.049   5.911   1.00 22.63 ? 88  ARG A CD  1 
ATOM   677  N NE  . ARG A 1 88  ? -1.191  6.429   6.253   1.00 24.23 ? 88  ARG A NE  1 
ATOM   678  C CZ  . ARG A 1 88  ? -0.851  7.497   6.987   1.00 22.86 ? 88  ARG A CZ  1 
ATOM   679  N NH1 . ARG A 1 88  ? 0.428   7.748   7.232   1.00 21.38 ? 88  ARG A NH1 1 
ATOM   680  N NH2 . ARG A 1 88  ? -1.789  8.323   7.464   1.00 21.71 ? 88  ARG A NH2 1 
ATOM   681  N N   . ASN A 1 89  ? -2.480  10.882  2.661   1.00 22.13 ? 89  ASN A N   1 
ATOM   682  C CA  . ASN A 1 89  ? -2.604  12.345  2.571   1.00 23.58 ? 89  ASN A CA  1 
ATOM   683  C C   . ASN A 1 89  ? -3.796  12.821  1.716   1.00 24.05 ? 89  ASN A C   1 
ATOM   684  O O   . ASN A 1 89  ? -4.391  13.848  2.012   1.00 23.38 ? 89  ASN A O   1 
ATOM   685  C CB  . ASN A 1 89  ? -1.284  13.018  2.114   1.00 23.92 ? 89  ASN A CB  1 
ATOM   686  C CG  . ASN A 1 89  ? -1.012  12.847  0.643   1.00 24.11 ? 89  ASN A CG  1 
ATOM   687  O OD1 . ASN A 1 89  ? -0.869  11.729  0.146   1.00 26.62 ? 89  ASN A OD1 1 
ATOM   688  N ND2 . ASN A 1 89  ? -0.919  13.953  -0.063  1.00 24.89 ? 89  ASN A ND2 1 
ATOM   689  N N   . LEU A 1 90  ? -4.137  12.075  0.659   1.00 25.59 ? 90  LEU A N   1 
ATOM   690  C CA  . LEU A 1 90  ? -5.330  12.377  -0.151  1.00 25.85 ? 90  LEU A CA  1 
ATOM   691  C C   . LEU A 1 90  ? -6.523  11.521  0.223   1.00 27.66 ? 90  LEU A C   1 
ATOM   692  O O   . LEU A 1 90  ? -7.661  11.996  0.117   1.00 30.12 ? 90  LEU A O   1 
ATOM   693  C CB  . LEU A 1 90  ? -5.056  12.269  -1.657  1.00 25.48 ? 90  LEU A CB  1 
ATOM   694  C CG  . LEU A 1 90  ? -3.955  13.164  -2.224  1.00 25.70 ? 90  LEU A CG  1 
ATOM   695  C CD1 . LEU A 1 90  ? -3.944  13.121  -3.737  1.00 23.93 ? 90  LEU A CD1 1 
ATOM   696  C CD2 . LEU A 1 90  ? -4.095  14.593  -1.715  1.00 28.43 ? 90  LEU A CD2 1 
ATOM   697  N N   . LEU A 1 91  ? -6.277  10.293  0.695   1.00 26.58 ? 91  LEU A N   1 
ATOM   698  C CA  . LEU A 1 91  ? -7.368  9.380   1.083   1.00 28.17 ? 91  LEU A CA  1 
ATOM   699  C C   . LEU A 1 91  ? -8.243  9.929   2.230   1.00 29.29 ? 91  LEU A C   1 
ATOM   700  O O   . LEU A 1 91  ? -9.480  9.773   2.232   1.00 28.65 ? 91  LEU A O   1 
ATOM   701  C CB  . LEU A 1 91  ? -6.835  7.976   1.398   1.00 26.34 ? 91  LEU A CB  1 
ATOM   702  C CG  . LEU A 1 91  ? -6.223  7.123   0.264   1.00 25.84 ? 91  LEU A CG  1 
ATOM   703  C CD1 . LEU A 1 91  ? -5.598  5.834   0.794   1.00 24.50 ? 91  LEU A CD1 1 
ATOM   704  C CD2 . LEU A 1 91  ? -7.247  6.811   -0.824  1.00 23.76 ? 91  LEU A CD2 1 
ATOM   705  N N   . THR A 1 92  ? -7.607  10.610  3.178   1.00 30.01 ? 92  THR A N   1 
ATOM   706  C CA  . THR A 1 92  ? -8.334  11.228  4.303   1.00 32.06 ? 92  THR A CA  1 
ATOM   707  C C   . THR A 1 92  ? -9.273  12.337  3.853   1.00 32.93 ? 92  THR A C   1 
ATOM   708  O O   . THR A 1 92  ? -10.239 12.656  4.551   1.00 34.85 ? 92  THR A O   1 
ATOM   709  C CB  . THR A 1 92  ? -7.370  11.830  5.337   1.00 31.37 ? 92  THR A CB  1 
ATOM   710  O OG1 . THR A 1 92  ? -6.452  12.709  4.675   1.00 32.79 ? 92  THR A OG1 1 
ATOM   711  C CG2 . THR A 1 92  ? -6.584  10.731  6.028   1.00 31.14 ? 92  THR A CG2 1 
ATOM   712  N N   . GLN A 1 93  ? -8.967  12.929  2.698   1.00 34.00 ? 93  GLN A N   1 
ATOM   713  C CA  . GLN A 1 93  ? -9.737  14.056  2.154   1.00 33.19 ? 93  GLN A CA  1 
ATOM   714  C C   . GLN A 1 93  ? -10.967 13.603  1.372   1.00 31.28 ? 93  GLN A C   1 
ATOM   715  O O   . GLN A 1 93  ? -11.870 14.397  1.132   1.00 31.00 ? 93  GLN A O   1 
ATOM   716  C CB  . GLN A 1 93  ? -8.857  14.959  1.291   1.00 35.15 ? 93  GLN A CB  1 
ATOM   717  C CG  . GLN A 1 93  ? -7.732  15.664  2.047   1.00 35.22 ? 93  GLN A CG  1 
ATOM   718  C CD  . GLN A 1 93  ? -6.942  16.588  1.142   1.00 39.28 ? 93  GLN A CD  1 
ATOM   719  O OE1 . GLN A 1 93  ? -7.517  17.372  0.370   1.00 41.81 ? 93  GLN A OE1 1 
ATOM   720  N NE2 . GLN A 1 93  ? -5.614  16.512  1.231   1.00 39.82 ? 93  GLN A NE2 1 
ATOM   721  N N   . ILE A 1 94  ? -11.007 12.330  0.992   1.00 30.31 ? 94  ILE A N   1 
ATOM   722  C CA  . ILE A 1 94  ? -12.206 11.771  0.362   1.00 29.33 ? 94  ILE A CA  1 
ATOM   723  C C   . ILE A 1 94  ? -13.045 10.944  1.347   1.00 29.97 ? 94  ILE A C   1 
ATOM   724  O O   . ILE A 1 94  ? -13.924 10.191  0.938   1.00 31.50 ? 94  ILE A O   1 
ATOM   725  C CB  . ILE A 1 94  ? -11.912 11.002  -0.964  1.00 29.70 ? 94  ILE A CB  1 
ATOM   726  C CG1 . ILE A 1 94  ? -11.027 9.754   -0.770  1.00 28.41 ? 94  ILE A CG1 1 
ATOM   727  C CG2 . ILE A 1 94  ? -11.330 11.945  -2.015  1.00 29.53 ? 94  ILE A CG2 1 
ATOM   728  C CD1 . ILE A 1 94  ? -10.897 8.881   -2.018  1.00 28.51 ? 94  ILE A CD1 1 
ATOM   729  N N   . GLY A 1 95  ? -12.762 11.103  2.644   1.00 30.58 ? 95  GLY A N   1 
ATOM   730  C CA  . GLY A 1 95  ? -13.422 10.346  3.713   1.00 30.60 ? 95  GLY A CA  1 
ATOM   731  C C   . GLY A 1 95  ? -13.241 8.840   3.594   1.00 31.98 ? 95  GLY A C   1 
ATOM   732  O O   . GLY A 1 95  ? -14.153 8.075   3.887   1.00 32.35 ? 95  GLY A O   1 
ATOM   733  N N   . CYS A 1 96  ? -12.060 8.408   3.163   1.00 32.66 ? 96  CYS A N   1 
ATOM   734  C CA  . CYS A 1 96  ? -11.820 6.989   2.903   1.00 31.45 ? 96  CYS A CA  1 
ATOM   735  C C   . CYS A 1 96  ? -11.529 6.247   4.194   1.00 32.08 ? 96  CYS A C   1 
ATOM   736  O O   . CYS A 1 96  ? -10.621 6.641   4.947   1.00 30.87 ? 96  CYS A O   1 
ATOM   737  C CB  . CYS A 1 96  ? -10.659 6.809   1.928   1.00 31.53 ? 96  CYS A CB  1 
ATOM   738  S SG  . CYS A 1 96  ? -10.311 5.096   1.490   1.00 34.82 ? 96  CYS A SG  1 
ATOM   739  N N   . THR A 1 97  ? -12.299 5.181   4.442   1.00 29.34 ? 97  THR A N   1 
ATOM   740  C CA  . THR A 1 97  ? -12.080 4.321   5.595   1.00 29.05 ? 97  THR A CA  1 
ATOM   741  C C   . THR A 1 97  ? -11.793 2.885   5.166   1.00 29.45 ? 97  THR A C   1 
ATOM   742  O O   . THR A 1 97  ? -12.087 2.487   4.031   1.00 30.68 ? 97  THR A O   1 
ATOM   743  C CB  . THR A 1 97  ? -13.272 4.347   6.578   1.00 28.14 ? 97  THR A CB  1 
ATOM   744  O OG1 . THR A 1 97  ? -14.442 3.804   5.951   1.00 29.08 ? 97  THR A OG1 1 
ATOM   745  C CG2 . THR A 1 97  ? -13.559 5.778   7.061   1.00 28.15 ? 97  THR A CG2 1 
ATOM   746  N N   . LEU A 1 98  ? -11.184 2.113   6.055   1.00 29.27 ? 98  LEU A N   1 
ATOM   747  C CA  . LEU A 1 98  ? -11.141 0.662   5.881   1.00 30.83 ? 98  LEU A CA  1 
ATOM   748  C C   . LEU A 1 98  ? -12.228 0.083   6.757   1.00 30.66 ? 98  LEU A C   1 
ATOM   749  O O   . LEU A 1 98  ? -12.486 0.609   7.835   1.00 29.66 ? 98  LEU A O   1 
ATOM   750  C CB  . LEU A 1 98  ? -9.777  0.087   6.286   1.00 30.78 ? 98  LEU A CB  1 
ATOM   751  C CG  . LEU A 1 98  ? -8.549  0.298   5.407   1.00 29.25 ? 98  LEU A CG  1 
ATOM   752  C CD1 . LEU A 1 98  ? -7.283  -0.010  6.191   1.00 27.04 ? 98  LEU A CD1 1 
ATOM   753  C CD2 . LEU A 1 98  ? -8.642  -0.610  4.198   1.00 29.75 ? 98  LEU A CD2 1 
ATOM   754  N N   . ASN A 1 99  ? -12.869 -0.980  6.277   1.00 32.86 ? 99  ASN A N   1 
ATOM   755  C CA  . ASN A 1 99  ? -13.964 -1.634  6.969   1.00 34.05 ? 99  ASN A CA  1 
ATOM   756  C C   . ASN A 1 99  ? -13.785 -3.147  6.928   1.00 36.40 ? 99  ASN A C   1 
ATOM   757  O O   . ASN A 1 99  ? -13.545 -3.718  5.861   1.00 35.16 ? 99  ASN A O   1 
ATOM   758  C CB  . ASN A 1 99  ? -15.294 -1.307  6.287   1.00 35.81 ? 99  ASN A CB  1 
ATOM   759  C CG  . ASN A 1 99  ? -15.778 0.112   6.551   1.00 38.51 ? 99  ASN A CG  1 
ATOM   760  O OD1 . ASN A 1 99  ? -15.069 1.086   6.287   1.00 41.21 ? 99  ASN A OD1 1 
ATOM   761  N ND2 . ASN A 1 99  ? -17.020 0.236   7.025   1.00 37.83 ? 99  ASN A ND2 1 
ATOM   762  N N   . PHE A 1 100 ? -13.927 -3.801  8.081   1.00 37.95 ? 100 PHE A N   1 
ATOM   763  C CA  . PHE A 1 100 ? -13.866 -5.260  8.153   1.00 42.76 ? 100 PHE A CA  1 
ATOM   764  C C   . PHE A 1 100 ? -14.543 -5.837  9.396   1.00 46.31 ? 100 PHE A C   1 
ATOM   765  O O   . PHE A 1 100 ? -14.683 -5.180  10.434  1.00 43.82 ? 100 PHE A O   1 
ATOM   766  C CB  . PHE A 1 100 ? -12.419 -5.774  8.019   1.00 43.27 ? 100 PHE A CB  1 
ATOM   767  C CG  . PHE A 1 100 ? -11.479 -5.227  9.045   1.00 43.90 ? 100 PHE A CG  1 
ATOM   768  C CD1 . PHE A 1 100 ? -10.903 -3.981  8.878   1.00 43.73 ? 100 PHE A CD1 1 
ATOM   769  C CD2 . PHE A 1 100 ? -11.161 -5.967  10.186  1.00 46.91 ? 100 PHE A CD2 1 
ATOM   770  C CE1 . PHE A 1 100 ? -10.039 -3.466  9.832   1.00 44.50 ? 100 PHE A CE1 1 
ATOM   771  C CE2 . PHE A 1 100 ? -10.287 -5.462  11.140  1.00 44.20 ? 100 PHE A CE2 1 
ATOM   772  C CZ  . PHE A 1 100 ? -9.729  -4.211  10.961  1.00 45.08 ? 100 PHE A CZ  1 
ATOM   773  O OXT . PHE A 1 100 ? -14.970 -7.000  9.388   1.00 53.73 ? 100 PHE A OXT 1 
ATOM   774  N N   . PRO B 1 1   ? -14.492 -3.567  12.719  1.00 40.44 ? 1   PRO B N   1 
ATOM   775  C CA  . PRO B 1 1   ? -14.340 -2.141  12.986  1.00 40.30 ? 1   PRO B CA  1 
ATOM   776  C C   . PRO B 1 1   ? -14.220 -1.309  11.708  1.00 40.13 ? 1   PRO B C   1 
ATOM   777  O O   . PRO B 1 1   ? -13.910 -1.835  10.638  1.00 37.37 ? 1   PRO B O   1 
ATOM   778  C CB  . PRO B 1 1   ? -13.026 -2.062  13.783  1.00 42.90 ? 1   PRO B CB  1 
ATOM   779  C CG  . PRO B 1 1   ? -12.300 -3.330  13.488  1.00 41.82 ? 1   PRO B CG  1 
ATOM   780  C CD  . PRO B 1 1   ? -13.355 -4.362  13.224  1.00 42.48 ? 1   PRO B CD  1 
ATOM   781  N N   . GLN B 1 2   ? -14.477 -0.012  11.831  1.00 40.50 ? 2   GLN B N   1 
ATOM   782  C CA  . GLN B 1 2   ? -14.253 0.920   10.739  1.00 40.07 ? 2   GLN B CA  1 
ATOM   783  C C   . GLN B 1 2   ? -13.079 1.809   11.127  1.00 38.38 ? 2   GLN B C   1 
ATOM   784  O O   . GLN B 1 2   ? -13.077 2.392   12.197  1.00 42.83 ? 2   GLN B O   1 
ATOM   785  C CB  . GLN B 1 2   ? -15.522 1.736   10.438  1.00 41.32 ? 2   GLN B CB  1 
ATOM   786  C CG  . GLN B 1 2   ? -15.358 2.682   9.260   1.00 43.09 ? 2   GLN B CG  1 
ATOM   787  C CD  . GLN B 1 2   ? -16.585 3.530   8.971   1.00 46.27 ? 2   GLN B CD  1 
ATOM   788  O OE1 . GLN B 1 2   ? -17.085 3.555   7.841   1.00 46.39 ? 2   GLN B OE1 1 
ATOM   789  N NE2 . GLN B 1 2   ? -17.065 4.246   9.979   1.00 45.08 ? 2   GLN B NE2 1 
ATOM   790  N N   . ILE B 1 3   ? -12.081 1.903   10.256  1.00 38.47 ? 3   ILE B N   1 
ATOM   791  C CA  . ILE B 1 3   ? -10.821 2.574   10.578  1.00 37.98 ? 3   ILE B CA  1 
ATOM   792  C C   . ILE B 1 3   ? -10.534 3.734   9.605   1.00 38.38 ? 3   ILE B C   1 
ATOM   793  O O   . ILE B 1 3   ? -10.546 3.549   8.387   1.00 37.41 ? 3   ILE B O   1 
ATOM   794  C CB  . ILE B 1 3   ? -9.669  1.529   10.670  1.00 40.31 ? 3   ILE B CB  1 
ATOM   795  C CG1 . ILE B 1 3   ? -8.290  2.165   10.723  1.00 40.97 ? 3   ILE B CG1 1 
ATOM   796  C CG2 . ILE B 1 3   ? -9.688  0.544   9.508   1.00 40.89 ? 3   ILE B CG2 1 
ATOM   797  C CD1 . ILE B 1 3   ? -7.182  1.127   10.763  1.00 42.46 ? 3   ILE B CD1 1 
ATOM   798  N N   . THR B 1 4   ? -10.308 4.937   10.143  1.00 37.25 ? 4   THR B N   1 
ATOM   799  C CA  . THR B 1 4   ? -9.982  6.110   9.311   1.00 34.98 ? 4   THR B CA  1 
ATOM   800  C C   . THR B 1 4   ? -8.485  6.108   9.023   1.00 32.89 ? 4   THR B C   1 
ATOM   801  O O   . THR B 1 4   ? -7.754  5.292   9.585   1.00 32.41 ? 4   THR B O   1 
ATOM   802  C CB  . THR B 1 4   ? -10.394 7.453   9.968   1.00 36.99 ? 4   THR B CB  1 
ATOM   803  O OG1 . THR B 1 4   ? -9.910  7.508   11.317  1.00 40.43 ? 4   THR B OG1 1 
ATOM   804  C CG2 . THR B 1 4   ? -11.925 7.644   9.949   1.00 34.43 ? 4   THR B CG2 1 
ATOM   805  N N   . LEU B 1 5   ? -8.030  7.020   8.163   1.00 29.06 ? 5   LEU B N   1 
ATOM   806  C CA  . LEU B 1 5   ? -6.675  6.934   7.622   1.00 28.74 ? 5   LEU B CA  1 
ATOM   807  C C   . LEU B 1 5   ? -5.739  8.103   7.991   1.00 28.32 ? 5   LEU B C   1 
ATOM   808  O O   . LEU B 1 5   ? -4.741  8.356   7.306   1.00 27.50 ? 5   LEU B O   1 
ATOM   809  C CB  . LEU B 1 5   ? -6.717  6.656   6.103   1.00 27.71 ? 5   LEU B CB  1 
ATOM   810  C CG  . LEU B 1 5   ? -7.324  5.292   5.699   1.00 26.82 ? 5   LEU B CG  1 
ATOM   811  C CD1 . LEU B 1 5   ? -7.761  5.276   4.246   1.00 25.26 ? 5   LEU B CD1 1 
ATOM   812  C CD2 . LEU B 1 5   ? -6.357  4.133   5.978   1.00 27.05 ? 5   LEU B CD2 1 
ATOM   813  N N   . TRP B 1 6   ? -6.053  8.785   9.093   1.00 28.25 ? 6   TRP B N   1 
ATOM   814  C CA  . TRP B 1 6   ? -5.176  9.833   9.645   1.00 28.81 ? 6   TRP B CA  1 
ATOM   815  C C   . TRP B 1 6   ? -3.946  9.268   10.285  1.00 29.47 ? 6   TRP B C   1 
ATOM   816  O O   . TRP B 1 6   ? -2.935  9.949   10.376  1.00 32.73 ? 6   TRP B O   1 
ATOM   817  C CB  . TRP B 1 6   ? -5.949  10.729  10.614  1.00 29.91 ? 6   TRP B CB  1 
ATOM   818  C CG  . TRP B 1 6   ? -7.161  11.366  9.969   1.00 29.25 ? 6   TRP B CG  1 
ATOM   819  C CD1 . TRP B 1 6   ? -8.472  10.893  9.966   1.00 28.86 ? 6   TRP B CD1 1 
ATOM   820  C CD2 . TRP B 1 6   ? -7.204  12.608  9.179   1.00 28.91 ? 6   TRP B CD2 1 
ATOM   821  N NE1 . TRP B 1 6   ? -9.301  11.736  9.262   1.00 28.71 ? 6   TRP B NE1 1 
ATOM   822  C CE2 . TRP B 1 6   ? -8.606  12.782  8.760   1.00 29.08 ? 6   TRP B CE2 1 
ATOM   823  C CE3 . TRP B 1 6   ? -6.265  13.555  8.798   1.00 30.20 ? 6   TRP B CE3 1 
ATOM   824  C CZ2 . TRP B 1 6   ? -9.023  13.872  7.993   1.00 29.97 ? 6   TRP B CZ2 1 
ATOM   825  C CZ3 . TRP B 1 6   ? -6.687  14.639  8.009   1.00 32.34 ? 6   TRP B CZ3 1 
ATOM   826  C CH2 . TRP B 1 6   ? -8.043  14.799  7.623   1.00 29.51 ? 6   TRP B CH2 1 
ATOM   827  N N   . GLN B 1 7   ? -4.016  8.012   10.729  1.00 30.56 ? 7   GLN B N   1 
ATOM   828  C CA  . GLN B 1 7   ? -2.854  7.241   11.214  1.00 30.24 ? 7   GLN B CA  1 
ATOM   829  C C   . GLN B 1 7   ? -2.609  6.073   10.250  1.00 28.96 ? 7   GLN B C   1 
ATOM   830  O O   . GLN B 1 7   ? -3.544  5.600   9.609   1.00 27.47 ? 7   GLN B O   1 
ATOM   831  C CB  . GLN B 1 7   ? -3.165  6.628   12.591  1.00 31.10 ? 7   GLN B CB  1 
ATOM   832  C CG  . GLN B 1 7   ? -3.206  7.613   13.753  1.00 36.11 ? 7   GLN B CG  1 
ATOM   833  C CD  . GLN B 1 7   ? -3.793  7.008   15.025  1.00 33.67 ? 7   GLN B CD  1 
ATOM   834  O OE1 . GLN B 1 7   ? -4.708  6.182   14.976  0.25 33.72 ? 7   GLN B OE1 1 
ATOM   835  N NE2 . GLN B 1 7   ? -3.268  7.425   16.170  0.25 33.76 ? 7   GLN B NE2 1 
ATOM   836  N N   . ARG B 1 8   ? -1.376  5.584   10.179  1.00 27.59 ? 8   ARG B N   1 
ATOM   837  C CA  . ARG B 1 8   ? -1.090  4.354   9.437   1.00 28.13 ? 8   ARG B CA  1 
ATOM   838  C C   . ARG B 1 8   ? -1.981  3.244   10.010  1.00 26.40 ? 8   ARG B C   1 
ATOM   839  O O   . ARG B 1 8   ? -2.055  3.110   11.226  1.00 26.97 ? 8   ARG B O   1 
ATOM   840  C CB  . ARG B 1 8   ? 0.382   3.978   9.570   1.00 28.24 ? 8   ARG B CB  1 
ATOM   841  C CG  . ARG B 1 8   ? 1.365   5.029   9.065   1.00 30.53 ? 8   ARG B CG  1 
ATOM   842  C CD  . ARG B 1 8   ? 2.795   4.625   9.369   1.00 36.52 ? 8   ARG B CD  1 
ATOM   843  N NE  . ARG B 1 8   ? 3.750   5.163   8.404   1.00 43.41 ? 8   ARG B NE  1 
ATOM   844  C CZ  . ARG B 1 8   ? 4.907   4.575   8.069   1.00 52.76 ? 8   ARG B CZ  1 
ATOM   845  N NH1 . ARG B 1 8   ? 5.703   5.152   7.165   1.00 55.00 ? 8   ARG B NH1 1 
ATOM   846  N NH2 . ARG B 1 8   ? 5.277   3.411   8.621   1.00 51.63 ? 8   ARG B NH2 1 
ATOM   847  N N   . PRO B 1 9   ? -2.691  2.476   9.148   1.00 24.72 ? 9   PRO B N   1 
ATOM   848  C CA  . PRO B 1 9   ? -3.596  1.399   9.626   1.00 24.02 ? 9   PRO B CA  1 
ATOM   849  C C   . PRO B 1 9   ? -2.909  0.101   10.142  1.00 24.22 ? 9   PRO B C   1 
ATOM   850  O O   . PRO B 1 9   ? -3.080  -0.986  9.551   1.00 24.27 ? 9   PRO B O   1 
ATOM   851  C CB  . PRO B 1 9   ? -4.479  1.118   8.398   1.00 23.68 ? 9   PRO B CB  1 
ATOM   852  C CG  . PRO B 1 9   ? -3.668  1.538   7.225   1.00 23.21 ? 9   PRO B CG  1 
ATOM   853  C CD  . PRO B 1 9   ? -2.749  2.644   7.683   1.00 24.03 ? 9   PRO B CD  1 
ATOM   854  N N   . PHE B 1 10  ? -2.141  0.215   11.230  1.00 23.41 ? 10  PHE B N   1 
ATOM   855  C CA  . PHE B 1 10  ? -1.515  -0.950  11.879  1.00 23.44 ? 10  PHE B CA  1 
ATOM   856  C C   . PHE B 1 10  ? -2.552  -1.735  12.703  1.00 23.77 ? 10  PHE B C   1 
ATOM   857  O O   . PHE B 1 10  ? -3.372  -1.126  13.396  1.00 24.34 ? 10  PHE B O   1 
ATOM   858  C CB  . PHE B 1 10  ? -0.309  -0.536  12.759  1.00 22.55 ? 10  PHE B CB  1 
ATOM   859  C CG  . PHE B 1 10  ? 0.984   -0.340  11.983  1.00 23.44 ? 10  PHE B CG  1 
ATOM   860  C CD1 . PHE B 1 10  ? 1.711   -1.431  11.519  1.00 23.78 ? 10  PHE B CD1 1 
ATOM   861  C CD2 . PHE B 1 10  ? 1.469   0.937   11.720  1.00 24.64 ? 10  PHE B CD2 1 
ATOM   862  C CE1 . PHE B 1 10  ? 2.887   -1.261  10.811  1.00 23.94 ? 10  PHE B CE1 1 
ATOM   863  C CE2 . PHE B 1 10  ? 2.640   1.126   11.000  1.00 23.48 ? 10  PHE B CE2 1 
ATOM   864  C CZ  . PHE B 1 10  ? 3.354   0.026   10.555  1.00 25.81 ? 10  PHE B CZ  1 
ATOM   865  N N   . VAL B 1 11  ? -2.551  -3.070  12.573  1.00 22.92 ? 11  VAL B N   1 
ATOM   866  C CA  . VAL B 1 11  ? -3.290  -3.969  13.491  1.00 23.15 ? 11  VAL B CA  1 
ATOM   867  C C   . VAL B 1 11  ? -2.335  -4.981  14.149  1.00 24.37 ? 11  VAL B C   1 
ATOM   868  O O   . VAL B 1 11  ? -1.235  -5.213  13.655  1.00 22.83 ? 11  VAL B O   1 
ATOM   869  C CB  . VAL B 1 11  ? -4.451  -4.730  12.794  1.00 22.97 ? 11  VAL B CB  1 
ATOM   870  C CG1 . VAL B 1 11  ? -5.569  -3.768  12.367  1.00 21.27 ? 11  VAL B CG1 1 
ATOM   871  C CG2 . VAL B 1 11  ? -3.931  -5.565  11.628  1.00 21.83 ? 11  VAL B CG2 1 
ATOM   872  N N   . THR B 1 12  ? -2.751  -5.560  15.272  1.00 26.73 ? 12  THR B N   1 
ATOM   873  C CA  . THR B 1 12  ? -1.961  -6.570  15.953  1.00 27.98 ? 12  THR B CA  1 
ATOM   874  C C   . THR B 1 12  ? -2.320  -7.914  15.351  1.00 28.95 ? 12  THR B C   1 
ATOM   875  O O   . THR B 1 12  ? -3.502  -8.238  15.166  1.00 30.15 ? 12  THR B O   1 
ATOM   876  C CB  . THR B 1 12  ? -2.174  -6.584  17.483  1.00 29.56 ? 12  THR B CB  1 
ATOM   877  O OG1 . THR B 1 12  ? -1.757  -5.329  18.038  1.00 32.68 ? 12  THR B OG1 1 
ATOM   878  C CG2 . THR B 1 12  ? -1.292  -7.634  18.101  1.00 32.28 ? 12  THR B CG2 1 
ATOM   879  N N   . VAL B 1 13  ? -1.281  -8.681  15.056  1.00 27.18 ? 13  VAL B N   1 
ATOM   880  C CA  . VAL B 1 13  ? -1.368  -9.896  14.280  1.00 28.03 ? 13  VAL B CA  1 
ATOM   881  C C   . VAL B 1 13  ? -0.555  -10.968 15.003  1.00 28.12 ? 13  VAL B C   1 
ATOM   882  O O   . VAL B 1 13  ? 0.475   -10.659 15.615  1.00 28.34 ? 13  VAL B O   1 
ATOM   883  C CB  . VAL B 1 13  ? -0.810  -9.626  12.864  1.00 28.66 ? 13  VAL B CB  1 
ATOM   884  C CG1 . VAL B 1 13  ? -0.590  -10.903 12.103  1.00 29.04 ? 13  VAL B CG1 1 
ATOM   885  C CG2 . VAL B 1 13  ? -1.746  -8.701  12.082  1.00 28.65 ? 13  VAL B CG2 1 
ATOM   886  N N   . LYS B 1 14  ? -1.025  -12.215 14.937  1.00 28.13 ? 14  LYS B N   1 
ATOM   887  C CA  . LYS B 1 14  ? -0.385  -13.337 15.591  1.00 28.12 ? 14  LYS B CA  1 
ATOM   888  C C   . LYS B 1 14  ? -0.197  -14.435 14.575  1.00 30.26 ? 14  LYS B C   1 
ATOM   889  O O   . LYS B 1 14  ? -1.157  -14.917 13.968  1.00 28.83 ? 14  LYS B O   1 
ATOM   890  C CB  . LYS B 1 14  ? -1.215  -13.838 16.784  1.00 29.61 ? 14  LYS B CB  1 
ATOM   891  C CG  . LYS B 1 14  ? -0.543  -14.930 17.610  1.00 31.39 ? 14  LYS B CG  1 
ATOM   892  C CD  . LYS B 1 14  ? -1.472  -15.482 18.686  1.00 34.30 ? 14  LYS B CD  1 
ATOM   893  C CE  . LYS B 1 14  ? -1.002  -16.852 19.179  1.00 37.90 ? 14  LYS B CE  1 
ATOM   894  N NZ  . LYS B 1 14  ? -2.058  -17.602 19.938  1.00 37.48 ? 14  LYS B NZ  1 
ATOM   895  N N   . ILE B 1 15  ? 1.060   -14.823 14.383  1.00 31.60 ? 15  ILE B N   1 
ATOM   896  C CA  . ILE B 1 15  ? 1.412   -15.806 13.380  1.00 31.61 ? 15  ILE B CA  1 
ATOM   897  C C   . ILE B 1 15  ? 2.414   -16.751 14.014  1.00 33.51 ? 15  ILE B C   1 
ATOM   898  O O   . ILE B 1 15  ? 3.475   -16.319 14.482  1.00 34.83 ? 15  ILE B O   1 
ATOM   899  C CB  . ILE B 1 15  ? 2.013   -15.154 12.113  1.00 33.01 ? 15  ILE B CB  1 
ATOM   900  C CG1 . ILE B 1 15  ? 1.018   -14.176 11.487  1.00 34.08 ? 15  ILE B CG1 1 
ATOM   901  C CG2 . ILE B 1 15  ? 2.401   -16.221 11.095  1.00 33.66 ? 15  ILE B CG2 1 
ATOM   902  C CD1 . ILE B 1 15  ? 1.599   -13.215 10.471  1.00 34.12 ? 15  ILE B CD1 1 
ATOM   903  N N   . ALA B 1 16  ? 2.055   -18.035 14.031  1.00 35.30 ? 16  ALA B N   1 
ATOM   904  C CA  . ALA B 1 16  ? 2.864   -19.118 14.576  1.00 33.16 ? 16  ALA B CA  1 
ATOM   905  C C   . ALA B 1 16  ? 3.379   -18.774 15.958  1.00 31.81 ? 16  ALA B C   1 
ATOM   906  O O   . ALA B 1 16  ? 4.581   -18.831 16.213  1.00 32.18 ? 16  ALA B O   1 
ATOM   907  C CB  . ALA B 1 16  ? 4.017   -19.449 13.626  1.00 36.73 ? 16  ALA B CB  1 
ATOM   908  N N   . GLY B 1 17  ? 2.464   -18.385 16.840  1.00 31.06 ? 17  GLY B N   1 
ATOM   909  C CA  . GLY B 1 17  ? 2.808   -18.053 18.210  1.00 28.89 ? 17  GLY B CA  1 
ATOM   910  C C   . GLY B 1 17  ? 3.456   -16.700 18.426  1.00 29.97 ? 17  GLY B C   1 
ATOM   911  O O   . GLY B 1 17  ? 3.553   -16.267 19.571  1.00 30.70 ? 17  GLY B O   1 
ATOM   912  N N   . GLN B 1 18  ? 3.906   -16.031 17.349  1.00 29.38 ? 18  GLN B N   1 
ATOM   913  C CA  . GLN B 1 18  ? 4.534   -14.682 17.429  1.00 28.29 ? 18  GLN B CA  1 
ATOM   914  C C   . GLN B 1 18  ? 3.554   -13.518 17.220  1.00 26.26 ? 18  GLN B C   1 
ATOM   915  O O   . GLN B 1 18  ? 2.648   -13.586 16.371  1.00 25.09 ? 18  GLN B O   1 
ATOM   916  C CB  . GLN B 1 18  ? 5.648   -14.544 16.397  1.00 29.06 ? 18  GLN B CB  1 
ATOM   917  C CG  . GLN B 1 18  ? 6.895   -15.348 16.691  1.00 31.91 ? 18  GLN B CG  1 
ATOM   918  C CD  . GLN B 1 18  ? 7.568   -15.832 15.421  1.00 32.62 ? 18  GLN B CD  1 
ATOM   919  O OE1 . GLN B 1 18  ? 7.156   -16.821 14.813  1.00 33.21 ? 18  GLN B OE1 1 
ATOM   920  N NE2 . GLN B 1 18  ? 8.598   -15.129 15.012  1.00 33.36 ? 18  GLN B NE2 1 
ATOM   921  N N   . LEU B 1 19  ? 3.768   -12.439 17.969  1.00 25.45 ? 19  LEU B N   1 
ATOM   922  C CA  . LEU B 1 19  ? 2.910   -11.248 17.894  1.00 25.92 ? 19  LEU B CA  1 
ATOM   923  C C   . LEU B 1 19  ? 3.652   -10.145 17.157  1.00 25.92 ? 19  LEU B C   1 
ATOM   924  O O   . LEU B 1 19  ? 4.862   -10.054 17.247  1.00 26.59 ? 19  LEU B O   1 
ATOM   925  C CB  . LEU B 1 19  ? 2.530   -10.756 19.293  1.00 24.30 ? 19  LEU B CB  1 
ATOM   926  C CG  . LEU B 1 19  ? 1.994   -11.788 20.288  1.00 23.74 ? 19  LEU B CG  1 
ATOM   927  C CD1 . LEU B 1 19  ? 1.837   -11.124 21.653  1.00 23.31 ? 19  LEU B CD1 1 
ATOM   928  C CD2 . LEU B 1 19  ? 0.673   -12.380 19.837  1.00 22.98 ? 19  LEU B CD2 1 
ATOM   929  N N   . MET B 1 20  ? 2.923   -9.322  16.421  1.00 26.34 ? 20  MET B N   1 
ATOM   930  C CA  . MET B 1 20  ? 3.523   -8.203  15.674  1.00 28.07 ? 20  MET B CA  1 
ATOM   931  C C   . MET B 1 20  ? 2.422   -7.247  15.200  1.00 26.49 ? 20  MET B C   1 
ATOM   932  O O   . MET B 1 20  ? 1.253   -7.599  15.185  1.00 25.81 ? 20  MET B O   1 
ATOM   933  C CB  . MET B 1 20  ? 4.299   -8.726  14.466  1.00 28.36 ? 20  MET B CB  1 
ATOM   934  C CG  . MET B 1 20  ? 3.388   -9.322  13.405  1.00 31.22 ? 20  MET B CG  1 
ATOM   935  S SD  . MET B 1 20  ? 4.200   -10.539 12.363  1.00 38.63 ? 20  MET B SD  1 
ATOM   936  C CE  . MET B 1 20  ? 4.607   -11.804 13.576  1.00 35.08 ? 20  MET B CE  1 
ATOM   937  N N   . GLU B 1 21  ? 2.802   -6.026  14.850  1.00 27.44 ? 21  GLU B N   1 
ATOM   938  C CA  . GLU B 1 21  ? 1.894   -5.104  14.196  1.00 26.09 ? 21  GLU B CA  1 
ATOM   939  C C   . GLU B 1 21  ? 2.143   -5.144  12.692  1.00 24.70 ? 21  GLU B C   1 
ATOM   940  O O   . GLU B 1 21  ? 3.280   -5.300  12.255  1.00 23.11 ? 21  GLU B O   1 
ATOM   941  C CB  . GLU B 1 21  ? 2.078   -3.704  14.749  1.00 27.30 ? 21  GLU B CB  1 
ATOM   942  C CG  . GLU B 1 21  ? 1.726   -3.640  16.224  1.00 30.39 ? 21  GLU B CG  1 
ATOM   943  C CD  . GLU B 1 21  ? 1.488   -2.237  16.692  1.00 30.25 ? 21  GLU B CD  1 
ATOM   944  O OE1 . GLU B 1 21  ? 0.424   -1.683  16.383  1.00 31.09 ? 21  GLU B OE1 1 
ATOM   945  O OE2 . GLU B 1 21  ? 2.360   -1.696  17.391  1.00 33.98 ? 21  GLU B OE2 1 
ATOM   946  N N   . ALA B 1 22  ? 1.071   -5.066  11.913  1.00 23.39 ? 22  ALA B N   1 
ATOM   947  C CA  . ALA B 1 22  ? 1.175   -5.086  10.469  1.00 23.29 ? 22  ALA B CA  1 
ATOM   948  C C   . ALA B 1 22  ? 0.219   -4.089  9.810   1.00 24.91 ? 22  ALA B C   1 
ATOM   949  O O   . ALA B 1 22  ? -0.843  -3.766  10.334  1.00 25.15 ? 22  ALA B O   1 
ATOM   950  C CB  . ALA B 1 22  ? 0.938   -6.480  9.939   1.00 22.47 ? 22  ALA B CB  1 
ATOM   951  N N   . LEU B 1 23  ? 0.607   -3.619  8.642   1.00 24.91 ? 23  LEU B N   1 
ATOM   952  C CA  . LEU B 1 23  ? -0.093  -2.543  7.994   1.00 26.52 ? 23  LEU B CA  1 
ATOM   953  C C   . LEU B 1 23  ? -1.186  -3.167  7.112   1.00 25.01 ? 23  LEU B C   1 
ATOM   954  O O   . LEU B 1 23  ? -0.930  -4.123  6.394   1.00 25.66 ? 23  LEU B O   1 
ATOM   955  C CB  . LEU B 1 23  ? 0.950   -1.727  7.210   1.00 27.21 ? 23  LEU B CB  1 
ATOM   956  C CG  . LEU B 1 23  ? 0.825   -0.279  6.747   1.00 29.10 ? 23  LEU B CG  1 
ATOM   957  C CD1 . LEU B 1 23  ? 0.689   0.683   7.915   1.00 28.13 ? 23  LEU B CD1 1 
ATOM   958  C CD2 . LEU B 1 23  ? 2.046   0.067   5.901   1.00 26.58 ? 23  LEU B CD2 1 
ATOM   959  N N   . LEU B 1 24  ? -2.421  -2.691  7.245   1.00 24.40 ? 24  LEU B N   1 
ATOM   960  C CA  . LEU B 1 24  ? -3.494  -3.091  6.330   1.00 24.49 ? 24  LEU B CA  1 
ATOM   961  C C   . LEU B 1 24  ? -3.252  -2.343  5.040   1.00 23.81 ? 24  LEU B C   1 
ATOM   962  O O   . LEU B 1 24  ? -3.356  -1.124  4.988   1.00 23.91 ? 24  LEU B O   1 
ATOM   963  C CB  . LEU B 1 24  ? -4.881  -2.772  6.895   1.00 25.03 ? 24  LEU B CB  1 
ATOM   964  C CG  . LEU B 1 24  ? -5.266  -3.428  8.231   1.00 25.38 ? 24  LEU B CG  1 
ATOM   965  C CD1 . LEU B 1 24  ? -6.685  -2.995  8.609   1.00 24.84 ? 24  LEU B CD1 1 
ATOM   966  C CD2 . LEU B 1 24  ? -5.133  -4.953  8.185   1.00 22.94 ? 24  LEU B CD2 1 
ATOM   967  N N   . ASP B 1 25  ? -2.857  -3.071  4.008   1.00 24.31 ? 25  ASP B N   1 
ATOM   968  C CA  . ASP B 1 25  ? -2.266  -2.416  2.852   1.00 25.26 ? 25  ASP B CA  1 
ATOM   969  C C   . ASP B 1 25  ? -3.016  -2.799  1.581   1.00 24.89 ? 25  ASP B C   1 
ATOM   970  O O   . ASP B 1 25  ? -2.734  -3.839  0.972   1.00 25.13 ? 25  ASP B O   1 
ATOM   971  C CB  . ASP B 1 25  ? -0.758  -2.739  2.798   1.00 25.53 ? 25  ASP B CB  1 
ATOM   972  C CG  . ASP B 1 25  ? -0.013  -1.956  1.721   1.00 26.30 ? 25  ASP B CG  1 
ATOM   973  O OD1 . ASP B 1 25  ? -0.651  -1.284  0.890   1.00 28.45 ? 25  ASP B OD1 1 
ATOM   974  O OD2 . ASP B 1 25  ? 1.226   -2.025  1.698   1.00 25.05 ? 25  ASP B OD2 1 
ATOM   975  N N   . THR B 1 26  ? -3.971  -1.942  1.196   1.00 25.16 ? 26  THR B N   1 
ATOM   976  C CA  . THR B 1 26  ? -4.770  -2.132  -0.024  1.00 24.81 ? 26  THR B CA  1 
ATOM   977  C C   . THR B 1 26  ? -3.945  -2.048  -1.319  1.00 25.59 ? 26  THR B C   1 
ATOM   978  O O   . THR B 1 26  ? -4.364  -2.594  -2.341  1.00 24.22 ? 26  THR B O   1 
ATOM   979  C CB  . THR B 1 26  ? -5.923  -1.120  -0.129  1.00 26.10 ? 26  THR B CB  1 
ATOM   980  O OG1 . THR B 1 26  ? -5.395  0.217   -0.100  1.00 26.10 ? 26  THR B OG1 1 
ATOM   981  C CG2 . THR B 1 26  ? -6.965  -1.325  1.010   1.00 24.77 ? 26  THR B CG2 1 
ATOM   982  N N   . GLY B 1 27  ? -2.778  -1.391  -1.266  1.00 24.57 ? 27  GLY B N   1 
ATOM   983  C CA  . GLY B 1 27  ? -1.889  -1.300  -2.415  1.00 25.00 ? 27  GLY B CA  1 
ATOM   984  C C   . GLY B 1 27  ? -0.958  -2.492  -2.610  1.00 26.30 ? 27  GLY B C   1 
ATOM   985  O O   . GLY B 1 27  ? -0.111  -2.471  -3.507  1.00 25.51 ? 27  GLY B O   1 
ATOM   986  N N   . ALA B 1 28  ? -1.122  -3.529  -1.781  1.00 25.08 ? 28  ALA B N   1 
ATOM   987  C CA  . ALA B 1 28  ? -0.241  -4.690  -1.772  1.00 24.39 ? 28  ALA B CA  1 
ATOM   988  C C   . ALA B 1 28  ? -1.009  -5.944  -2.212  1.00 25.55 ? 28  ALA B C   1 
ATOM   989  O O   . ALA B 1 28  ? -2.071  -6.248  -1.665  1.00 24.66 ? 28  ALA B O   1 
ATOM   990  C CB  . ALA B 1 28  ? 0.354   -4.886  -0.377  1.00 23.82 ? 28  ALA B CB  1 
ATOM   991  N N   . ASP B 1 29  ? -0.485  -6.672  -3.204  1.00 26.56 ? 29  ASP B N   1 
ATOM   992  C CA  . ASP B 1 29  ? -1.141  -7.896  -3.659  1.00 27.11 ? 29  ASP B CA  1 
ATOM   993  C C   . ASP B 1 29  ? -0.958  -8.973  -2.583  1.00 27.91 ? 29  ASP B C   1 
ATOM   994  O O   . ASP B 1 29  ? -1.860  -9.776  -2.319  1.00 29.44 ? 29  ASP B O   1 
ATOM   995  C CB  . ASP B 1 29  ? -0.539  -8.412  -4.964  1.00 29.32 ? 29  ASP B CB  1 
ATOM   996  C CG  . ASP B 1 29  ? -0.668  -7.439  -6.128  1.00 31.01 ? 29  ASP B CG  1 
ATOM   997  O OD1 . ASP B 1 29  ? -1.513  -6.517  -6.106  1.00 31.79 ? 29  ASP B OD1 1 
ATOM   998  O OD2 . ASP B 1 29  ? 0.104   -7.616  -7.092  1.00 32.89 ? 29  ASP B OD2 1 
ATOM   999  N N   . ASP B 1 30  ? 0.216   -8.940  -1.964  1.00 26.89 ? 30  ASP B N   1 
ATOM   1000 C CA  . ASP B 1 30  ? 0.731   -10.024 -1.159  1.00 27.11 ? 30  ASP B CA  1 
ATOM   1001 C C   . ASP B 1 30  ? 1.120   -9.531  0.227   1.00 26.40 ? 30  ASP B C   1 
ATOM   1002 O O   . ASP B 1 30  ? 1.363   -8.346  0.443   1.00 24.96 ? 30  ASP B O   1 
ATOM   1003 C CB  . ASP B 1 30  ? 1.980   -10.641 -1.822  1.00 27.10 ? 30  ASP B CB  1 
ATOM   1004 C CG  . ASP B 1 30  ? 1.701   -11.224 -3.193  0.50 25.50 ? 30  ASP B CG  1 
ATOM   1005 O OD1 . ASP B 1 30  ? 0.536   -11.535 -3.514  0.50 24.35 ? 30  ASP B OD1 1 
ATOM   1006 O OD2 . ASP B 1 30  ? 2.675   -11.376 -3.952  0.50 26.64 ? 30  ASP B OD2 1 
ATOM   1007 N N   . THR B 1 31  ? 1.179   -10.480 1.152   1.00 26.59 ? 31  THR B N   1 
ATOM   1008 C CA  . THR B 1 31  ? 1.499   -10.216 2.538   1.00 26.24 ? 31  THR B CA  1 
ATOM   1009 C C   . THR B 1 31  ? 2.977   -10.444 2.689   1.00 27.95 ? 31  THR B C   1 
ATOM   1010 O O   . THR B 1 31  ? 3.496   -11.463 2.235   1.00 29.83 ? 31  THR B O   1 
ATOM   1011 C CB  . THR B 1 31  ? 0.650   -11.141 3.463   1.00 24.48 ? 31  THR B CB  1 
ATOM   1012 O OG1 . THR B 1 31  ? -0.714  -10.740 3.369   1.00 21.87 ? 31  THR B OG1 1 
ATOM   1013 C CG2 . THR B 1 31  ? 1.070   -11.050 4.933   1.00 23.42 ? 31  THR B CG2 1 
ATOM   1014 N N   . ILE B 1 32  ? 3.660   -9.491  3.309   1.00 28.71 ? 32  ILE B N   1 
ATOM   1015 C CA  . ILE B 1 32  ? 5.096   -9.606  3.546   1.00 29.50 ? 32  ILE B CA  1 
ATOM   1016 C C   . ILE B 1 32  ? 5.469   -9.272  4.984   1.00 30.46 ? 32  ILE B C   1 
ATOM   1017 O O   . ILE B 1 32  ? 5.047   -8.254  5.514   1.00 32.78 ? 32  ILE B O   1 
ATOM   1018 C CB  . ILE B 1 32  ? 5.906   -8.652  2.650   1.00 29.88 ? 32  ILE B CB  1 
ATOM   1019 C CG1 . ILE B 1 32  ? 5.359   -8.666  1.220   1.00 29.58 ? 32  ILE B CG1 1 
ATOM   1020 C CG2 . ILE B 1 32  ? 7.393   -8.992  2.735   1.00 27.35 ? 32  ILE B CG2 1 
ATOM   1021 C CD1 . ILE B 1 32  ? 6.068   -7.722  0.284   1.00 30.72 ? 32  ILE B CD1 1 
ATOM   1022 N N   . LEU B 1 33  ? 6.308   -10.109 5.585   1.00 31.88 ? 33  LEU B N   1 
ATOM   1023 C CA  . LEU B 1 33  ? 6.715   -9.936  6.970   1.00 33.78 ? 33  LEU B CA  1 
ATOM   1024 C C   . LEU B 1 33  ? 8.210   -9.698  7.091   1.00 33.80 ? 33  LEU B C   1 
ATOM   1025 O O   . LEU B 1 33  ? 8.995   -10.167 6.266   1.00 34.35 ? 33  LEU B O   1 
ATOM   1026 C CB  . LEU B 1 33  ? 6.271   -11.144 7.828   1.00 33.33 ? 33  LEU B CB  1 
ATOM   1027 C CG  . LEU B 1 33  ? 4.807   -11.629 7.706   1.00 34.70 ? 33  LEU B CG  1 
ATOM   1028 C CD1 . LEU B 1 33  ? 4.618   -12.941 8.452   1.00 35.07 ? 33  LEU B CD1 1 
ATOM   1029 C CD2 . LEU B 1 33  ? 3.776   -10.607 8.174   1.00 32.42 ? 33  LEU B CD2 1 
ATOM   1030 N N   . GLU B 1 34  ? 8.593   -8.953  8.126   1.00 37.16 ? 34  GLU B N   1 
ATOM   1031 C CA  . GLU B 1 34  ? 9.997   -8.616  8.396   1.00 40.41 ? 34  GLU B CA  1 
ATOM   1032 C C   . GLU B 1 34  ? 10.954  -9.824  8.358   1.00 43.15 ? 34  GLU B C   1 
ATOM   1033 O O   . GLU B 1 34  ? 10.525  -10.980 8.480   1.00 40.45 ? 34  GLU B O   1 
ATOM   1034 C CB  . GLU B 1 34  ? 10.132  -7.795  9.680   1.00 39.71 ? 34  GLU B CB  1 
ATOM   1035 C CG  . GLU B 1 34  ? 9.674   -6.358  9.471   1.00 44.91 ? 34  GLU B CG  1 
ATOM   1036 C CD  . GLU B 1 34  ? 9.862   -5.433  10.667  1.00 50.39 ? 34  GLU B CD  1 
ATOM   1037 O OE1 . GLU B 1 34  ? 10.351  -5.884  11.736  1.00 52.47 ? 34  GLU B OE1 1 
ATOM   1038 O OE2 . GLU B 1 34  ? 9.512   -4.230  10.525  1.00 51.15 ? 34  GLU B OE2 1 
ATOM   1039 N N   . GLU B 1 35  ? 12.240  -9.536  8.139   1.00 47.57 ? 35  GLU B N   1 
ATOM   1040 C CA  . GLU B 1 35  ? 13.253  -10.570 7.896   1.00 50.81 ? 35  GLU B CA  1 
ATOM   1041 C C   . GLU B 1 35  ? 13.471  -11.443 9.142   1.00 52.76 ? 35  GLU B C   1 
ATOM   1042 O O   . GLU B 1 35  ? 13.772  -12.635 9.029   1.00 56.06 ? 35  GLU B O   1 
ATOM   1043 C CB  . GLU B 1 35  ? 14.571  -9.939  7.372   1.00 53.75 ? 35  GLU B CB  1 
ATOM   1044 C CG  . GLU B 1 35  ? 15.706  -10.919 7.045   1.00 58.47 ? 35  GLU B CG  1 
ATOM   1045 C CD  . GLU B 1 35  ? 15.278  -12.093 6.152   1.00 65.20 ? 35  GLU B CD  1 
ATOM   1046 O OE1 . GLU B 1 35  ? 14.939  -13.181 6.689   1.00 66.48 ? 35  GLU B OE1 1 
ATOM   1047 O OE2 . GLU B 1 35  ? 15.273  -11.939 4.909   1.00 62.81 ? 35  GLU B OE2 1 
ATOM   1048 N N   . GLU B 1 36  ? 13.276  -10.858 10.325  1.00 52.20 ? 36  GLU B N   1 
ATOM   1049 C CA  . GLU B 1 36  ? 13.434  -11.593 11.581  1.00 53.08 ? 36  GLU B CA  1 
ATOM   1050 C C   . GLU B 1 36  ? 12.323  -12.605 11.857  1.00 50.68 ? 36  GLU B C   1 
ATOM   1051 O O   . GLU B 1 36  ? 12.434  -13.394 12.785  1.00 53.74 ? 36  GLU B O   1 
ATOM   1052 C CB  . GLU B 1 36  ? 13.581  -10.637 12.770  1.00 53.64 ? 36  GLU B CB  1 
ATOM   1053 C CG  . GLU B 1 36  ? 14.784  -9.706  12.688  1.00 53.14 ? 36  GLU B CG  1 
ATOM   1054 C CD  . GLU B 1 36  ? 14.469  -8.371  12.012  1.00 56.71 ? 36  GLU B CD  1 
ATOM   1055 O OE1 . GLU B 1 36  ? 13.349  -8.187  11.469  1.00 54.96 ? 36  GLU B OE1 1 
ATOM   1056 O OE2 . GLU B 1 36  ? 15.354  -7.487  12.030  1.00 56.66 ? 36  GLU B OE2 1 
ATOM   1057 N N   . MET B 1 37  ? 11.251  -12.579 11.072  1.00 49.03 ? 37  MET B N   1 
ATOM   1058 C CA  . MET B 1 37  ? 10.196  -13.588 11.187  1.00 51.09 ? 37  MET B CA  1 
ATOM   1059 C C   . MET B 1 37  ? 10.740  -14.990 10.907  1.00 52.63 ? 37  MET B C   1 
ATOM   1060 O O   . MET B 1 37  ? 11.317  -15.261 9.843   1.00 49.48 ? 37  MET B O   1 
ATOM   1061 C CB  . MET B 1 37  ? 9.063   -13.295 10.206  1.00 54.91 ? 37  MET B CB  1 
ATOM   1062 C CG  . MET B 1 37  ? 7.888   -14.249 10.314  1.00 56.62 ? 37  MET B CG  1 
ATOM   1063 S SD  . MET B 1 37  ? 6.912   -13.817 11.759  1.00 62.49 ? 37  MET B SD  1 
ATOM   1064 C CE  . MET B 1 37  ? 5.842   -15.244 11.897  1.00 56.35 ? 37  MET B CE  1 
ATOM   1065 N N   . SER B 1 38  ? 10.552  -15.879 11.871  1.00 53.57 ? 38  SER B N   1 
ATOM   1066 C CA  . SER B 1 38  ? 10.989  -17.259 11.728  1.00 53.84 ? 38  SER B CA  1 
ATOM   1067 C C   . SER B 1 38  ? 9.774   -18.157 11.557  1.00 51.87 ? 38  SER B C   1 
ATOM   1068 O O   . SER B 1 38  ? 9.032   -18.383 12.513  1.00 51.66 ? 38  SER B O   1 
ATOM   1069 C CB  . SER B 1 38  ? 11.858  -17.684 12.928  1.00 59.16 ? 38  SER B CB  1 
ATOM   1070 O OG  . SER B 1 38  ? 11.427  -17.080 14.148  1.00 58.95 ? 38  SER B OG  1 
ATOM   1071 N N   . LEU B 1 39  ? 9.559   -18.629 10.324  1.00 48.22 ? 39  LEU B N   1 
ATOM   1072 C CA  . LEU B 1 39  ? 8.451   -19.535 9.995   1.00 48.04 ? 39  LEU B CA  1 
ATOM   1073 C C   . LEU B 1 39  ? 8.979   -20.925 9.623   1.00 49.14 ? 39  LEU B C   1 
ATOM   1074 O O   . LEU B 1 39  ? 9.910   -21.036 8.830   1.00 51.15 ? 39  LEU B O   1 
ATOM   1075 C CB  . LEU B 1 39  ? 7.594   -18.986 8.838   1.00 45.53 ? 39  LEU B CB  1 
ATOM   1076 C CG  . LEU B 1 39  ? 6.518   -17.905 9.052   1.00 44.85 ? 39  LEU B CG  1 
ATOM   1077 C CD1 . LEU B 1 39  ? 6.016   -17.394 7.709   1.00 41.80 ? 39  LEU B CD1 1 
ATOM   1078 C CD2 . LEU B 1 39  ? 5.348   -18.407 9.892   1.00 42.41 ? 39  LEU B CD2 1 
ATOM   1079 N N   . PRO B 1 40  ? 8.375   -21.991 10.181  1.00 50.81 ? 40  PRO B N   1 
ATOM   1080 C CA  . PRO B 1 40  ? 8.844   -23.344 9.885   1.00 51.34 ? 40  PRO B CA  1 
ATOM   1081 C C   . PRO B 1 40  ? 8.283   -23.900 8.568   1.00 51.95 ? 40  PRO B C   1 
ATOM   1082 O O   . PRO B 1 40  ? 7.208   -23.485 8.135   1.00 50.58 ? 40  PRO B O   1 
ATOM   1083 C CB  . PRO B 1 40  ? 8.305   -24.148 11.065  1.00 52.04 ? 40  PRO B CB  1 
ATOM   1084 C CG  . PRO B 1 40  ? 7.021   -23.459 11.407  1.00 52.22 ? 40  PRO B CG  1 
ATOM   1085 C CD  . PRO B 1 40  ? 7.224   -21.998 11.106  1.00 49.94 ? 40  PRO B CD  1 
ATOM   1086 N N   . GLY B 1 41  ? 9.011   -24.828 7.945   1.00 52.05 ? 41  GLY B N   1 
ATOM   1087 C CA  . GLY B 1 41  ? 8.556   -25.505 6.731   1.00 51.34 ? 41  GLY B CA  1 
ATOM   1088 C C   . GLY B 1 41  ? 9.403   -25.273 5.483   1.00 55.40 ? 41  GLY B C   1 
ATOM   1089 O O   . GLY B 1 41  ? 10.471  -24.634 5.530   1.00 51.90 ? 41  GLY B O   1 
ATOM   1090 N N   . ARG B 1 42  ? 8.918   -25.815 4.365   1.00 53.86 ? 42  ARG B N   1 
ATOM   1091 C CA  . ARG B 1 42  ? 9.512   -25.565 3.056   1.00 54.88 ? 42  ARG B CA  1 
ATOM   1092 C C   . ARG B 1 42  ? 8.999   -24.238 2.490   1.00 57.82 ? 42  ARG B C   1 
ATOM   1093 O O   . ARG B 1 42  ? 7.924   -23.746 2.867   1.00 57.65 ? 42  ARG B O   1 
ATOM   1094 C CB  . ARG B 1 42  ? 9.205   -26.707 2.081   1.00 50.74 ? 42  ARG B CB  1 
ATOM   1095 N N   . TRP B 1 43  ? 9.780   -23.667 1.581   1.00 58.02 ? 43  TRP B N   1 
ATOM   1096 C CA  . TRP B 1 43  ? 9.425   -22.425 0.908   1.00 55.80 ? 43  TRP B CA  1 
ATOM   1097 C C   . TRP B 1 43  ? 10.016  -22.383 -0.471  1.00 58.65 ? 43  TRP B C   1 
ATOM   1098 O O   . TRP B 1 43  ? 11.013  -23.054 -0.746  1.00 60.34 ? 43  TRP B O   1 
ATOM   1099 C CB  . TRP B 1 43  ? 9.893   -21.230 1.727   1.00 53.48 ? 43  TRP B CB  1 
ATOM   1100 C CG  . TRP B 1 43  ? 11.365  -21.245 2.029   1.00 52.59 ? 43  TRP B CG  1 
ATOM   1101 C CD1 . TRP B 1 43  ? 11.996  -21.753 3.160   1.00 53.36 ? 43  TRP B CD1 1 
ATOM   1102 C CD2 . TRP B 1 43  ? 12.444  -20.715 1.191   1.00 53.95 ? 43  TRP B CD2 1 
ATOM   1103 N NE1 . TRP B 1 43  ? 13.355  -21.584 3.079   1.00 54.13 ? 43  TRP B NE1 1 
ATOM   1104 C CE2 . TRP B 1 43  ? 13.691  -20.963 1.924   1.00 55.49 ? 43  TRP B CE2 1 
ATOM   1105 C CE3 . TRP B 1 43  ? 12.503  -20.081 -0.048  1.00 56.01 ? 43  TRP B CE3 1 
ATOM   1106 C CZ2 . TRP B 1 43  ? 14.930  -20.587 1.417   1.00 57.33 ? 43  TRP B CZ2 1 
ATOM   1107 C CZ3 . TRP B 1 43  ? 13.759  -19.713 -0.551  1.00 58.49 ? 43  TRP B CZ3 1 
ATOM   1108 C CH2 . TRP B 1 43  ? 14.941  -19.958 0.168   1.00 56.27 ? 43  TRP B CH2 1 
ATOM   1109 N N   . THR B 1 44  ? 9.401   -21.603 -1.358  1.00 56.46 ? 44  THR B N   1 
ATOM   1110 C CA  . THR B 1 44  ? 9.932   -21.412 -2.699  1.00 56.70 ? 44  THR B CA  1 
ATOM   1111 C C   . THR B 1 44  ? 10.504  -19.984 -2.857  1.00 59.53 ? 44  THR B C   1 
ATOM   1112 O O   . THR B 1 44  ? 9.889   -19.006 -2.400  1.00 54.33 ? 44  THR B O   1 
ATOM   1113 C CB  . THR B 1 44  ? 8.896   -21.766 -3.796  1.00 56.69 ? 44  THR B CB  1 
ATOM   1114 O OG1 . THR B 1 44  ? 7.671   -21.073 -3.555  1.00 55.53 ? 44  THR B OG1 1 
ATOM   1115 C CG2 . THR B 1 44  ? 8.603   -23.275 -3.805  1.00 58.09 ? 44  THR B CG2 1 
ATOM   1116 N N   . PRO B 1 45  ? 11.710  -19.865 -3.463  1.00 61.73 ? 45  PRO B N   1 
ATOM   1117 C CA  . PRO B 1 45  ? 12.320  -18.546 -3.660  1.00 56.09 ? 45  PRO B CA  1 
ATOM   1118 C C   . PRO B 1 45  ? 11.445  -17.707 -4.568  1.00 52.26 ? 45  PRO B C   1 
ATOM   1119 O O   . PRO B 1 45  ? 10.885  -18.222 -5.536  1.00 52.45 ? 45  PRO B O   1 
ATOM   1120 C CB  . PRO B 1 45  ? 13.649  -18.871 -4.352  1.00 58.00 ? 45  PRO B CB  1 
ATOM   1121 C CG  . PRO B 1 45  ? 13.430  -20.209 -4.991  1.00 60.57 ? 45  PRO B CG  1 
ATOM   1122 C CD  . PRO B 1 45  ? 12.554  -20.942 -4.021  1.00 60.78 ? 45  PRO B CD  1 
ATOM   1123 N N   . LYS B 1 46  ? 11.290  -16.436 -4.218  1.00 48.36 ? 46  LYS B N   1 
ATOM   1124 C CA  . LYS B 1 46  ? 10.548  -15.498 -5.052  1.00 46.53 ? 46  LYS B CA  1 
ATOM   1125 C C   . LYS B 1 46  ? 11.163  -14.108 -4.864  1.00 42.48 ? 46  LYS B C   1 
ATOM   1126 O O   . LYS B 1 46  ? 11.994  -13.886 -3.979  1.00 42.79 ? 46  LYS B O   1 
ATOM   1127 C CB  . LYS B 1 46  ? 9.026   -15.544 -4.751  1.00 48.30 ? 46  LYS B CB  1 
ATOM   1128 C CG  . LYS B 1 46  ? 8.129   -14.823 -5.762  1.00 52.14 ? 46  LYS B CG  1 
ATOM   1129 C CD  . LYS B 1 46  ? 6.641   -15.112 -5.569  1.00 54.80 ? 46  LYS B CD  1 
ATOM   1130 C CE  . LYS B 1 46  ? 5.763   -13.853 -5.650  1.00 57.89 ? 46  LYS B CE  1 
ATOM   1131 N NZ  . LYS B 1 46  ? 5.697   -13.166 -6.981  1.00 56.35 ? 46  LYS B NZ  1 
ATOM   1132 N N   . VAL B 1 47  ? 10.789  -13.187 -5.737  1.00 40.85 ? 47  VAL B N   1 
ATOM   1133 C CA  . VAL B 1 47  ? 11.275  -11.818 -5.683  1.00 38.48 ? 47  VAL B CA  1 
ATOM   1134 C C   . VAL B 1 47  ? 10.031  -10.952 -5.866  1.00 37.69 ? 47  VAL B C   1 
ATOM   1135 O O   . VAL B 1 47  ? 9.139   -11.303 -6.650  1.00 41.05 ? 47  VAL B O   1 
ATOM   1136 C CB  . VAL B 1 47  ? 12.358  -11.569 -6.773  1.00 37.78 ? 47  VAL B CB  1 
ATOM   1137 C CG1 . VAL B 1 47  ? 12.668  -10.094 -6.906  1.00 37.25 ? 47  VAL B CG1 1 
ATOM   1138 C CG2 . VAL B 1 47  ? 13.645  -12.335 -6.459  1.00 35.19 ? 47  VAL B CG2 1 
ATOM   1139 N N   . VAL B 1 48  ? 9.960   -9.854  -5.117  1.00 34.71 ? 48  VAL B N   1 
ATOM   1140 C CA  . VAL B 1 48  ? 8.794   -8.958  -5.083  1.00 32.72 ? 48  VAL B CA  1 
ATOM   1141 C C   . VAL B 1 48  ? 9.259   -7.574  -5.520  1.00 33.16 ? 48  VAL B C   1 
ATOM   1142 O O   . VAL B 1 48  ? 10.381  -7.177  -5.220  1.00 30.56 ? 48  VAL B O   1 
ATOM   1143 C CB  . VAL B 1 48  ? 8.224   -8.872  -3.636  1.00 35.43 ? 48  VAL B CB  1 
ATOM   1144 C CG1 . VAL B 1 48  ? 7.115   -7.842  -3.501  1.00 36.47 ? 48  VAL B CG1 1 
ATOM   1145 C CG2 . VAL B 1 48  ? 7.683   -10.209 -3.197  1.00 34.90 ? 48  VAL B CG2 1 
ATOM   1146 N N   . GLY B 1 49  ? 8.396   -6.836  -6.219  1.00 33.33 ? 49  GLY B N   1 
ATOM   1147 C CA  . GLY B 1 49  ? 8.774   -5.522  -6.744  1.00 34.80 ? 49  GLY B CA  1 
ATOM   1148 C C   . GLY B 1 49  ? 7.961   -4.357  -6.212  1.00 37.91 ? 49  GLY B C   1 
ATOM   1149 O O   . GLY B 1 49  ? 6.740   -4.464  -6.023  1.00 39.06 ? 49  GLY B O   1 
ATOM   1150 N N   . GLY B 1 50  ? 8.627   -3.231  -5.990  1.00 34.56 ? 50  GLY B N   1 
ATOM   1151 C CA  . GLY B 1 50  ? 7.966   -2.075  -5.416  1.00 34.08 ? 50  GLY B CA  1 
ATOM   1152 C C   . GLY B 1 50  ? 8.665   -0.794  -5.760  1.00 36.04 ? 50  GLY B C   1 
ATOM   1153 O O   . GLY B 1 50  ? 9.406   -0.729  -6.749  1.00 37.36 ? 50  GLY B O   1 
ATOM   1154 N N   . ILE B 1 51  ? 8.422   0.225   -4.933  1.00 35.76 ? 51  ILE B N   1 
ATOM   1155 C CA  . ILE B 1 51  ? 9.088   1.516   -5.042  1.00 36.44 ? 51  ILE B CA  1 
ATOM   1156 C C   . ILE B 1 51  ? 10.548  1.347   -4.592  1.00 37.21 ? 51  ILE B C   1 
ATOM   1157 O O   . ILE B 1 51  ? 10.823  0.943   -3.470  1.00 39.82 ? 51  ILE B O   1 
ATOM   1158 C CB  . ILE B 1 51  ? 8.314   2.586   -4.217  1.00 36.83 ? 51  ILE B CB  1 
ATOM   1159 C CG1 . ILE B 1 51  ? 7.168   3.148   -5.066  1.00 34.76 ? 51  ILE B CG1 1 
ATOM   1160 C CG2 . ILE B 1 51  ? 9.219   3.719   -3.737  1.00 36.59 ? 51  ILE B CG2 1 
ATOM   1161 C CD1 . ILE B 1 51  ? 6.305   4.156   -4.358  1.00 36.16 ? 51  ILE B CD1 1 
ATOM   1162 N N   . GLY B 1 52  ? 11.491  1.622   -5.467  1.00 36.86 ? 52  GLY B N   1 
ATOM   1163 C CA  . GLY B 1 52  ? 12.884  1.374   -5.095  1.00 37.84 ? 52  GLY B CA  1 
ATOM   1164 C C   . GLY B 1 52  ? 13.457  0.146   -5.768  1.00 37.03 ? 52  GLY B C   1 
ATOM   1165 O O   . GLY B 1 52  ? 14.669  -0.031  -5.826  1.00 40.20 ? 52  GLY B O   1 
ATOM   1166 N N   . GLY B 1 53  ? 12.592  -0.710  -6.289  1.00 34.75 ? 53  GLY B N   1 
ATOM   1167 C CA  . GLY B 1 53  ? 13.069  -1.841  -7.054  1.00 33.61 ? 53  GLY B CA  1 
ATOM   1168 C C   . GLY B 1 53  ? 12.499  -3.162  -6.601  1.00 33.30 ? 53  GLY B C   1 
ATOM   1169 O O   . GLY B 1 53  ? 11.298  -3.292  -6.362  1.00 35.12 ? 53  GLY B O   1 
ATOM   1170 N N   . PHE B 1 54  ? 13.371  -4.143  -6.463  1.00 31.53 ? 54  PHE B N   1 
ATOM   1171 C CA  A PHE B 1 54  ? 12.959  -5.508  -6.177  0.50 32.25 ? 54  PHE B CA  1 
ATOM   1172 C CA  B PHE B 1 54  ? 12.929  -5.488  -6.150  0.50 32.15 ? 54  PHE B CA  1 
ATOM   1173 C C   . PHE B 1 54  ? 13.596  -6.035  -4.897  1.00 33.11 ? 54  PHE B C   1 
ATOM   1174 O O   . PHE B 1 54  ? 14.666  -5.564  -4.476  1.00 34.37 ? 54  PHE B O   1 
ATOM   1175 C CB  A PHE B 1 54  ? 13.323  -6.417  -7.362  0.50 32.84 ? 54  PHE B CB  1 
ATOM   1176 C CB  B PHE B 1 54  ? 13.141  -6.410  -7.363  0.50 32.81 ? 54  PHE B CB  1 
ATOM   1177 C CG  A PHE B 1 54  ? 14.804  -6.591  -7.567  0.50 33.35 ? 54  PHE B CG  1 
ATOM   1178 C CG  B PHE B 1 54  ? 12.009  -6.370  -8.358  0.50 32.86 ? 54  PHE B CG  1 
ATOM   1179 C CD1 A PHE B 1 54  ? 15.572  -5.567  -8.089  0.50 34.31 ? 54  PHE B CD1 1 
ATOM   1180 C CD1 B PHE B 1 54  ? 11.808  -5.261  -9.160  0.50 33.49 ? 54  PHE B CD1 1 
ATOM   1181 C CD2 A PHE B 1 54  ? 15.424  -7.783  -7.248  0.50 33.53 ? 54  PHE B CD2 1 
ATOM   1182 C CD2 B PHE B 1 54  ? 11.137  -7.438  -8.476  0.50 34.18 ? 54  PHE B CD2 1 
ATOM   1183 C CE1 A PHE B 1 54  ? 16.933  -5.727  -8.282  0.50 34.96 ? 54  PHE B CE1 1 
ATOM   1184 C CE1 B PHE B 1 54  ? 10.764  -5.218  -10.065 0.50 34.47 ? 54  PHE B CE1 1 
ATOM   1185 C CE2 A PHE B 1 54  ? 16.779  -7.950  -7.440  0.50 34.09 ? 54  PHE B CE2 1 
ATOM   1186 C CE2 B PHE B 1 54  ? 10.090  -7.406  -9.381  0.50 34.14 ? 54  PHE B CE2 1 
ATOM   1187 C CZ  A PHE B 1 54  ? 17.538  -6.921  -7.952  0.50 34.08 ? 54  PHE B CZ  1 
ATOM   1188 C CZ  B PHE B 1 54  ? 9.900   -6.292  -10.173 0.50 34.06 ? 54  PHE B CZ  1 
ATOM   1189 N N   . MET B 1 55  ? 12.962  -7.015  -4.273  1.00 33.41 ? 55  MET B N   1 
ATOM   1190 C CA  . MET B 1 55  ? 13.627  -7.667  -3.151  1.00 35.31 ? 55  MET B CA  1 
ATOM   1191 C C   . MET B 1 55  ? 13.357  -9.167  -3.082  1.00 33.29 ? 55  MET B C   1 
ATOM   1192 O O   . MET B 1 55  ? 12.286  -9.634  -3.454  1.00 34.72 ? 55  MET B O   1 
ATOM   1193 C CB  . MET B 1 55  ? 13.331  -6.950  -1.830  1.00 35.87 ? 55  MET B CB  1 
ATOM   1194 C CG  . MET B 1 55  ? 11.994  -7.284  -1.219  1.00 35.92 ? 55  MET B CG  1 
ATOM   1195 S SD  . MET B 1 55  ? 11.949  -6.896  0.542   1.00 36.90 ? 55  MET B SD  1 
ATOM   1196 C CE  . MET B 1 55  ? 10.377  -7.659  0.919   1.00 35.63 ? 55  MET B CE  1 
ATOM   1197 N N   . LYS B 1 56  ? 14.349  -9.919  -2.642  1.00 33.84 ? 56  LYS B N   1 
ATOM   1198 C CA  . LYS B 1 56  ? 14.215  -11.368 -2.587  1.00 37.69 ? 56  LYS B CA  1 
ATOM   1199 C C   . LYS B 1 56  ? 13.438  -11.790 -1.332  1.00 37.00 ? 56  LYS B C   1 
ATOM   1200 O O   . LYS B 1 56  ? 13.613  -11.203 -0.263  1.00 36.32 ? 56  LYS B O   1 
ATOM   1201 C CB  . LYS B 1 56  ? 15.591  -12.033 -2.697  1.00 40.00 ? 56  LYS B CB  1 
ATOM   1202 C CG  . LYS B 1 56  ? 16.428  -11.423 -3.819  1.00 44.56 ? 56  LYS B CG  1 
ATOM   1203 C CD  . LYS B 1 56  ? 17.826  -12.012 -3.914  1.00 48.30 ? 56  LYS B CD  1 
ATOM   1204 C CE  . LYS B 1 56  ? 17.914  -13.023 -5.049  1.00 50.41 ? 56  LYS B CE  1 
ATOM   1205 N NZ  . LYS B 1 56  ? 19.302  -13.125 -5.582  1.00 49.81 ? 56  LYS B NZ  1 
ATOM   1206 N N   . VAL B 1 57  ? 12.544  -12.765 -1.485  1.00 38.78 ? 57  VAL B N   1 
ATOM   1207 C CA  . VAL B 1 57  ? 11.716  -13.263 -0.368  1.00 39.35 ? 57  VAL B CA  1 
ATOM   1208 C C   . VAL B 1 57  ? 11.546  -14.796 -0.378  1.00 41.92 ? 57  VAL B C   1 
ATOM   1209 O O   . VAL B 1 57  ? 11.677  -15.456 -1.433  1.00 39.50 ? 57  VAL B O   1 
ATOM   1210 C CB  . VAL B 1 57  ? 10.300  -12.630 -0.338  1.00 38.03 ? 57  VAL B CB  1 
ATOM   1211 C CG1 . VAL B 1 57  ? 10.353  -11.116 -0.192  1.00 37.45 ? 57  VAL B CG1 1 
ATOM   1212 C CG2 . VAL B 1 57  ? 9.495   -13.037 -1.567  1.00 36.84 ? 57  VAL B CG2 1 
ATOM   1213 N N   . ARG B 1 58  ? 11.246  -15.337 0.807   1.00 42.30 ? 58  ARG B N   1 
ATOM   1214 C CA  . ARG B 1 58  ? 10.786  -16.725 0.984   1.00 40.43 ? 58  ARG B CA  1 
ATOM   1215 C C   . ARG B 1 58  ? 9.262   -16.778 0.936   1.00 37.69 ? 58  ARG B C   1 
ATOM   1216 O O   . ARG B 1 58  ? 8.577   -16.073 1.687   1.00 39.70 ? 58  ARG B O   1 
ATOM   1217 C CB  . ARG B 1 58  ? 11.278  -17.285 2.323   1.00 41.18 ? 58  ARG B CB  1 
ATOM   1218 C CG  . ARG B 1 58  ? 12.778  -17.162 2.510   1.00 46.98 ? 58  ARG B CG  1 
ATOM   1219 C CD  . ARG B 1 58  ? 13.239  -17.419 3.936   1.00 52.22 ? 58  ARG B CD  1 
ATOM   1220 N NE  . ARG B 1 58  ? 14.570  -18.023 3.896   1.00 61.90 ? 58  ARG B NE  1 
ATOM   1221 C CZ  . ARG B 1 58  ? 14.936  -19.126 4.553   1.00 67.68 ? 58  ARG B CZ  1 
ATOM   1222 N NH1 . ARG B 1 58  ? 14.081  -19.752 5.364   1.00 67.93 ? 58  ARG B NH1 1 
ATOM   1223 N NH2 . ARG B 1 58  ? 16.178  -19.588 4.414   1.00 64.75 ? 58  ARG B NH2 1 
ATOM   1224 N N   . GLN B 1 59  ? 8.728   -17.608 0.055   1.00 35.68 ? 59  GLN B N   1 
ATOM   1225 C CA  . GLN B 1 59  ? 7.296   -17.796 -0.033  1.00 36.64 ? 59  GLN B CA  1 
ATOM   1226 C C   . GLN B 1 59  ? 6.866   -19.000 0.809   1.00 38.51 ? 59  GLN B C   1 
ATOM   1227 O O   . GLN B 1 59  ? 7.296   -20.132 0.549   1.00 37.97 ? 59  GLN B O   1 
ATOM   1228 C CB  . GLN B 1 59  ? 6.850   -17.970 -1.495  1.00 37.70 ? 59  GLN B CB  1 
ATOM   1229 C CG  . GLN B 1 59  ? 5.432   -18.520 -1.642  1.00 38.17 ? 59  GLN B CG  1 
ATOM   1230 C CD  . GLN B 1 59  ? 4.833   -18.286 -3.009  1.00 42.13 ? 59  GLN B CD  1 
ATOM   1231 O OE1 . GLN B 1 59  ? 5.290   -17.426 -3.764  1.00 45.22 ? 59  GLN B OE1 1 
ATOM   1232 N NE2 . GLN B 1 59  ? 3.796   -19.055 -3.342  1.00 43.78 ? 59  GLN B NE2 1 
ATOM   1233 N N   . TYR B 1 60  ? 6.014   -18.740 1.805   1.00 38.70 ? 60  TYR B N   1 
ATOM   1234 C CA  . TYR B 1 60  ? 5.430   -19.785 2.658   1.00 38.50 ? 60  TYR B CA  1 
ATOM   1235 C C   . TYR B 1 60  ? 3.924   -19.907 2.419   1.00 38.87 ? 60  TYR B C   1 
ATOM   1236 O O   . TYR B 1 60  ? 3.167   -18.954 2.632   1.00 39.55 ? 60  TYR B O   1 
ATOM   1237 C CB  . TYR B 1 60  ? 5.666   -19.476 4.132   1.00 37.87 ? 60  TYR B CB  1 
ATOM   1238 C CG  . TYR B 1 60  ? 7.098   -19.493 4.603   1.00 37.78 ? 60  TYR B CG  1 
ATOM   1239 C CD1 . TYR B 1 60  ? 7.684   -20.674 5.080   1.00 39.40 ? 60  TYR B CD1 1 
ATOM   1240 C CD2 . TYR B 1 60  ? 7.855   -18.325 4.627   1.00 37.43 ? 60  TYR B CD2 1 
ATOM   1241 C CE1 . TYR B 1 60  ? 8.993   -20.692 5.539   1.00 39.06 ? 60  TYR B CE1 1 
ATOM   1242 C CE2 . TYR B 1 60  ? 9.165   -18.329 5.086   1.00 38.15 ? 60  TYR B CE2 1 
ATOM   1243 C CZ  . TYR B 1 60  ? 9.732   -19.511 5.540   1.00 40.97 ? 60  TYR B CZ  1 
ATOM   1244 O OH  . TYR B 1 60  ? 11.033  -19.510 5.998   1.00 42.09 ? 60  TYR B OH  1 
ATOM   1245 N N   . ASP B 1 61  ? 3.501   -21.079 1.967   1.00 38.39 ? 61  ASP B N   1 
ATOM   1246 C CA  . ASP B 1 61  ? 2.099   -21.345 1.664   1.00 39.04 ? 61  ASP B CA  1 
ATOM   1247 C C   . ASP B 1 61  ? 1.335   -21.776 2.919   1.00 37.13 ? 61  ASP B C   1 
ATOM   1248 O O   . ASP B 1 61  ? 1.929   -22.282 3.872   1.00 36.34 ? 61  ASP B O   1 
ATOM   1249 C CB  . ASP B 1 61  ? 1.989   -22.455 0.607   1.00 41.13 ? 61  ASP B CB  1 
ATOM   1250 C CG  . ASP B 1 61  ? 2.393   -21.993 -0.788  1.00 44.37 ? 61  ASP B CG  1 
ATOM   1251 O OD1 . ASP B 1 61  ? 2.677   -20.788 -0.969  1.00 43.34 ? 61  ASP B OD1 1 
ATOM   1252 O OD2 . ASP B 1 61  ? 2.408   -22.844 -1.710  1.00 42.54 ? 61  ASP B OD2 1 
ATOM   1253 N N   . GLN B 1 62  ? 0.019   -21.567 2.901   1.00 35.05 ? 62  GLN B N   1 
ATOM   1254 C CA  . GLN B 1 62  ? -0.887  -22.109 3.911   1.00 36.11 ? 62  GLN B CA  1 
ATOM   1255 C C   . GLN B 1 62  ? -0.469  -21.826 5.340   1.00 34.28 ? 62  GLN B C   1 
ATOM   1256 O O   . GLN B 1 62  ? -0.377  -22.739 6.144   1.00 35.43 ? 62  GLN B O   1 
ATOM   1257 C CB  . GLN B 1 62  ? -1.066  -23.604 3.702   1.00 39.17 ? 62  GLN B CB  1 
ATOM   1258 C CG  . GLN B 1 62  ? -1.575  -23.939 2.316   1.00 43.96 ? 62  GLN B CG  1 
ATOM   1259 C CD  . GLN B 1 62  ? -1.414  -25.408 2.011   1.00 48.75 ? 62  GLN B CD  1 
ATOM   1260 O OE1 . GLN B 1 62  ? -0.339  -25.853 1.595   1.00 52.53 ? 62  GLN B OE1 1 
ATOM   1261 N NE2 . GLN B 1 62  ? -2.480  -26.175 2.218   1.00 50.85 ? 62  GLN B NE2 1 
ATOM   1262 N N   . ILE B 1 63  ? -0.218  -20.553 5.630   1.00 32.46 ? 63  ILE B N   1 
ATOM   1263 C CA  . ILE B 1 63  ? 0.153   -20.078 6.954   1.00 31.69 ? 63  ILE B CA  1 
ATOM   1264 C C   . ILE B 1 63  ? -1.073  -19.481 7.618   1.00 29.55 ? 63  ILE B C   1 
ATOM   1265 O O   . ILE B 1 63  ? -1.784  -18.688 7.006   1.00 28.32 ? 63  ILE B O   1 
ATOM   1266 C CB  . ILE B 1 63  ? 1.277   -19.006 6.883   1.00 31.54 ? 63  ILE B CB  1 
ATOM   1267 C CG1 . ILE B 1 63  ? 2.545   -19.587 6.241   1.00 34.54 ? 63  ILE B CG1 1 
ATOM   1268 C CG2 . ILE B 1 63  ? 1.564   -18.393 8.245   1.00 31.09 ? 63  ILE B CG2 1 
ATOM   1269 C CD1 . ILE B 1 63  ? 3.070   -20.869 6.879   1.00 36.15 ? 63  ILE B CD1 1 
ATOM   1270 N N   . LEU B 1 64  ? -1.313  -19.876 8.870   1.00 27.74 ? 64  LEU B N   1 
ATOM   1271 C CA  . LEU B 1 64  ? -2.408  -19.332 9.649   1.00 26.67 ? 64  LEU B CA  1 
ATOM   1272 C C   . LEU B 1 64  ? -1.995  -17.982 10.264  1.00 27.14 ? 64  LEU B C   1 
ATOM   1273 O O   . LEU B 1 64  ? -0.972  -17.880 10.943  1.00 29.85 ? 64  LEU B O   1 
ATOM   1274 C CB  . LEU B 1 64  ? -2.834  -20.333 10.722  1.00 25.11 ? 64  LEU B CB  1 
ATOM   1275 C CG  . LEU B 1 64  ? -3.822  -19.892 11.804  1.00 24.60 ? 64  LEU B CG  1 
ATOM   1276 C CD1 . LEU B 1 64  ? -5.249  -19.864 11.253  1.00 23.80 ? 64  LEU B CD1 1 
ATOM   1277 C CD2 . LEU B 1 64  ? -3.725  -20.835 12.994  1.00 23.03 ? 64  LEU B CD2 1 
ATOM   1278 N N   . VAL B 1 65  ? -2.814  -16.965 10.021  1.00 27.00 ? 65  VAL B N   1 
ATOM   1279 C CA  . VAL B 1 65  ? -2.582  -15.603 10.472  1.00 26.64 ? 65  VAL B CA  1 
ATOM   1280 C C   . VAL B 1 65  ? -3.812  -15.219 11.263  1.00 26.21 ? 65  VAL B C   1 
ATOM   1281 O O   . VAL B 1 65  ? -4.938  -15.450 10.817  1.00 26.91 ? 65  VAL B O   1 
ATOM   1282 C CB  . VAL B 1 65  ? -2.391  -14.647 9.259   1.00 27.47 ? 65  VAL B CB  1 
ATOM   1283 C CG1 . VAL B 1 65  ? -2.268  -13.197 9.689   1.00 26.44 ? 65  VAL B CG1 1 
ATOM   1284 C CG2 . VAL B 1 65  ? -1.178  -15.050 8.415   1.00 27.88 ? 65  VAL B CG2 1 
ATOM   1285 N N   . GLU B 1 66  ? -3.609  -14.684 12.466  1.00 27.45 ? 66  GLU B N   1 
ATOM   1286 C CA  . GLU B 1 66  ? -4.725  -14.155 13.260  1.00 30.83 ? 66  GLU B CA  1 
ATOM   1287 C C   . GLU B 1 66  ? -4.668  -12.631 13.253  1.00 31.95 ? 66  GLU B C   1 
ATOM   1288 O O   . GLU B 1 66  ? -3.774  -12.064 13.865  1.00 30.88 ? 66  GLU B O   1 
ATOM   1289 C CB  . GLU B 1 66  ? -4.707  -14.726 14.683  1.00 31.24 ? 66  GLU B CB  1 
ATOM   1290 C CG  . GLU B 1 66  ? -5.166  -16.171 14.704  1.00 34.35 ? 66  GLU B CG  1 
ATOM   1291 C CD  . GLU B 1 66  ? -5.052  -16.845 16.058  0.50 33.67 ? 66  GLU B CD  1 
ATOM   1292 O OE1 . GLU B 1 66  ? -5.531  -16.257 17.053  0.50 33.74 ? 66  GLU B OE1 1 
ATOM   1293 O OE2 . GLU B 1 66  ? -4.496  -17.971 16.105  0.50 31.57 ? 66  GLU B OE2 1 
ATOM   1294 N N   . ILE B 1 67  ? -5.601  -11.986 12.530  1.00 34.70 ? 67  ILE B N   1 
ATOM   1295 C CA  . ILE B 1 67  ? -5.595  -10.528 12.283  1.00 35.17 ? 67  ILE B CA  1 
ATOM   1296 C C   . ILE B 1 67  ? -6.793  -9.861  12.948  1.00 38.07 ? 67  ILE B C   1 
ATOM   1297 O O   . ILE B 1 67  ? -7.905  -9.950  12.418  1.00 39.32 ? 67  ILE B O   1 
ATOM   1298 C CB  . ILE B 1 67  ? -5.777  -10.179 10.781  1.00 35.42 ? 67  ILE B CB  1 
ATOM   1299 C CG1 . ILE B 1 67  ? -5.130  -11.180 9.839   1.00 37.90 ? 67  ILE B CG1 1 
ATOM   1300 C CG2 . ILE B 1 67  ? -5.330  -8.749  10.476  1.00 36.24 ? 67  ILE B CG2 1 
ATOM   1301 C CD1 . ILE B 1 67  ? -5.371  -10.848 8.370   1.00 39.15 ? 67  ILE B CD1 1 
ATOM   1302 N N   . CYS B 1 68  ? -6.576  -9.155  14.062  1.00 40.95 ? 68  CYS B N   1 
ATOM   1303 C CA  . CYS B 1 68  ? -7.682  -8.666  14.923  1.00 41.49 ? 68  CYS B CA  1 
ATOM   1304 C C   . CYS B 1 68  ? -8.592  -9.859  15.380  1.00 46.87 ? 68  CYS B C   1 
ATOM   1305 O O   . CYS B 1 68  ? -9.833  -9.750  15.427  1.00 44.47 ? 68  CYS B O   1 
ATOM   1306 C CB  . CYS B 1 68  ? -8.481  -7.544  14.222  0.50 40.54 ? 68  CYS B CB  1 
ATOM   1307 S SG  . CYS B 1 68  ? -8.905  -6.080  15.215  0.50 37.61 ? 68  CYS B SG  1 
ATOM   1308 N N   . GLY B 1 69  ? -7.971  -11.002 15.705  1.00 45.84 ? 69  GLY B N   1 
ATOM   1309 C CA  . GLY B 1 69  ? -8.741  -12.180 16.139  1.00 48.94 ? 69  GLY B CA  1 
ATOM   1310 C C   . GLY B 1 69  ? -9.380  -13.046 15.045  1.00 51.96 ? 69  GLY B C   1 
ATOM   1311 O O   . GLY B 1 69  ? -9.660  -14.234 15.279  1.00 54.55 ? 69  GLY B O   1 
ATOM   1312 N N   . HIS B 1 70  ? -9.649  -12.459 13.873  1.00 45.89 ? 70  HIS B N   1 
ATOM   1313 C CA  . HIS B 1 70  ? -10.123 -13.206 12.704  1.00 43.85 ? 70  HIS B CA  1 
ATOM   1314 C C   . HIS B 1 70  ? -9.045  -14.196 12.287  1.00 39.71 ? 70  HIS B C   1 
ATOM   1315 O O   . HIS B 1 70  ? -7.887  -13.824 12.154  1.00 41.03 ? 70  HIS B O   1 
ATOM   1316 C CB  . HIS B 1 70  ? -10.385 -12.213 11.573  1.00 44.08 ? 70  HIS B CB  1 
ATOM   1317 C CG  . HIS B 1 70  ? -11.505 -12.605 10.640  1.00 48.74 ? 70  HIS B CG  1 
ATOM   1318 N ND1 . HIS B 1 70  ? -11.516 -13.777 9.954   1.00 49.06 ? 70  HIS B ND1 1 
ATOM   1319 C CD2 . HIS B 1 70  ? -12.660 -11.904 10.248  1.00 47.82 ? 70  HIS B CD2 1 
ATOM   1320 C CE1 . HIS B 1 70  ? -12.633 -13.838 9.187   1.00 48.03 ? 70  HIS B CE1 1 
ATOM   1321 N NE2 . HIS B 1 70  ? -13.332 -12.691 9.369   1.00 48.69 ? 70  HIS B NE2 1 
ATOM   1322 N N   . LYS B 1 71  ? -9.388  -15.459 12.069  1.00 37.06 ? 71  LYS B N   1 
ATOM   1323 C CA  . LYS B 1 71  ? -8.385  -16.409 11.547  1.00 33.68 ? 71  LYS B CA  1 
ATOM   1324 C C   . LYS B 1 71  ? -8.439  -16.505 10.032  1.00 31.58 ? 71  LYS B C   1 
ATOM   1325 O O   . LYS B 1 71  ? -9.512  -16.692 9.451   1.00 32.67 ? 71  LYS B O   1 
ATOM   1326 C CB  . LYS B 1 71  ? -8.529  -17.799 12.174  1.00 32.71 ? 71  LYS B CB  1 
ATOM   1327 C CG  . LYS B 1 71  ? -7.937  -17.889 13.555  1.00 32.50 ? 71  LYS B CG  1 
ATOM   1328 C CD  . LYS B 1 71  ? -8.697  -18.884 14.403  1.00 33.86 ? 71  LYS B CD  1 
ATOM   1329 C CE  . LYS B 1 71  ? -8.114  -18.939 15.798  1.00 35.86 ? 71  LYS B CE  1 
ATOM   1330 N NZ  . LYS B 1 71  ? -9.160  -19.279 16.797  1.00 39.85 ? 71  LYS B NZ  1 
ATOM   1331 N N   . VAL B 1 72  ? -7.280  -16.366 9.398   1.00 28.87 ? 72  VAL B N   1 
ATOM   1332 C CA  . VAL B 1 72  ? -7.178  -16.482 7.943   1.00 29.94 ? 72  VAL B CA  1 
ATOM   1333 C C   . VAL B 1 72  ? -5.999  -17.384 7.590   1.00 29.81 ? 72  VAL B C   1 
ATOM   1334 O O   . VAL B 1 72  ? -5.081  -17.566 8.391   1.00 30.00 ? 72  VAL B O   1 
ATOM   1335 C CB  . VAL B 1 72  ? -7.071  -15.101 7.217   1.00 29.67 ? 72  VAL B CB  1 
ATOM   1336 C CG1 . VAL B 1 72  ? -8.232  -14.194 7.584   1.00 28.76 ? 72  VAL B CG1 1 
ATOM   1337 C CG2 . VAL B 1 72  ? -5.750  -14.397 7.512   1.00 29.01 ? 72  VAL B CG2 1 
ATOM   1338 N N   . ILE B 1 73  ? -6.036  -17.967 6.402   1.00 29.87 ? 73  ILE B N   1 
ATOM   1339 C CA  . ILE B 1 73  ? -4.945  -18.820 5.942   1.00 31.01 ? 73  ILE B CA  1 
ATOM   1340 C C   . ILE B 1 73  ? -4.550  -18.384 4.543   1.00 32.03 ? 73  ILE B C   1 
ATOM   1341 O O   . ILE B 1 73  ? -5.402  -18.157 3.674   1.00 32.09 ? 73  ILE B O   1 
ATOM   1342 C CB  . ILE B 1 73  ? -5.303  -20.337 6.012   1.00 31.36 ? 73  ILE B CB  1 
ATOM   1343 C CG1 . ILE B 1 73  ? -5.301  -20.803 7.481   1.00 32.67 ? 73  ILE B CG1 1 
ATOM   1344 C CG2 . ILE B 1 73  ? -4.329  -21.174 5.201   1.00 29.74 ? 73  ILE B CG2 1 
ATOM   1345 C CD1 . ILE B 1 73  ? -5.305  -22.300 7.697   1.00 34.47 ? 73  ILE B CD1 1 
ATOM   1346 N N   . GLY B 1 74  ? -3.258  -18.234 4.328   1.00 32.04 ? 74  GLY B N   1 
ATOM   1347 C CA  . GLY B 1 74  ? -2.799  -17.926 2.993   1.00 32.99 ? 74  GLY B CA  1 
ATOM   1348 C C   . GLY B 1 74  ? -1.299  -17.884 2.920   1.00 32.48 ? 74  GLY B C   1 
ATOM   1349 O O   . GLY B 1 74  ? -0.605  -18.152 3.907   1.00 32.12 ? 74  GLY B O   1 
ATOM   1350 N N   . THR B 1 75  ? -0.814  -17.538 1.733   1.00 31.78 ? 75  THR B N   1 
ATOM   1351 C CA  . THR B 1 75  ? 0.597   -17.368 1.494   1.00 31.63 ? 75  THR B CA  1 
ATOM   1352 C C   . THR B 1 75  ? 1.103   -16.114 2.207   1.00 30.33 ? 75  THR B C   1 
ATOM   1353 O O   . THR B 1 75  ? 0.461   -15.060 2.169   1.00 28.88 ? 75  THR B O   1 
ATOM   1354 C CB  . THR B 1 75  ? 0.879   -17.312 -0.020  1.00 31.13 ? 75  THR B CB  1 
ATOM   1355 O OG1 . THR B 1 75  ? 0.486   -18.557 -0.603  1.00 32.73 ? 75  THR B OG1 1 
ATOM   1356 C CG2 . THR B 1 75  ? 2.350   -17.069 -0.309  1.00 31.20 ? 75  THR B CG2 1 
ATOM   1357 N N   . VAL B 1 76  ? 2.246   -16.269 2.869   1.00 29.27 ? 76  VAL B N   1 
ATOM   1358 C CA  . VAL B 1 76  ? 2.970   -15.182 3.500   1.00 29.87 ? 76  VAL B CA  1 
ATOM   1359 C C   . VAL B 1 76  ? 4.381   -15.142 2.895   1.00 32.82 ? 76  VAL B C   1 
ATOM   1360 O O   . VAL B 1 76  ? 5.028   -16.188 2.738   1.00 34.50 ? 76  VAL B O   1 
ATOM   1361 C CB  . VAL B 1 76  ? 3.083   -15.416 5.026   1.00 29.37 ? 76  VAL B CB  1 
ATOM   1362 C CG1 . VAL B 1 76  ? 4.180   -14.559 5.638   1.00 29.66 ? 76  VAL B CG1 1 
ATOM   1363 C CG2 . VAL B 1 76  ? 1.757   -15.155 5.723   1.00 29.28 ? 76  VAL B CG2 1 
ATOM   1364 N N   . LEU B 1 77  ? 4.854   -13.947 2.543   1.00 32.55 ? 77  LEU B N   1 
ATOM   1365 C CA  . LEU B 1 77  ? 6.238   -13.744 2.104   1.00 31.12 ? 77  LEU B CA  1 
ATOM   1366 C C   . LEU B 1 77  ? 7.085   -13.205 3.234   1.00 30.73 ? 77  LEU B C   1 
ATOM   1367 O O   . LEU B 1 77  ? 6.631   -12.343 3.990   1.00 31.95 ? 77  LEU B O   1 
ATOM   1368 C CB  . LEU B 1 77  ? 6.300   -12.801 0.892   1.00 29.41 ? 77  LEU B CB  1 
ATOM   1369 C CG  . LEU B 1 77  ? 5.406   -13.148 -0.302  1.00 30.14 ? 77  LEU B CG  1 
ATOM   1370 C CD1 . LEU B 1 77  ? 5.680   -12.208 -1.478  1.00 29.19 ? 77  LEU B CD1 1 
ATOM   1371 C CD2 . LEU B 1 77  ? 5.559   -14.611 -0.725  1.00 28.61 ? 77  LEU B CD2 1 
ATOM   1372 N N   . VAL B 1 78  ? 8.313   -13.706 3.361   1.00 30.93 ? 78  VAL B N   1 
ATOM   1373 C CA  . VAL B 1 78  ? 9.235   -13.197 4.384   1.00 31.01 ? 78  VAL B CA  1 
ATOM   1374 C C   . VAL B 1 78  ? 10.499  -12.616 3.747   1.00 33.22 ? 78  VAL B C   1 
ATOM   1375 O O   . VAL B 1 78  ? 11.084  -13.205 2.836   1.00 35.10 ? 78  VAL B O   1 
ATOM   1376 C CB  . VAL B 1 78  ? 9.633   -14.289 5.399   1.00 32.39 ? 78  VAL B CB  1 
ATOM   1377 C CG1 . VAL B 1 78  ? 10.612  -13.725 6.428   1.00 32.13 ? 78  VAL B CG1 1 
ATOM   1378 C CG2 . VAL B 1 78  ? 8.407   -14.865 6.087   1.00 30.68 ? 78  VAL B CG2 1 
ATOM   1379 N N   . GLY B 1 79  ? 10.927  -11.456 4.219   1.00 32.60 ? 79  GLY B N   1 
ATOM   1380 C CA  . GLY B 1 79  ? 12.088  -10.814 3.633   1.00 33.36 ? 79  GLY B CA  1 
ATOM   1381 C C   . GLY B 1 79  ? 12.314  -9.435  4.207   1.00 36.82 ? 79  GLY B C   1 
ATOM   1382 O O   . GLY B 1 79  ? 11.557  -8.988  5.081   1.00 37.41 ? 79  GLY B O   1 
ATOM   1383 N N   . PRO B 1 80  ? 13.341  -8.736  3.704   1.00 37.59 ? 80  PRO B N   1 
ATOM   1384 C CA  . PRO B 1 80  ? 13.824  -7.524  4.363   1.00 36.07 ? 80  PRO B CA  1 
ATOM   1385 C C   . PRO B 1 80  ? 12.961  -6.273  4.151   1.00 35.96 ? 80  PRO B C   1 
ATOM   1386 O O   . PRO B 1 80  ? 13.502  -5.188  3.938   1.00 35.83 ? 80  PRO B O   1 
ATOM   1387 C CB  . PRO B 1 80  ? 15.228  -7.348  3.784   1.00 37.75 ? 80  PRO B CB  1 
ATOM   1388 C CG  . PRO B 1 80  ? 15.214  -8.054  2.471   1.00 36.72 ? 80  PRO B CG  1 
ATOM   1389 C CD  . PRO B 1 80  ? 14.106  -9.068  2.488   1.00 38.05 ? 80  PRO B CD  1 
ATOM   1390 N N   . THR B 1 81  ? 11.634  -6.438  4.224   1.00 33.53 ? 81  THR B N   1 
ATOM   1391 C CA  . THR B 1 81  ? 10.665  -5.336  4.131   1.00 31.63 ? 81  THR B CA  1 
ATOM   1392 C C   . THR B 1 81  ? 10.807  -4.359  5.309   1.00 32.30 ? 81  THR B C   1 
ATOM   1393 O O   . THR B 1 81  ? 11.119  -4.778  6.416   1.00 32.71 ? 81  THR B O   1 
ATOM   1394 C CB  . THR B 1 81  ? 9.202   -5.866  4.089   1.00 30.81 ? 81  THR B CB  1 
ATOM   1395 O OG1 . THR B 1 81  ? 8.282   -4.772  4.202   1.00 28.20 ? 81  THR B OG1 1 
ATOM   1396 C CG2 . THR B 1 81  ? 8.913   -6.855  5.239   1.00 29.68 ? 81  THR B CG2 1 
ATOM   1397 N N   . PRO B 1 82  ? 10.571  -3.056  5.077   1.00 33.49 ? 82  PRO B N   1 
ATOM   1398 C CA  . PRO B 1 82  ? 10.620  -2.072  6.168   1.00 32.72 ? 82  PRO B CA  1 
ATOM   1399 C C   . PRO B 1 82  ? 9.415   -2.146  7.114   1.00 32.91 ? 82  PRO B C   1 
ATOM   1400 O O   . PRO B 1 82  ? 9.455   -1.569  8.204   1.00 34.09 ? 82  PRO B O   1 
ATOM   1401 C CB  . PRO B 1 82  ? 10.592  -0.719  5.436   1.00 32.22 ? 82  PRO B CB  1 
ATOM   1402 C CG  . PRO B 1 82  ? 10.831  -1.022  3.998   1.00 34.46 ? 82  PRO B CG  1 
ATOM   1403 C CD  . PRO B 1 82  ? 10.332  -2.409  3.767   1.00 34.70 ? 82  PRO B CD  1 
ATOM   1404 N N   . ALA B 1 83  ? 8.344   -2.817  6.684   1.00 32.06 ? 83  ALA B N   1 
ATOM   1405 C CA  . ALA B 1 83  ? 7.118   -2.908  7.476   1.00 30.72 ? 83  ALA B CA  1 
ATOM   1406 C C   . ALA B 1 83  ? 6.415   -4.213  7.205   1.00 28.05 ? 83  ALA B C   1 
ATOM   1407 O O   . ALA B 1 83  ? 6.354   -4.670  6.077   1.00 29.12 ? 83  ALA B O   1 
ATOM   1408 C CB  . ALA B 1 83  ? 6.186   -1.732  7.162   1.00 32.90 ? 83  ALA B CB  1 
ATOM   1409 N N   . ASN B 1 84  ? 5.893   -4.827  8.253   1.00 28.67 ? 84  ASN B N   1 
ATOM   1410 C CA  . ASN B 1 84  ? 4.958   -5.921  8.080   1.00 26.95 ? 84  ASN B CA  1 
ATOM   1411 C C   . ASN B 1 84  ? 3.723   -5.397  7.309   1.00 25.85 ? 84  ASN B C   1 
ATOM   1412 O O   . ASN B 1 84  ? 3.159   -4.355  7.666   1.00 25.26 ? 84  ASN B O   1 
ATOM   1413 C CB  . ASN B 1 84  ? 4.588   -6.515  9.444   1.00 26.88 ? 84  ASN B CB  1 
ATOM   1414 C CG  . ASN B 1 84  ? 5.817   -6.982  10.230  1.00 28.06 ? 84  ASN B CG  1 
ATOM   1415 O OD1 . ASN B 1 84  ? 6.723   -7.620  9.668   1.00 26.06 ? 84  ASN B OD1 1 
ATOM   1416 N ND2 . ASN B 1 84  ? 5.842   -6.686  11.539  1.00 24.29 ? 84  ASN B ND2 1 
ATOM   1417 N N   . ILE B 1 85  ? 3.350   -6.116  6.250   1.00 24.73 ? 85  ILE B N   1 
ATOM   1418 C CA  . ILE B 1 85  ? 2.326   -5.695  5.297   1.00 25.27 ? 85  ILE B CA  1 
ATOM   1419 C C   . ILE B 1 85  ? 1.295   -6.801  5.075   1.00 24.21 ? 85  ILE B C   1 
ATOM   1420 O O   . ILE B 1 85  ? 1.646   -7.884  4.631   1.00 23.58 ? 85  ILE B O   1 
ATOM   1421 C CB  . ILE B 1 85  ? 2.969   -5.376  3.918   1.00 25.70 ? 85  ILE B CB  1 
ATOM   1422 C CG1 . ILE B 1 85  ? 3.800   -4.096  3.970   1.00 25.80 ? 85  ILE B CG1 1 
ATOM   1423 C CG2 . ILE B 1 85  ? 1.927   -5.274  2.802   1.00 25.95 ? 85  ILE B CG2 1 
ATOM   1424 C CD1 . ILE B 1 85  ? 4.624   -3.948  2.699   1.00 26.06 ? 85  ILE B CD1 1 
ATOM   1425 N N   . ILE B 1 86  ? 0.022   -6.506  5.335   1.00 24.15 ? 86  ILE B N   1 
ATOM   1426 C CA  . ILE B 1 86  ? -1.063  -7.444  5.049   1.00 23.27 ? 86  ILE B CA  1 
ATOM   1427 C C   . ILE B 1 86  ? -1.657  -7.014  3.722   1.00 23.34 ? 86  ILE B C   1 
ATOM   1428 O O   . ILE B 1 86  ? -2.208  -5.928  3.629   1.00 24.15 ? 86  ILE B O   1 
ATOM   1429 C CB  . ILE B 1 86  ? -2.148  -7.434  6.156   1.00 23.32 ? 86  ILE B CB  1 
ATOM   1430 C CG1 . ILE B 1 86  ? -1.516  -7.577  7.570   1.00 22.94 ? 86  ILE B CG1 1 
ATOM   1431 C CG2 . ILE B 1 86  ? -3.271  -8.428  5.848   1.00 21.57 ? 86  ILE B CG2 1 
ATOM   1432 C CD1 . ILE B 1 86  ? -0.848  -8.900  7.881   1.00 22.52 ? 86  ILE B CD1 1 
ATOM   1433 N N   . GLY B 1 87  ? -1.515  -7.859  2.700   1.00 23.82 ? 87  GLY B N   1 
ATOM   1434 C CA  . GLY B 1 87  ? -1.930  -7.542  1.335   1.00 22.45 ? 87  GLY B CA  1 
ATOM   1435 C C   . GLY B 1 87  ? -3.302  -8.110  1.025   1.00 23.60 ? 87  GLY B C   1 
ATOM   1436 O O   . GLY B 1 87  ? -3.931  -8.766  1.868   1.00 23.29 ? 87  GLY B O   1 
ATOM   1437 N N   . ARG B 1 88  ? -3.775  -7.868  -0.189  1.00 23.96 ? 88  ARG B N   1 
ATOM   1438 C CA  . ARG B 1 88  ? -5.173  -8.196  -0.533  1.00 25.05 ? 88  ARG B CA  1 
ATOM   1439 C C   . ARG B 1 88  ? -5.480  -9.698  -0.423  1.00 24.93 ? 88  ARG B C   1 
ATOM   1440 O O   . ARG B 1 88  ? -6.639  -10.063 -0.154  1.00 26.19 ? 88  ARG B O   1 
ATOM   1441 C CB  . ARG B 1 88  ? -5.565  -7.652  -1.915  1.00 23.32 ? 88  ARG B CB  1 
ATOM   1442 C CG  . ARG B 1 88  ? -5.481  -6.130  -2.050  1.00 23.24 ? 88  ARG B CG  1 
ATOM   1443 C CD  . ARG B 1 88  ? -5.816  -5.663  -3.477  1.00 23.07 ? 88  ARG B CD  1 
ATOM   1444 N NE  . ARG B 1 88  ? -4.878  -6.213  -4.456  1.00 23.21 ? 88  ARG B NE  1 
ATOM   1445 C CZ  . ARG B 1 88  ? -5.125  -7.265  -5.241  1.00 22.60 ? 88  ARG B CZ  1 
ATOM   1446 N NH1 . ARG B 1 88  ? -4.190  -7.690  -6.074  1.00 20.84 ? 88  ARG B NH1 1 
ATOM   1447 N NH2 . ARG B 1 88  ? -6.292  -7.905  -5.182  1.00 22.83 ? 88  ARG B NH2 1 
ATOM   1448 N N   . ASN B 1 89  ? -4.462  -10.549 -0.603  1.00 22.68 ? 89  ASN B N   1 
ATOM   1449 C CA  . ASN B 1 89  ? -4.637  -11.999 -0.391  1.00 24.00 ? 89  ASN B CA  1 
ATOM   1450 C C   . ASN B 1 89  ? -5.220  -12.372 0.968   1.00 25.10 ? 89  ASN B C   1 
ATOM   1451 O O   . ASN B 1 89  ? -5.998  -13.321 1.066   1.00 24.68 ? 89  ASN B O   1 
ATOM   1452 C CB  . ASN B 1 89  ? -3.359  -12.812 -0.690  1.00 24.42 ? 89  ASN B CB  1 
ATOM   1453 C CG  . ASN B 1 89  ? -2.294  -12.697 0.382   1.00 26.05 ? 89  ASN B CG  1 
ATOM   1454 O OD1 . ASN B 1 89  ? -1.820  -11.607 0.720   1.00 28.55 ? 89  ASN B OD1 1 
ATOM   1455 N ND2 . ASN B 1 89  ? -1.872  -13.833 0.890   1.00 27.72 ? 89  ASN B ND2 1 
ATOM   1456 N N   . LEU B 1 90  ? -4.853  -11.617 2.011   1.00 25.82 ? 90  LEU B N   1 
ATOM   1457 C CA  . LEU B 1 90  ? -5.388  -11.847 3.351   1.00 25.37 ? 90  LEU B CA  1 
ATOM   1458 C C   . LEU B 1 90  ? -6.497  -10.872 3.684   1.00 26.70 ? 90  LEU B C   1 
ATOM   1459 O O   . LEU B 1 90  ? -7.427  -11.226 4.412   1.00 29.04 ? 90  LEU B O   1 
ATOM   1460 C CB  . LEU B 1 90  ? -4.286  -11.815 4.422   1.00 25.54 ? 90  LEU B CB  1 
ATOM   1461 C CG  . LEU B 1 90  ? -3.212  -12.909 4.342   1.00 25.82 ? 90  LEU B CG  1 
ATOM   1462 C CD1 . LEU B 1 90  ? -2.300  -12.861 5.554   1.00 24.39 ? 90  LEU B CD1 1 
ATOM   1463 C CD2 . LEU B 1 90  ? -3.828  -14.302 4.188   1.00 27.77 ? 90  LEU B CD2 1 
ATOM   1464 N N   . LEU B 1 91  ? -6.434  -9.662  3.133   1.00 25.56 ? 91  LEU B N   1 
ATOM   1465 C CA  . LEU B 1 91  ? -7.471  -8.667  3.408   1.00 26.08 ? 91  LEU B CA  1 
ATOM   1466 C C   . LEU B 1 91  ? -8.856  -9.134  2.914   1.00 27.00 ? 91  LEU B C   1 
ATOM   1467 O O   . LEU B 1 91  ? -9.882  -8.892  3.564   1.00 27.35 ? 91  LEU B O   1 
ATOM   1468 C CB  . LEU B 1 91  ? -7.093  -7.301  2.840   1.00 24.53 ? 91  LEU B CB  1 
ATOM   1469 C CG  . LEU B 1 91  ? -5.913  -6.487  3.409   1.00 24.16 ? 91  LEU B CG  1 
ATOM   1470 C CD1 . LEU B 1 91  ? -5.713  -5.218  2.578   1.00 23.59 ? 91  LEU B CD1 1 
ATOM   1471 C CD2 . LEU B 1 91  ? -6.100  -6.153  4.891   1.00 22.29 ? 91  LEU B CD2 1 
ATOM   1472 N N   . THR B 1 92  ? -8.879  -9.845  1.793   1.00 27.05 ? 92  THR B N   1 
ATOM   1473 C CA  . THR B 1 92  ? -10.138 -10.382 1.271   1.00 29.24 ? 92  THR B CA  1 
ATOM   1474 C C   . THR B 1 92  ? -10.791 -11.383 2.216   1.00 31.62 ? 92  THR B C   1 
ATOM   1475 O O   . THR B 1 92  ? -12.022 -11.461 2.266   1.00 31.33 ? 92  THR B O   1 
ATOM   1476 C CB  . THR B 1 92  ? -9.967  -11.039 -0.105  1.00 29.27 ? 92  THR B CB  1 
ATOM   1477 O OG1 . THR B 1 92  ? -8.939  -12.031 -0.040  1.00 31.29 ? 92  THR B OG1 1 
ATOM   1478 C CG2 . THR B 1 92  ? -9.589  -9.992  -1.152  1.00 28.72 ? 92  THR B CG2 1 
ATOM   1479 N N   . GLN B 1 93  ? -9.968  -12.125 2.970   1.00 32.17 ? 93  GLN B N   1 
ATOM   1480 C CA  . GLN B 1 93  ? -10.458 -13.147 3.912   1.00 32.34 ? 93  GLN B CA  1 
ATOM   1481 C C   . GLN B 1 93  ? -11.060 -12.579 5.195   1.00 30.77 ? 93  GLN B C   1 
ATOM   1482 O O   . GLN B 1 93  ? -11.811 -13.270 5.882   1.00 30.41 ? 93  GLN B O   1 
ATOM   1483 C CB  . GLN B 1 93  ? -9.377  -14.189 4.240   1.00 33.38 ? 93  GLN B CB  1 
ATOM   1484 C CG  . GLN B 1 93  ? -8.899  -15.007 3.035   1.00 35.28 ? 93  GLN B CG  1 
ATOM   1485 C CD  . GLN B 1 93  ? -7.833  -16.035 3.398   1.00 40.45 ? 93  GLN B CD  1 
ATOM   1486 O OE1 . GLN B 1 93  ? -7.956  -16.766 4.407   1.00 42.29 ? 93  GLN B OE1 1 
ATOM   1487 N NE2 . GLN B 1 93  ? -6.790  -16.130 2.560   1.00 38.62 ? 93  GLN B NE2 1 
ATOM   1488 N N   . ILE B 1 94  ? -10.741 -11.330 5.522   1.00 29.55 ? 94  ILE B N   1 
ATOM   1489 C CA  . ILE B 1 94  ? -11.373 -10.668 6.680   1.00 27.87 ? 94  ILE B CA  1 
ATOM   1490 C C   . ILE B 1 94  ? -12.541 -9.746  6.279   1.00 28.08 ? 94  ILE B C   1 
ATOM   1491 O O   . ILE B 1 94  ? -12.998 -8.927  7.079   1.00 28.99 ? 94  ILE B O   1 
ATOM   1492 C CB  . ILE B 1 94  ? -10.345 -9.941  7.593   1.00 28.48 ? 94  ILE B CB  1 
ATOM   1493 C CG1 . ILE B 1 94  ? -9.623  -8.775  6.885   1.00 27.06 ? 94  ILE B CG1 1 
ATOM   1494 C CG2 . ILE B 1 94  ? -9.339  -10.940 8.150   1.00 28.98 ? 94  ILE B CG2 1 
ATOM   1495 C CD1 . ILE B 1 94  ? -8.759  -7.929  7.818   1.00 27.89 ? 94  ILE B CD1 1 
ATOM   1496 N N   . GLY B 1 95  ? -13.003 -9.886  5.032   1.00 28.31 ? 95  GLY B N   1 
ATOM   1497 C CA  . GLY B 1 95  ? -14.072 -9.048  4.471   1.00 28.50 ? 95  GLY B CA  1 
ATOM   1498 C C   . GLY B 1 95  ? -13.722 -7.572  4.412   1.00 30.15 ? 95  GLY B C   1 
ATOM   1499 O O   . GLY B 1 95  ? -14.589 -6.715  4.585   1.00 33.21 ? 95  GLY B O   1 
ATOM   1500 N N   . CYS B 1 96  ? -12.448 -7.263  4.180   1.00 30.64 ? 96  CYS B N   1 
ATOM   1501 C CA  . CYS B 1 96  ? -12.001 -5.869  4.202   1.00 30.82 ? 96  CYS B CA  1 
ATOM   1502 C C   . CYS B 1 96  ? -12.452 -5.142  2.940   1.00 31.15 ? 96  CYS B C   1 
ATOM   1503 O O   . CYS B 1 96  ? -12.252 -5.661  1.828   1.00 31.31 ? 96  CYS B O   1 
ATOM   1504 C CB  . CYS B 1 96  ? -10.478 -5.795  4.341   1.00 30.42 ? 96  CYS B CB  1 
ATOM   1505 S SG  . CYS B 1 96  ? -9.814  -4.122  4.479   1.00 35.29 ? 96  CYS B SG  1 
ATOM   1506 N N   . THR B 1 97  ? -13.055 -3.960  3.117   1.00 28.28 ? 97  THR B N   1 
ATOM   1507 C CA  . THR B 1 97  ? -13.433 -3.088  2.005   1.00 28.56 ? 97  THR B CA  1 
ATOM   1508 C C   . THR B 1 97  ? -12.924 -1.665  2.216   1.00 29.63 ? 97  THR B C   1 
ATOM   1509 O O   . THR B 1 97  ? -12.704 -1.226  3.357   1.00 30.79 ? 97  THR B O   1 
ATOM   1510 C CB  . THR B 1 97  ? -14.963 -3.000  1.833   1.00 29.77 ? 97  THR B CB  1 
ATOM   1511 O OG1 . THR B 1 97  ? -15.560 -2.526  3.048   1.00 30.25 ? 97  THR B OG1 1 
ATOM   1512 C CG2 . THR B 1 97  ? -15.574 -4.361  1.447   1.00 29.25 ? 97  THR B CG2 1 
ATOM   1513 N N   . LEU B 1 98  ? -12.741 -0.936  1.121   1.00 29.24 ? 98  LEU B N   1 
ATOM   1514 C CA  . LEU B 1 98  ? -12.507 0.509   1.200   1.00 30.74 ? 98  LEU B CA  1 
ATOM   1515 C C   . LEU B 1 98  ? -13.858 1.197   1.054   1.00 31.41 ? 98  LEU B C   1 
ATOM   1516 O O   . LEU B 1 98  ? -14.670 0.755   0.256   1.00 28.78 ? 98  LEU B O   1 
ATOM   1517 C CB  . LEU B 1 98  ? -11.571 0.973   0.078   1.00 29.90 ? 98  LEU B CB  1 
ATOM   1518 C CG  . LEU B 1 98  ? -10.098 0.598   0.154   1.00 29.44 ? 98  LEU B CG  1 
ATOM   1519 C CD1 . LEU B 1 98  ? -9.416  0.786   -1.192  1.00 27.17 ? 98  LEU B CD1 1 
ATOM   1520 C CD2 . LEU B 1 98  ? -9.420  1.431   1.230   1.00 29.57 ? 98  LEU B CD2 1 
ATOM   1521 N N   . ASN B 1 99  ? -14.091 2.256   1.839   1.00 34.48 ? 99  ASN B N   1 
ATOM   1522 C CA  . ASN B 1 99  ? -15.331 3.042   1.788   1.00 35.78 ? 99  ASN B CA  1 
ATOM   1523 C C   . ASN B 1 99  ? -15.030 4.529   1.660   1.00 36.85 ? 99  ASN B C   1 
ATOM   1524 O O   . ASN B 1 99  ? -14.154 5.034   2.347   1.00 36.32 ? 99  ASN B O   1 
ATOM   1525 C CB  . ASN B 1 99  ? -16.147 2.842   3.064   1.00 38.29 ? 99  ASN B CB  1 
ATOM   1526 C CG  . ASN B 1 99  ? -16.980 1.570   3.046   1.00 42.81 ? 99  ASN B CG  1 
ATOM   1527 O OD1 . ASN B 1 99  ? -16.448 0.467   2.965   1.00 45.21 ? 99  ASN B OD1 1 
ATOM   1528 N ND2 . ASN B 1 99  ? -18.300 1.724   3.154   1.00 45.80 ? 99  ASN B ND2 1 
ATOM   1529 N N   . PHE B 1 100 ? -15.764 5.230   0.795   1.00 38.98 ? 100 PHE B N   1 
ATOM   1530 C CA  . PHE B 1 100 ? -15.653 6.687   0.662   1.00 41.50 ? 100 PHE B CA  1 
ATOM   1531 C C   . PHE B 1 100 ? -16.810 7.286   -0.144  1.00 45.66 ? 100 PHE B C   1 
ATOM   1532 O O   . PHE B 1 100 ? -17.476 6.575   -0.897  1.00 45.85 ? 100 PHE B O   1 
ATOM   1533 C CB  . PHE B 1 100 ? -14.317 7.065   0.021   1.00 42.15 ? 100 PHE B CB  1 
ATOM   1534 C CG  . PHE B 1 100 ? -14.108 6.463   -1.328  1.00 42.26 ? 100 PHE B CG  1 
ATOM   1535 C CD1 . PHE B 1 100 ? -13.550 5.204   -1.459  1.00 41.89 ? 100 PHE B CD1 1 
ATOM   1536 C CD2 . PHE B 1 100 ? -14.492 7.155   -2.478  1.00 44.05 ? 100 PHE B CD2 1 
ATOM   1537 C CE1 . PHE B 1 100 ? -13.378 4.639   -2.712  1.00 43.17 ? 100 PHE B CE1 1 
ATOM   1538 C CE2 . PHE B 1 100 ? -14.309 6.601   -3.733  1.00 43.20 ? 100 PHE B CE2 1 
ATOM   1539 C CZ  . PHE B 1 100 ? -13.752 5.342   -3.850  1.00 44.49 ? 100 PHE B CZ  1 
ATOM   1540 O OXT . PHE B 1 100 ? -17.115 8.490   -0.080  1.00 54.19 ? 100 PHE B OXT 1 
HETATM 1541 N N   A KGQ C 2 .   ? 3.883   1.640   0.154   0.50 28.64 ? 201 KGQ A N   1 
HETATM 1542 C C   A KGQ C 2 .   ? 6.333   5.058   1.079   0.50 29.75 ? 201 KGQ A C   1 
HETATM 1543 O O   A KGQ C 2 .   ? 8.171   1.291   4.572   0.50 32.90 ? 201 KGQ A O   1 
HETATM 1544 C C6  A KGQ C 2 .   ? 3.923   0.210   -0.136  0.50 28.64 ? 201 KGQ A C6  1 
HETATM 1545 C C8  A KGQ C 2 .   ? 3.953   -0.540  1.205   0.50 28.52 ? 201 KGQ A C8  1 
HETATM 1546 C C9  A KGQ C 2 .   ? 5.096   -0.049  2.107   0.50 28.91 ? 201 KGQ A C9  1 
HETATM 1547 C C11 A KGQ C 2 .   ? 6.417   -0.201  1.717   0.50 29.13 ? 201 KGQ A C11 1 
HETATM 1548 C C13 A KGQ C 2 .   ? 7.441   0.248   2.550   0.50 31.20 ? 201 KGQ A C13 1 
HETATM 1549 C C14 A KGQ C 2 .   ? 7.161   0.843   3.775   0.50 31.06 ? 201 KGQ A C14 1 
HETATM 1550 C C15 A KGQ C 2 .   ? 8.956   2.263   3.838   0.50 36.29 ? 201 KGQ A C15 1 
HETATM 1551 P P   A KGQ C 2 .   ? 10.220  3.158   4.849   0.50 39.46 ? 201 KGQ A P   1 
HETATM 1552 O O3  A KGQ C 2 .   ? 11.641  3.161   4.058   0.50 37.33 ? 201 KGQ A O3  1 
HETATM 1553 C C18 A KGQ C 2 .   ? 12.601  2.144   4.226   0.50 37.72 ? 201 KGQ A C18 1 
HETATM 1554 C C19 A KGQ C 2 .   ? 13.548  2.168   3.027   0.50 37.26 ? 201 KGQ A C19 1 
HETATM 1555 O O2  A KGQ C 2 .   ? 9.780   4.733   4.952   0.50 39.26 ? 201 KGQ A O2  1 
HETATM 1556 O O1  A KGQ C 2 .   ? 10.258  2.572   6.332   0.50 39.10 ? 201 KGQ A O1  1 
HETATM 1557 C C16 A KGQ C 2 .   ? 9.221   2.979   7.235   0.50 38.31 ? 201 KGQ A C16 1 
HETATM 1558 C C17 A KGQ C 2 .   ? 9.502   2.472   8.650   0.50 38.25 ? 201 KGQ A C17 1 
HETATM 1559 C C12 A KGQ C 2 .   ? 5.835   0.983   4.167   0.50 29.91 ? 201 KGQ A C12 1 
HETATM 1560 C C10 A KGQ C 2 .   ? 4.814   0.540   3.336   0.50 29.61 ? 201 KGQ A C10 1 
HETATM 1561 C C7  A KGQ C 2 .   ? 2.689   -0.128  -0.979  0.50 28.08 ? 201 KGQ A C7  1 
HETATM 1562 O O8  A KGQ C 2 .   ? 1.526   0.082   -0.181  0.50 29.34 ? 201 KGQ A O8  1 
HETATM 1563 C C20 A KGQ C 2 .   ? 2.676   -1.573  -1.466  0.50 28.43 ? 201 KGQ A C20 1 
HETATM 1564 N N1  A KGQ C 2 .   ? 3.536   -1.790  -2.645  0.50 28.33 ? 201 KGQ A N1  1 
HETATM 1565 C C21 A KGQ C 2 .   ? 4.121   -0.537  -3.140  0.50 30.02 ? 201 KGQ A C21 1 
HETATM 1566 C C22 A KGQ C 2 .   ? 3.408   -0.096  -4.406  0.50 29.37 ? 201 KGQ A C22 1 
HETATM 1567 C C30 A KGQ C 2 .   ? 3.677   -1.044  -5.563  0.50 30.30 ? 201 KGQ A C30 1 
HETATM 1568 C C29 A KGQ C 2 .   ? 1.917   -0.030  -4.137  0.50 30.76 ? 201 KGQ A C29 1 
HETATM 1569 S S   A KGQ C 2 .   ? 4.734   -2.803  -2.217  0.50 28.41 ? 201 KGQ A S   1 
HETATM 1570 O O10 A KGQ C 2 .   ? 5.007   -2.674  -0.746  0.50 27.41 ? 201 KGQ A O10 1 
HETATM 1571 O O9  A KGQ C 2 .   ? 5.979   -2.464  -2.995  0.50 26.76 ? 201 KGQ A O9  1 
HETATM 1572 C C23 A KGQ C 2 .   ? 4.233   -4.452  -2.610  0.50 28.93 ? 201 KGQ A C23 1 
HETATM 1573 C C28 A KGQ C 2 .   ? 4.434   -4.951  -3.898  0.50 29.73 ? 201 KGQ A C28 1 
HETATM 1574 C C27 A KGQ C 2 .   ? 4.029   -6.238  -4.231  0.50 29.81 ? 201 KGQ A C27 1 
HETATM 1575 C C26 A KGQ C 2 .   ? 3.417   -7.034  -3.268  0.50 29.73 ? 201 KGQ A C26 1 
HETATM 1576 O O5  A KGQ C 2 .   ? 3.017   -8.294  -3.572  0.50 29.72 ? 201 KGQ A O5  1 
HETATM 1577 C C31 A KGQ C 2 .   ? 3.820   -8.874  -4.602  0.50 30.92 ? 201 KGQ A C31 1 
HETATM 1578 C C25 A KGQ C 2 .   ? 3.210   -6.541  -1.983  0.50 29.11 ? 201 KGQ A C25 1 
HETATM 1579 C C24 A KGQ C 2 .   ? 3.619   -5.255  -1.654  0.50 29.82 ? 201 KGQ A C24 1 
HETATM 1580 C C4  A KGQ C 2 .   ? 4.761   2.510   -0.330  0.50 28.65 ? 201 KGQ A C4  1 
HETATM 1581 O O7  A KGQ C 2 .   ? 5.690   2.199   -1.074  0.50 28.62 ? 201 KGQ A O7  1 
HETATM 1582 O O6  A KGQ C 2 .   ? 4.552   3.806   0.019   0.50 29.37 ? 201 KGQ A O6  1 
HETATM 1583 C C5  A KGQ C 2 .   ? 5.620   4.722   -0.227  0.50 29.31 ? 201 KGQ A C5  1 
HETATM 1584 C C3  A KGQ C 2 .   ? 4.931   6.019   -0.553  0.50 29.27 ? 201 KGQ A C3  1 
HETATM 1585 O O4  A KGQ C 2 .   ? 4.477   6.544   0.716   0.50 29.00 ? 201 KGQ A O4  1 
HETATM 1586 C C32 A KGQ C 2 .   ? 5.477   6.174   1.713   0.50 29.80 ? 201 KGQ A C32 1 
HETATM 1587 O O11 A KGQ C 2 .   ? 4.816   5.558   2.857   0.50 30.44 ? 201 KGQ A O11 1 
HETATM 1588 C C2  A KGQ C 2 .   ? 5.746   4.566   3.349   0.50 30.21 ? 201 KGQ A C2  1 
HETATM 1589 C C1  A KGQ C 2 .   ? 6.256   3.902   2.078   0.50 30.16 ? 201 KGQ A C1  1 
HETATM 1590 N N   B KGQ D 2 .   ? 3.074   -1.901  -2.192  0.50 28.75 ? 202 KGQ A N   1 
HETATM 1591 C C   B KGQ D 2 .   ? 4.229   -5.548  -4.226  0.50 28.71 ? 202 KGQ A C   1 
HETATM 1592 O O   B KGQ D 2 .   ? 4.189   -1.894  -8.200  0.50 31.92 ? 202 KGQ A O   1 
HETATM 1593 C C6  B KGQ D 2 .   ? 3.394   -0.496  -1.965  0.50 29.28 ? 202 KGQ A C6  1 
HETATM 1594 C C8  B KGQ D 2 .   ? 2.822   0.321   -3.130  0.50 29.31 ? 202 KGQ A C8  1 
HETATM 1595 C C9  B KGQ D 2 .   ? 3.197   -0.278  -4.493  0.50 28.92 ? 202 KGQ A C9  1 
HETATM 1596 C C11 B KGQ D 2 .   ? 4.518   -0.298  -4.908  0.50 29.00 ? 202 KGQ A C11 1 
HETATM 1597 C C13 B KGQ D 2 .   ? 4.842   -0.844  -6.148  0.50 30.59 ? 202 KGQ A C13 1 
HETATM 1598 C C14 B KGQ D 2 .   ? 3.856   -1.356  -6.989  0.50 31.13 ? 202 KGQ A C14 1 
HETATM 1599 C C15 B KGQ D 2 .   ? 5.197   -2.904  -8.011  0.50 34.90 ? 202 KGQ A C15 1 
HETATM 1600 P P   B KGQ D 2 .   ? 5.742   -3.738  -9.557  0.50 36.22 ? 202 KGQ A P   1 
HETATM 1601 O O3  B KGQ D 2 .   ? 7.365   -3.691  -9.673  0.50 34.79 ? 202 KGQ A O3  1 
HETATM 1602 C C18 B KGQ D 2 .   ? 8.090   -2.736  -10.443 0.50 34.99 ? 202 KGQ A C18 1 
HETATM 1603 C C19 B KGQ D 2 .   ? 9.358   -2.291  -9.696  0.50 34.06 ? 202 KGQ A C19 1 
HETATM 1604 O O2  B KGQ D 2 .   ? 5.351   -5.312  -9.398  0.50 38.02 ? 202 KGQ A O2  1 
HETATM 1605 O O1  B KGQ D 2 .   ? 4.901   -3.197  -10.808 0.50 37.25 ? 202 KGQ A O1  1 
HETATM 1606 C C16 B KGQ D 2 .   ? 3.548   -3.664  -10.968 0.50 36.13 ? 202 KGQ A C16 1 
HETATM 1607 C C17 B KGQ D 2 .   ? 2.979   -3.250  -12.324 0.50 35.99 ? 202 KGQ A C17 1 
HETATM 1608 C C12 B KGQ D 2 .   ? 2.531   -1.324  -6.570  0.50 29.43 ? 202 KGQ A C12 1 
HETATM 1609 C C10 B KGQ D 2 .   ? 2.211   -0.790  -5.332  0.50 29.31 ? 202 KGQ A C10 1 
HETATM 1610 C C7  B KGQ D 2 .   ? 2.803   -0.110  -0.609  0.50 29.23 ? 202 KGQ A C7  1 
HETATM 1611 O O8  B KGQ D 2 .   ? 1.384   -0.227  -0.692  0.50 30.20 ? 202 KGQ A O8  1 
HETATM 1612 C C20 B KGQ D 2 .   ? 3.164   1.308   -0.159  0.50 30.07 ? 202 KGQ A C20 1 
HETATM 1613 N N1  B KGQ D 2 .   ? 4.536   1.391   0.374   0.50 30.58 ? 202 KGQ A N1  1 
HETATM 1614 C C21 B KGQ D 2 .   ? 5.093   0.038   0.550   0.50 32.11 ? 202 KGQ A C21 1 
HETATM 1615 C C22 B KGQ D 2 .   ? 5.465   -0.234  2.009   0.50 31.52 ? 202 KGQ A C22 1 
HETATM 1616 C C30 B KGQ D 2 .   ? 6.810   0.380   2.371   0.50 33.16 ? 202 KGQ A C30 1 
HETATM 1617 C C29 B KGQ D 2 .   ? 4.392   0.277   2.958   0.50 32.75 ? 202 KGQ A C29 1 
HETATM 1618 S S   B KGQ D 2 .   ? 5.430   2.294   -0.669  0.50 30.31 ? 202 KGQ A S   1 
HETATM 1619 O O10 B KGQ D 2 .   ? 4.863   2.170   -2.054  0.50 29.90 ? 202 KGQ A O10 1 
HETATM 1620 O O9  B KGQ D 2 .   ? 6.862   1.845   -0.678  0.50 29.36 ? 202 KGQ A O9  1 
HETATM 1621 C C23 B KGQ D 2 .   ? 5.365   3.966   -0.147  0.50 30.50 ? 202 KGQ A C23 1 
HETATM 1622 C C28 B KGQ D 2 .   ? 6.275   4.404   0.808   0.50 30.62 ? 202 KGQ A C28 1 
HETATM 1623 C C27 B KGQ D 2 .   ? 6.244   5.716   1.252   0.50 30.97 ? 202 KGQ A C27 1 
HETATM 1624 C C26 B KGQ D 2 .   ? 5.297   6.592   0.739   0.50 30.91 ? 202 KGQ A C26 1 
HETATM 1625 O O5  B KGQ D 2 .   ? 5.284   7.872   1.181   0.50 31.49 ? 202 KGQ A O5  1 
HETATM 1626 C C31 B KGQ D 2 .   ? 6.457   8.086   1.968   0.50 32.74 ? 202 KGQ A C31 1 
HETATM 1627 C C25 B KGQ D 2 .   ? 4.380   6.160   -0.218  0.50 30.13 ? 202 KGQ A C25 1 
HETATM 1628 C C24 B KGQ D 2 .   ? 4.417   4.843   -0.663  0.50 30.32 ? 202 KGQ A C24 1 
HETATM 1629 C C4  B KGQ D 2 .   ? 3.993   -2.856  -2.212  0.50 27.93 ? 202 KGQ A C4  1 
HETATM 1630 O O7  B KGQ D 2 .   ? 5.190   -2.633  -2.060  0.50 28.52 ? 202 KGQ A O7  1 
HETATM 1631 O O6  B KGQ D 2 .   ? 3.539   -4.125  -2.396  0.50 28.35 ? 202 KGQ A O6  1 
HETATM 1632 C C5  B KGQ D 2 .   ? 4.482   -5.142  -2.773  0.50 28.11 ? 202 KGQ A C5  1 
HETATM 1633 C C3  B KGQ D 2 .   ? 4.019   -6.372  -2.045  0.50 28.25 ? 202 KGQ A C3  1 
HETATM 1634 O O4  B KGQ D 2 .   ? 2.803   -6.755  -2.723  0.50 27.86 ? 202 KGQ A O4  1 
HETATM 1635 C C32 B KGQ D 2 .   ? 3.064   -6.556  -4.140  0.50 28.74 ? 202 KGQ A C32 1 
HETATM 1636 O O11 B KGQ D 2 .   ? 1.912   -5.879  -4.708  0.50 29.49 ? 202 KGQ A O11 1 
HETATM 1637 C C2  B KGQ D 2 .   ? 2.431   -4.966  -5.702  0.50 29.35 ? 202 KGQ A C2  1 
HETATM 1638 C C1  B KGQ D 2 .   ? 3.666   -4.382  -5.042  0.50 28.98 ? 202 KGQ A C1  1 
HETATM 1639 O O   . HOH E 3 .   ? -8.192  18.277  -11.734 1.00 43.45 ? 301 HOH A O   1 
HETATM 1640 O O   . HOH E 3 .   ? 0.025   20.432  -0.321  1.00 28.47 ? 302 HOH A O   1 
HETATM 1641 O O   . HOH E 3 .   ? -1.042  16.613  1.323   1.00 25.02 ? 303 HOH A O   1 
HETATM 1642 O O   . HOH E 3 .   ? 14.282  23.407  -4.925  1.00 39.23 ? 304 HOH A O   1 
HETATM 1643 O O   . HOH E 3 .   ? -3.638  25.132  -1.449  1.00 40.04 ? 305 HOH A O   1 
HETATM 1644 O O   . HOH E 3 .   ? 2.481   13.166  -1.561  1.00 33.80 ? 306 HOH A O   1 
HETATM 1645 O O   . HOH E 3 .   ? -15.774 -7.545  11.450  1.00 31.58 ? 307 HOH A O   1 
HETATM 1646 O O   . HOH E 3 .   ? -10.485 -0.966  -10.100 1.00 35.95 ? 308 HOH A O   1 
HETATM 1647 O O   . HOH E 3 .   ? 7.035   -0.358  -2.134  1.00 20.40 ? 309 HOH A O   1 
HETATM 1648 O O   . HOH E 3 .   ? -20.651 0.198   -4.193  1.00 38.77 ? 310 HOH A O   1 
HETATM 1649 O O   . HOH E 3 .   ? 7.129   5.399   -13.781 1.00 35.01 ? 311 HOH A O   1 
HETATM 1650 O O   . HOH E 3 .   ? -10.754 -3.206  -5.612  1.00 30.49 ? 312 HOH A O   1 
HETATM 1651 O O   . HOH E 3 .   ? 17.166  1.505   -3.759  1.00 41.64 ? 313 HOH A O   1 
HETATM 1652 O O   . HOH E 3 .   ? 0.031   4.090   5.765   1.00 24.73 ? 314 HOH A O   1 
HETATM 1653 O O   . HOH E 3 .   ? -9.763  8.550   6.496   1.00 31.79 ? 315 HOH A O   1 
HETATM 1654 O O   . HOH E 3 .   ? -15.964 -4.355  -5.886  1.00 35.81 ? 316 HOH A O   1 
HETATM 1655 O O   . HOH E 3 .   ? 10.982  18.458  -16.400 1.00 45.77 ? 317 HOH A O   1 
HETATM 1656 O O   . HOH E 3 .   ? 14.015  -0.373  1.989   1.00 45.43 ? 318 HOH A O   1 
HETATM 1657 O O   . HOH E 3 .   ? 2.303   26.377  -4.314  1.00 42.18 ? 319 HOH A O   1 
HETATM 1658 O O   . HOH E 3 .   ? 2.792   23.235  -7.076  1.00 43.48 ? 320 HOH A O   1 
HETATM 1659 O O   . HOH E 3 .   ? 15.800  7.117   -7.789  1.00 43.20 ? 321 HOH A O   1 
HETATM 1660 O O   . HOH E 3 .   ? -12.113 0.720   -7.566  1.00 40.61 ? 322 HOH A O   1 
HETATM 1661 O O   . HOH E 3 .   ? -19.756 0.396   5.850   1.00 50.24 ? 323 HOH A O   1 
HETATM 1662 O O   . HOH E 3 .   ? -16.915 14.370  -5.535  1.00 53.22 ? 324 HOH A O   1 
HETATM 1663 O O   . HOH E 3 .   ? 5.226   10.471  6.192   1.00 41.91 ? 325 HOH A O   1 
HETATM 1664 O O   . HOH E 3 .   ? 2.678   3.632   5.620   1.00 28.08 ? 326 HOH A O   1 
HETATM 1665 O O   . HOH E 3 .   ? -3.305  5.308   -15.887 1.00 26.47 ? 327 HOH A O   1 
HETATM 1666 O O   . HOH E 3 .   ? -6.690  -6.640  -9.946  1.00 33.73 ? 328 HOH A O   1 
HETATM 1667 O O   . HOH E 3 .   ? -14.057 -5.123  -13.115 1.00 42.91 ? 329 HOH A O   1 
HETATM 1668 O O   . HOH E 3 .   ? -16.348 5.984   4.621   1.00 41.02 ? 330 HOH A O   1 
HETATM 1669 O O   . HOH E 3 .   ? -10.799 2.988   -12.396 1.00 34.69 ? 331 HOH A O   1 
HETATM 1670 O O   . HOH E 3 .   ? -16.681 -7.417  7.157   1.00 51.69 ? 332 HOH A O   1 
HETATM 1671 O O   . HOH E 3 .   ? -13.898 15.116  -1.254  1.00 51.04 ? 333 HOH A O   1 
HETATM 1672 O O   . HOH E 3 .   ? -4.681  12.210  -20.635 1.00 39.72 ? 334 HOH A O   1 
HETATM 1673 O O   . HOH E 3 .   ? 8.418   14.309  -14.111 1.00 54.75 ? 335 HOH A O   1 
HETATM 1674 O O   . HOH E 3 .   ? -0.671  3.228   -12.706 1.00 43.36 ? 336 HOH A O   1 
HETATM 1675 O O   . HOH E 3 .   ? -14.946 -9.097  0.554   1.00 51.36 ? 337 HOH A O   1 
HETATM 1676 O O   . HOH E 3 .   ? 9.480   7.475   2.458   1.00 37.26 ? 338 HOH A O   1 
HETATM 1677 O O   . HOH E 3 .   ? -12.166 11.754  -11.171 1.00 49.86 ? 339 HOH A O   1 
HETATM 1678 O O   . HOH E 3 .   ? -1.954  12.177  -20.344 1.00 45.53 ? 340 HOH A O   1 
HETATM 1679 O O   . HOH E 3 .   ? 4.105   4.731   3.336   0.50 34.86 ? 341 HOH A O   1 
HETATM 1680 O O   . HOH E 3 .   ? 6.241   27.688  -9.381  1.00 49.30 ? 342 HOH A O   1 
HETATM 1681 O O   . HOH E 3 .   ? 7.764   21.533  -12.798 1.00 37.49 ? 343 HOH A O   1 
HETATM 1682 O O   . HOH E 3 .   ? -3.153  21.783  -9.467  1.00 29.34 ? 344 HOH A O   1 
HETATM 1683 O O   . HOH E 3 .   ? 1.160   -5.278  -5.152  0.50 31.04 ? 345 HOH A O   1 
HETATM 1684 O O   . HOH E 3 .   ? -15.238 8.880   8.030   1.00 35.74 ? 346 HOH A O   1 
HETATM 1685 O O   . HOH F 3 .   ? -3.003  -16.399 -0.295  1.00 24.62 ? 201 HOH B O   1 
HETATM 1686 O O   . HOH F 3 .   ? -1.527  -20.471 0.580   1.00 36.38 ? 202 HOH B O   1 
HETATM 1687 O O   . HOH F 3 .   ? -16.491 -4.264  5.158   1.00 35.01 ? 203 HOH B O   1 
HETATM 1688 O O   . HOH F 3 .   ? 13.295  -23.997 -2.320  1.00 33.29 ? 204 HOH B O   1 
HETATM 1689 O O   . HOH F 3 .   ? -9.622  5.579   13.136  1.00 37.23 ? 205 HOH B O   1 
HETATM 1690 O O   . HOH F 3 .   ? 16.264  -3.145  -6.410  1.00 39.51 ? 206 HOH B O   1 
HETATM 1691 O O   . HOH F 3 .   ? 15.352  -15.488 -2.180  1.00 46.19 ? 207 HOH B O   1 
HETATM 1692 O O   . HOH F 3 .   ? -15.454 1.190   14.843  1.00 36.88 ? 208 HOH B O   1 
HETATM 1693 O O   . HOH F 3 .   ? 13.004  -6.229  7.755   1.00 34.70 ? 209 HOH B O   1 
HETATM 1694 O O   . HOH F 3 .   ? 16.605  -8.595  -1.795  1.00 36.86 ? 210 HOH B O   1 
HETATM 1695 O O   . HOH F 3 .   ? 0.684   6.817   11.848  1.00 30.71 ? 211 HOH B O   1 
HETATM 1696 O O   . HOH F 3 .   ? 1.572   -13.194 0.172   1.00 33.70 ? 212 HOH B O   1 
HETATM 1697 O O   . HOH F 3 .   ? -4.289  -24.569 3.746   1.00 42.64 ? 213 HOH B O   1 
HETATM 1698 O O   . HOH F 3 .   ? 11.910  -2.650  10.082  1.00 55.62 ? 214 HOH B O   1 
HETATM 1699 O O   . HOH F 3 .   ? -5.546  3.874   10.406  1.00 27.97 ? 215 HOH B O   1 
HETATM 1700 O O   . HOH F 3 .   ? -3.467  -3.945  -4.762  1.00 24.01 ? 216 HOH B O   1 
HETATM 1701 O O   . HOH F 3 .   ? -12.265 -7.587  0.015   1.00 36.85 ? 217 HOH B O   1 
HETATM 1702 O O   . HOH F 3 .   ? 0.601   -3.316  -8.322  1.00 35.22 ? 218 HOH B O   1 
HETATM 1703 O O   . HOH F 3 .   ? 16.799  -19.901 8.174   1.00 48.41 ? 219 HOH B O   1 
HETATM 1704 O O   . HOH F 3 .   ? -1.050  -3.588  -6.326  1.00 28.45 ? 220 HOH B O   1 
HETATM 1705 O O   . HOH F 3 .   ? 11.679  -22.278 6.973   1.00 40.79 ? 221 HOH B O   1 
HETATM 1706 O O   . HOH F 3 .   ? -11.755 10.585  7.300   1.00 41.52 ? 222 HOH B O   1 
HETATM 1707 O O   . HOH F 3 .   ? -4.702  -10.973 16.408  1.00 46.83 ? 223 HOH B O   1 
HETATM 1708 O O   . HOH F 3 .   ? -2.827  1.631   14.236  1.00 33.22 ? 224 HOH B O   1 
HETATM 1709 O O   . HOH F 3 .   ? 4.015   -23.747 5.015   1.00 38.21 ? 225 HOH B O   1 
HETATM 1710 O O   . HOH F 3 .   ? -12.161 -12.684 15.264  1.00 62.00 ? 226 HOH B O   1 
HETATM 1711 O O   . HOH F 3 .   ? 1.819   -9.688  -7.006  1.00 43.79 ? 227 HOH B O   1 
HETATM 1712 O O   . HOH F 3 .   ? 7.981   -7.348  13.811  1.00 45.26 ? 228 HOH B O   1 
HETATM 1713 O O   . HOH F 3 .   ? -0.940  10.788  12.096  1.00 41.60 ? 229 HOH B O   1 
HETATM 1714 O O   . HOH F 3 .   ? 1.713   -26.943 3.386   1.00 45.17 ? 230 HOH B O   1 
HETATM 1715 O O   . HOH F 3 .   ? 13.383  -15.590 7.574   1.00 50.29 ? 231 HOH B O   1 
HETATM 1716 O O   . HOH F 3 .   ? 0.669   -21.654 10.458  1.00 30.84 ? 232 HOH B O   1 
HETATM 1717 O O   . HOH F 3 .   ? -1.706  -17.841 14.484  1.00 36.45 ? 233 HOH B O   1 
# 
loop_
_pdbx_poly_seq_scheme.asym_id 
_pdbx_poly_seq_scheme.entity_id 
_pdbx_poly_seq_scheme.seq_id 
_pdbx_poly_seq_scheme.mon_id 
_pdbx_poly_seq_scheme.ndb_seq_num 
_pdbx_poly_seq_scheme.pdb_seq_num 
_pdbx_poly_seq_scheme.auth_seq_num 
_pdbx_poly_seq_scheme.pdb_mon_id 
_pdbx_poly_seq_scheme.auth_mon_id 
_pdbx_poly_seq_scheme.pdb_strand_id 
_pdbx_poly_seq_scheme.pdb_ins_code 
_pdbx_poly_seq_scheme.hetero 
A 1 1   PRO 1   1   1   PRO PRO A . n 
A 1 2   GLN 2   2   2   GLN GLN A . n 
A 1 3   ILE 3   3   3   ILE ILE A . n 
A 1 4   THR 4   4   4   THR THR A . n 
A 1 5   LEU 5   5   5   LEU LEU A . n 
A 1 6   TRP 6   6   6   TRP TRP A . n 
A 1 7   GLN 7   7   7   GLN GLN A . n 
A 1 8   ARG 8   8   8   ARG ARG A . n 
A 1 9   PRO 9   9   9   PRO PRO A . n 
A 1 10  PHE 10  10  10  PHE PHE A . n 
A 1 11  VAL 11  11  11  VAL VAL A . n 
A 1 12  THR 12  12  12  THR THR A . n 
A 1 13  VAL 13  13  13  VAL VAL A . n 
A 1 14  LYS 14  14  14  LYS LYS A . n 
A 1 15  ILE 15  15  15  ILE ILE A . n 
A 1 16  ALA 16  16  16  ALA ALA A . n 
A 1 17  GLY 17  17  17  GLY GLY A . n 
A 1 18  GLN 18  18  18  GLN GLN A . n 
A 1 19  LEU 19  19  19  LEU LEU A . n 
A 1 20  MET 20  20  20  MET MET A . n 
A 1 21  GLU 21  21  21  GLU GLU A . n 
A 1 22  ALA 22  22  22  ALA ALA A . n 
A 1 23  LEU 23  23  23  LEU LEU A . n 
A 1 24  LEU 24  24  24  LEU LEU A . n 
A 1 25  ASP 25  25  25  ASP ASP A . n 
A 1 26  THR 26  26  26  THR THR A . n 
A 1 27  GLY 27  27  27  GLY GLY A . n 
A 1 28  ALA 28  28  28  ALA ALA A . n 
A 1 29  ASP 29  29  29  ASP ASP A . n 
A 1 30  ASP 30  30  30  ASP ASP A . n 
A 1 31  THR 31  31  31  THR THR A . n 
A 1 32  ILE 32  32  32  ILE ILE A . n 
A 1 33  LEU 33  33  33  LEU LEU A . n 
A 1 34  GLU 34  34  34  GLU GLU A . n 
A 1 35  GLU 35  35  35  GLU GLU A . n 
A 1 36  GLU 36  36  36  GLU GLU A . n 
A 1 37  MET 37  37  37  MET MET A . n 
A 1 38  SER 38  38  38  SER SER A . n 
A 1 39  LEU 39  39  39  LEU LEU A . n 
A 1 40  PRO 40  40  40  PRO PRO A . n 
A 1 41  GLY 41  41  41  GLY GLY A . n 
A 1 42  ARG 42  42  42  ARG ARG A . n 
A 1 43  TRP 43  43  43  TRP TRP A . n 
A 1 44  THR 44  44  44  THR THR A . n 
A 1 45  PRO 45  45  45  PRO PRO A . n 
A 1 46  LYS 46  46  46  LYS LYS A . n 
A 1 47  VAL 47  47  47  VAL VAL A . n 
A 1 48  VAL 48  48  48  VAL VAL A . n 
A 1 49  GLY 49  49  49  GLY GLY A . n 
A 1 50  GLY 50  50  50  GLY GLY A . n 
A 1 51  ILE 51  51  51  ILE ILE A . n 
A 1 52  GLY 52  52  52  GLY GLY A . n 
A 1 53  GLY 53  53  53  GLY GLY A . n 
A 1 54  PHE 54  54  54  PHE PHE A . n 
A 1 55  MET 55  55  55  MET MET A . n 
A 1 56  LYS 56  56  56  LYS LYS A . n 
A 1 57  VAL 57  57  57  VAL VAL A . n 
A 1 58  ARG 58  58  58  ARG ARG A . n 
A 1 59  GLN 59  59  59  GLN GLN A . n 
A 1 60  TYR 60  60  60  TYR TYR A . n 
A 1 61  ASP 61  61  61  ASP ASP A . n 
A 1 62  GLN 62  62  62  GLN GLN A . n 
A 1 63  ILE 63  63  63  ILE ILE A . n 
A 1 64  LEU 64  64  64  LEU LEU A . n 
A 1 65  VAL 65  65  65  VAL VAL A . n 
A 1 66  GLU 66  66  66  GLU GLU A . n 
A 1 67  ILE 67  67  67  ILE ILE A . n 
A 1 68  CYS 68  68  68  CYS CYS A . n 
A 1 69  GLY 69  69  69  GLY GLY A . n 
A 1 70  HIS 70  70  70  HIS HIS A . n 
A 1 71  LYS 71  71  71  LYS LYS A . n 
A 1 72  VAL 72  72  72  VAL VAL A . n 
A 1 73  ILE 73  73  73  ILE ILE A . n 
A 1 74  GLY 74  74  74  GLY GLY A . n 
A 1 75  THR 75  75  75  THR THR A . n 
A 1 76  VAL 76  76  76  VAL VAL A . n 
A 1 77  LEU 77  77  77  LEU LEU A . n 
A 1 78  VAL 78  78  78  VAL VAL A . n 
A 1 79  GLY 79  79  79  GLY GLY A . n 
A 1 80  PRO 80  80  80  PRO PRO A . n 
A 1 81  THR 81  81  81  THR THR A . n 
A 1 82  PRO 82  82  82  PRO PRO A . n 
A 1 83  ALA 83  83  83  ALA ALA A . n 
A 1 84  ASN 84  84  84  ASN ASN A . n 
A 1 85  ILE 85  85  85  ILE ILE A . n 
A 1 86  ILE 86  86  86  ILE ILE A . n 
A 1 87  GLY 87  87  87  GLY GLY A . n 
A 1 88  ARG 88  88  88  ARG ARG A . n 
A 1 89  ASN 89  89  89  ASN ASN A . n 
A 1 90  LEU 90  90  90  LEU LEU A . n 
A 1 91  LEU 91  91  91  LEU LEU A . n 
A 1 92  THR 92  92  92  THR THR A . n 
A 1 93  GLN 93  93  93  GLN GLN A . n 
A 1 94  ILE 94  94  94  ILE ILE A . n 
A 1 95  GLY 95  95  95  GLY GLY A . n 
A 1 96  CYS 96  96  96  CYS CYS A . n 
A 1 97  THR 97  97  97  THR THR A . n 
A 1 98  LEU 98  98  98  LEU LEU A . n 
A 1 99  ASN 99  99  99  ASN ASN A . n 
A 1 100 PHE 100 100 100 PHE PHE A . n 
B 1 1   PRO 1   1   1   PRO PRO B . n 
B 1 2   GLN 2   2   2   GLN GLN B . n 
B 1 3   ILE 3   3   3   ILE ILE B . n 
B 1 4   THR 4   4   4   THR THR B . n 
B 1 5   LEU 5   5   5   LEU LEU B . n 
B 1 6   TRP 6   6   6   TRP TRP B . n 
B 1 7   GLN 7   7   7   GLN GLN B . n 
B 1 8   ARG 8   8   8   ARG ARG B . n 
B 1 9   PRO 9   9   9   PRO PRO B . n 
B 1 10  PHE 10  10  10  PHE PHE B . n 
B 1 11  VAL 11  11  11  VAL VAL B . n 
B 1 12  THR 12  12  12  THR THR B . n 
B 1 13  VAL 13  13  13  VAL VAL B . n 
B 1 14  LYS 14  14  14  LYS LYS B . n 
B 1 15  ILE 15  15  15  ILE ILE B . n 
B 1 16  ALA 16  16  16  ALA ALA B . n 
B 1 17  GLY 17  17  17  GLY GLY B . n 
B 1 18  GLN 18  18  18  GLN GLN B . n 
B 1 19  LEU 19  19  19  LEU LEU B . n 
B 1 20  MET 20  20  20  MET MET B . n 
B 1 21  GLU 21  21  21  GLU GLU B . n 
B 1 22  ALA 22  22  22  ALA ALA B . n 
B 1 23  LEU 23  23  23  LEU LEU B . n 
B 1 24  LEU 24  24  24  LEU LEU B . n 
B 1 25  ASP 25  25  25  ASP ASP B . n 
B 1 26  THR 26  26  26  THR THR B . n 
B 1 27  GLY 27  27  27  GLY GLY B . n 
B 1 28  ALA 28  28  28  ALA ALA B . n 
B 1 29  ASP 29  29  29  ASP ASP B . n 
B 1 30  ASP 30  30  30  ASP ASP B . n 
B 1 31  THR 31  31  31  THR THR B . n 
B 1 32  ILE 32  32  32  ILE ILE B . n 
B 1 33  LEU 33  33  33  LEU LEU B . n 
B 1 34  GLU 34  34  34  GLU GLU B . n 
B 1 35  GLU 35  35  35  GLU GLU B . n 
B 1 36  GLU 36  36  36  GLU GLU B . n 
B 1 37  MET 37  37  37  MET MET B . n 
B 1 38  SER 38  38  38  SER SER B . n 
B 1 39  LEU 39  39  39  LEU LEU B . n 
B 1 40  PRO 40  40  40  PRO PRO B . n 
B 1 41  GLY 41  41  41  GLY GLY B . n 
B 1 42  ARG 42  42  42  ARG ARG B . n 
B 1 43  TRP 43  43  43  TRP TRP B . n 
B 1 44  THR 44  44  44  THR THR B . n 
B 1 45  PRO 45  45  45  PRO PRO B . n 
B 1 46  LYS 46  46  46  LYS LYS B . n 
B 1 47  VAL 47  47  47  VAL VAL B . n 
B 1 48  VAL 48  48  48  VAL VAL B . n 
B 1 49  GLY 49  49  49  GLY GLY B . n 
B 1 50  GLY 50  50  50  GLY GLY B . n 
B 1 51  ILE 51  51  51  ILE ILE B . n 
B 1 52  GLY 52  52  52  GLY GLY B . n 
B 1 53  GLY 53  53  53  GLY GLY B . n 
B 1 54  PHE 54  54  54  PHE PHE B . n 
B 1 55  MET 55  55  55  MET MET B . n 
B 1 56  LYS 56  56  56  LYS LYS B . n 
B 1 57  VAL 57  57  57  VAL VAL B . n 
B 1 58  ARG 58  58  58  ARG ARG B . n 
B 1 59  GLN 59  59  59  GLN GLN B . n 
B 1 60  TYR 60  60  60  TYR TYR B . n 
B 1 61  ASP 61  61  61  ASP ASP B . n 
B 1 62  GLN 62  62  62  GLN GLN B . n 
B 1 63  ILE 63  63  63  ILE ILE B . n 
B 1 64  LEU 64  64  64  LEU LEU B . n 
B 1 65  VAL 65  65  65  VAL VAL B . n 
B 1 66  GLU 66  66  66  GLU GLU B . n 
B 1 67  ILE 67  67  67  ILE ILE B . n 
B 1 68  CYS 68  68  68  CYS CYS B . n 
B 1 69  GLY 69  69  69  GLY GLY B . n 
B 1 70  HIS 70  70  70  HIS HIS B . n 
B 1 71  LYS 71  71  71  LYS LYS B . n 
B 1 72  VAL 72  72  72  VAL VAL B . n 
B 1 73  ILE 73  73  73  ILE ILE B . n 
B 1 74  GLY 74  74  74  GLY GLY B . n 
B 1 75  THR 75  75  75  THR THR B . n 
B 1 76  VAL 76  76  76  VAL VAL B . n 
B 1 77  LEU 77  77  77  LEU LEU B . n 
B 1 78  VAL 78  78  78  VAL VAL B . n 
B 1 79  GLY 79  79  79  GLY GLY B . n 
B 1 80  PRO 80  80  80  PRO PRO B . n 
B 1 81  THR 81  81  81  THR THR B . n 
B 1 82  PRO 82  82  82  PRO PRO B . n 
B 1 83  ALA 83  83  83  ALA ALA B . n 
B 1 84  ASN 84  84  84  ASN ASN B . n 
B 1 85  ILE 85  85  85  ILE ILE B . n 
B 1 86  ILE 86  86  86  ILE ILE B . n 
B 1 87  GLY 87  87  87  GLY GLY B . n 
B 1 88  ARG 88  88  88  ARG ARG B . n 
B 1 89  ASN 89  89  89  ASN ASN B . n 
B 1 90  LEU 90  90  90  LEU LEU B . n 
B 1 91  LEU 91  91  91  LEU LEU B . n 
B 1 92  THR 92  92  92  THR THR B . n 
B 1 93  GLN 93  93  93  GLN GLN B . n 
B 1 94  ILE 94  94  94  ILE ILE B . n 
B 1 95  GLY 95  95  95  GLY GLY B . n 
B 1 96  CYS 96  96  96  CYS CYS B . n 
B 1 97  THR 97  97  97  THR THR B . n 
B 1 98  LEU 98  98  98  LEU LEU B . n 
B 1 99  ASN 99  99  99  ASN ASN B . n 
B 1 100 PHE 100 100 100 PHE PHE B . n 
# 
loop_
_pdbx_nonpoly_scheme.asym_id 
_pdbx_nonpoly_scheme.entity_id 
_pdbx_nonpoly_scheme.mon_id 
_pdbx_nonpoly_scheme.ndb_seq_num 
_pdbx_nonpoly_scheme.pdb_seq_num 
_pdbx_nonpoly_scheme.auth_seq_num 
_pdbx_nonpoly_scheme.pdb_mon_id 
_pdbx_nonpoly_scheme.auth_mon_id 
_pdbx_nonpoly_scheme.pdb_strand_id 
_pdbx_nonpoly_scheme.pdb_ins_code 
C 2 KGQ 1  201 1  KGQ KGQ A . 
D 2 KGQ 1  202 1  KGQ KGQ A . 
E 3 HOH 1  301 1  HOH HOH A . 
E 3 HOH 2  302 4  HOH HOH A . 
E 3 HOH 3  303 5  HOH HOH A . 
E 3 HOH 4  304 8  HOH HOH A . 
E 3 HOH 5  305 10 HOH HOH A . 
E 3 HOH 6  306 11 HOH HOH A . 
E 3 HOH 7  307 12 HOH HOH A . 
E 3 HOH 8  308 14 HOH HOH A . 
E 3 HOH 9  309 15 HOH HOH A . 
E 3 HOH 10 310 16 HOH HOH A . 
E 3 HOH 11 311 18 HOH HOH A . 
E 3 HOH 12 312 22 HOH HOH A . 
E 3 HOH 13 313 23 HOH HOH A . 
E 3 HOH 14 314 27 HOH HOH A . 
E 3 HOH 15 315 30 HOH HOH A . 
E 3 HOH 16 316 31 HOH HOH A . 
E 3 HOH 17 317 32 HOH HOH A . 
E 3 HOH 18 318 35 HOH HOH A . 
E 3 HOH 19 319 40 HOH HOH A . 
E 3 HOH 20 320 41 HOH HOH A . 
E 3 HOH 21 321 42 HOH HOH A . 
E 3 HOH 22 322 43 HOH HOH A . 
E 3 HOH 23 323 44 HOH HOH A . 
E 3 HOH 24 324 45 HOH HOH A . 
E 3 HOH 25 325 46 HOH HOH A . 
E 3 HOH 26 326 47 HOH HOH A . 
E 3 HOH 27 327 48 HOH HOH A . 
E 3 HOH 28 328 51 HOH HOH A . 
E 3 HOH 29 329 52 HOH HOH A . 
E 3 HOH 30 330 54 HOH HOH A . 
E 3 HOH 31 331 55 HOH HOH A . 
E 3 HOH 32 332 57 HOH HOH A . 
E 3 HOH 33 333 59 HOH HOH A . 
E 3 HOH 34 334 60 HOH HOH A . 
E 3 HOH 35 335 61 HOH HOH A . 
E 3 HOH 36 336 63 HOH HOH A . 
E 3 HOH 37 337 64 HOH HOH A . 
E 3 HOH 38 338 65 HOH HOH A . 
E 3 HOH 39 339 68 HOH HOH A . 
E 3 HOH 40 340 69 HOH HOH A . 
E 3 HOH 41 341 70 HOH HOH A . 
E 3 HOH 42 342 73 HOH HOH A . 
E 3 HOH 43 343 74 HOH HOH A . 
E 3 HOH 44 344 76 HOH HOH A . 
E 3 HOH 45 345 78 HOH HOH A . 
E 3 HOH 46 346 80 HOH HOH A . 
F 3 HOH 1  201 2  HOH HOH B . 
F 3 HOH 2  202 3  HOH HOH B . 
F 3 HOH 3  203 6  HOH HOH B . 
F 3 HOH 4  204 7  HOH HOH B . 
F 3 HOH 5  205 13 HOH HOH B . 
F 3 HOH 6  206 17 HOH HOH B . 
F 3 HOH 7  207 19 HOH HOH B . 
F 3 HOH 8  208 20 HOH HOH B . 
F 3 HOH 9  209 21 HOH HOH B . 
F 3 HOH 10 210 24 HOH HOH B . 
F 3 HOH 11 211 25 HOH HOH B . 
F 3 HOH 12 212 26 HOH HOH B . 
F 3 HOH 13 213 28 HOH HOH B . 
F 3 HOH 14 214 29 HOH HOH B . 
F 3 HOH 15 215 33 HOH HOH B . 
F 3 HOH 16 216 34 HOH HOH B . 
F 3 HOH 17 217 36 HOH HOH B . 
F 3 HOH 18 218 37 HOH HOH B . 
F 3 HOH 19 219 38 HOH HOH B . 
F 3 HOH 20 220 39 HOH HOH B . 
F 3 HOH 21 221 49 HOH HOH B . 
F 3 HOH 22 222 50 HOH HOH B . 
F 3 HOH 23 223 53 HOH HOH B . 
F 3 HOH 24 224 56 HOH HOH B . 
F 3 HOH 25 225 58 HOH HOH B . 
F 3 HOH 26 226 62 HOH HOH B . 
F 3 HOH 27 227 66 HOH HOH B . 
F 3 HOH 28 228 67 HOH HOH B . 
F 3 HOH 29 229 71 HOH HOH B . 
F 3 HOH 30 230 72 HOH HOH B . 
F 3 HOH 31 231 75 HOH HOH B . 
F 3 HOH 32 232 77 HOH HOH B . 
F 3 HOH 33 233 79 HOH HOH B . 
# 
_pdbx_struct_assembly.id                   1 
_pdbx_struct_assembly.details              author_defined_assembly 
_pdbx_struct_assembly.method_details       ? 
_pdbx_struct_assembly.oligomeric_details   dimeric 
_pdbx_struct_assembly.oligomeric_count     2 
# 
_pdbx_struct_assembly_gen.assembly_id       1 
_pdbx_struct_assembly_gen.oper_expression   1 
_pdbx_struct_assembly_gen.asym_id_list      A,B,C,D,E,F 
# 
_pdbx_struct_oper_list.id                   1 
_pdbx_struct_oper_list.type                 'identity operation' 
_pdbx_struct_oper_list.name                 1_555 
_pdbx_struct_oper_list.symmetry_operation   x,y,z 
_pdbx_struct_oper_list.matrix[1][1]         1.0000000000 
_pdbx_struct_oper_list.matrix[1][2]         0.0000000000 
_pdbx_struct_oper_list.matrix[1][3]         0.0000000000 
_pdbx_struct_oper_list.vector[1]            0.0000000000 
_pdbx_struct_oper_list.matrix[2][1]         0.0000000000 
_pdbx_struct_oper_list.matrix[2][2]         1.0000000000 
_pdbx_struct_oper_list.matrix[2][3]         0.0000000000 
_pdbx_struct_oper_list.vector[2]            0.0000000000 
_pdbx_struct_oper_list.matrix[3][1]         0.0000000000 
_pdbx_struct_oper_list.matrix[3][2]         0.0000000000 
_pdbx_struct_oper_list.matrix[3][3]         1.0000000000 
_pdbx_struct_oper_list.vector[3]            0.0000000000 
# 
loop_
_pdbx_audit_revision_history.ordinal 
_pdbx_audit_revision_history.data_content_type 
_pdbx_audit_revision_history.major_revision 
_pdbx_audit_revision_history.minor_revision 
_pdbx_audit_revision_history.revision_date 
1 'Structure model' 1 0 2014-05-07 
2 'Structure model' 1 1 2023-09-20 
# 
_pdbx_audit_revision_details.ordinal             1 
_pdbx_audit_revision_details.revision_ordinal    1 
_pdbx_audit_revision_details.data_content_type   'Structure model' 
_pdbx_audit_revision_details.provider            repository 
_pdbx_audit_revision_details.type                'Initial release' 
_pdbx_audit_revision_details.description         ? 
_pdbx_audit_revision_details.details             ? 
# 
loop_
_pdbx_audit_revision_group.ordinal 
_pdbx_audit_revision_group.revision_ordinal 
_pdbx_audit_revision_group.data_content_type 
_pdbx_audit_revision_group.group 
1 2 'Structure model' 'Data collection'        
2 2 'Structure model' 'Database references'    
3 2 'Structure model' 'Derived calculations'   
4 2 'Structure model' 'Refinement description' 
# 
loop_
_pdbx_audit_revision_category.ordinal 
_pdbx_audit_revision_category.revision_ordinal 
_pdbx_audit_revision_category.data_content_type 
_pdbx_audit_revision_category.category 
1 2 'Structure model' chem_comp_atom                
2 2 'Structure model' chem_comp_bond                
3 2 'Structure model' database_2                    
4 2 'Structure model' pdbx_initial_refinement_model 
5 2 'Structure model' struct_ref_seq_dif            
6 2 'Structure model' struct_site                   
# 
loop_
_pdbx_audit_revision_item.ordinal 
_pdbx_audit_revision_item.revision_ordinal 
_pdbx_audit_revision_item.data_content_type 
_pdbx_audit_revision_item.item 
1 2 'Structure model' '_database_2.pdbx_DOI'                
2 2 'Structure model' '_database_2.pdbx_database_accession' 
3 2 'Structure model' '_struct_ref_seq_dif.details'         
4 2 'Structure model' '_struct_site.pdbx_auth_asym_id'      
5 2 'Structure model' '_struct_site.pdbx_auth_comp_id'      
6 2 'Structure model' '_struct_site.pdbx_auth_seq_id'       
# 
loop_
_software.name 
_software.classification 
_software.version 
_software.citation_id 
_software.pdbx_ordinal 
MAR345dtb 'data collection' .        ? 1 
REFMAC    refinement        5.5.0109 ? 2 
MOSFLM    'data reduction'  .        ? 3 
SCALA     'data scaling'    .        ? 4 
# 
loop_
_pdbx_validate_torsion.id 
_pdbx_validate_torsion.PDB_model_num 
_pdbx_validate_torsion.auth_comp_id 
_pdbx_validate_torsion.auth_asym_id 
_pdbx_validate_torsion.auth_seq_id 
_pdbx_validate_torsion.PDB_ins_code 
_pdbx_validate_torsion.label_alt_id 
_pdbx_validate_torsion.phi 
_pdbx_validate_torsion.psi 
1 1 PRO A 80 ? ? -73.10 46.81  
2 1 GLU B 34 ? ? -48.86 157.98 
3 1 PRO B 80 ? ? -76.92 42.28  
# 
loop_
_pdbx_validate_chiral.id 
_pdbx_validate_chiral.PDB_model_num 
_pdbx_validate_chiral.auth_atom_id 
_pdbx_validate_chiral.label_alt_id 
_pdbx_validate_chiral.auth_asym_id 
_pdbx_validate_chiral.auth_comp_id 
_pdbx_validate_chiral.auth_seq_id 
_pdbx_validate_chiral.PDB_ins_code 
_pdbx_validate_chiral.details 
_pdbx_validate_chiral.omega 
1 1 N1 A A KGQ 201 ? 'WRONG HAND' . 
2 1 N1 B A KGQ 202 ? 'WRONG HAND' . 
# 
loop_
_pdbx_unobs_or_zero_occ_atoms.id 
_pdbx_unobs_or_zero_occ_atoms.PDB_model_num 
_pdbx_unobs_or_zero_occ_atoms.polymer_flag 
_pdbx_unobs_or_zero_occ_atoms.occupancy_flag 
_pdbx_unobs_or_zero_occ_atoms.auth_asym_id 
_pdbx_unobs_or_zero_occ_atoms.auth_comp_id 
_pdbx_unobs_or_zero_occ_atoms.auth_seq_id 
_pdbx_unobs_or_zero_occ_atoms.PDB_ins_code 
_pdbx_unobs_or_zero_occ_atoms.auth_atom_id 
_pdbx_unobs_or_zero_occ_atoms.label_alt_id 
_pdbx_unobs_or_zero_occ_atoms.label_asym_id 
_pdbx_unobs_or_zero_occ_atoms.label_comp_id 
_pdbx_unobs_or_zero_occ_atoms.label_seq_id 
_pdbx_unobs_or_zero_occ_atoms.label_atom_id 
1 1 Y 1 B ARG 42 ? CG  ? B ARG 42 CG  
2 1 Y 1 B ARG 42 ? CD  ? B ARG 42 CD  
3 1 Y 1 B ARG 42 ? NE  ? B ARG 42 NE  
4 1 Y 1 B ARG 42 ? CZ  ? B ARG 42 CZ  
5 1 Y 1 B ARG 42 ? NH1 ? B ARG 42 NH1 
6 1 Y 1 B ARG 42 ? NH2 ? B ARG 42 NH2 
# 
loop_
_chem_comp_atom.comp_id 
_chem_comp_atom.atom_id 
_chem_comp_atom.type_symbol 
_chem_comp_atom.pdbx_aromatic_flag 
_chem_comp_atom.pdbx_stereo_config 
_chem_comp_atom.pdbx_ordinal 
ALA N    N N N 1   
ALA CA   C N S 2   
ALA C    C N N 3   
ALA O    O N N 4   
ALA CB   C N N 5   
ALA OXT  O N N 6   
ALA H    H N N 7   
ALA H2   H N N 8   
ALA HA   H N N 9   
ALA HB1  H N N 10  
ALA HB2  H N N 11  
ALA HB3  H N N 12  
ALA HXT  H N N 13  
ARG N    N N N 14  
ARG CA   C N S 15  
ARG C    C N N 16  
ARG O    O N N 17  
ARG CB   C N N 18  
ARG CG   C N N 19  
ARG CD   C N N 20  
ARG NE   N N N 21  
ARG CZ   C N N 22  
ARG NH1  N N N 23  
ARG NH2  N N N 24  
ARG OXT  O N N 25  
ARG H    H N N 26  
ARG H2   H N N 27  
ARG HA   H N N 28  
ARG HB2  H N N 29  
ARG HB3  H N N 30  
ARG HG2  H N N 31  
ARG HG3  H N N 32  
ARG HD2  H N N 33  
ARG HD3  H N N 34  
ARG HE   H N N 35  
ARG HH11 H N N 36  
ARG HH12 H N N 37  
ARG HH21 H N N 38  
ARG HH22 H N N 39  
ARG HXT  H N N 40  
ASN N    N N N 41  
ASN CA   C N S 42  
ASN C    C N N 43  
ASN O    O N N 44  
ASN CB   C N N 45  
ASN CG   C N N 46  
ASN OD1  O N N 47  
ASN ND2  N N N 48  
ASN OXT  O N N 49  
ASN H    H N N 50  
ASN H2   H N N 51  
ASN HA   H N N 52  
ASN HB2  H N N 53  
ASN HB3  H N N 54  
ASN HD21 H N N 55  
ASN HD22 H N N 56  
ASN HXT  H N N 57  
ASP N    N N N 58  
ASP CA   C N S 59  
ASP C    C N N 60  
ASP O    O N N 61  
ASP CB   C N N 62  
ASP CG   C N N 63  
ASP OD1  O N N 64  
ASP OD2  O N N 65  
ASP OXT  O N N 66  
ASP H    H N N 67  
ASP H2   H N N 68  
ASP HA   H N N 69  
ASP HB2  H N N 70  
ASP HB3  H N N 71  
ASP HD2  H N N 72  
ASP HXT  H N N 73  
CYS N    N N N 74  
CYS CA   C N R 75  
CYS C    C N N 76  
CYS O    O N N 77  
CYS CB   C N N 78  
CYS SG   S N N 79  
CYS OXT  O N N 80  
CYS H    H N N 81  
CYS H2   H N N 82  
CYS HA   H N N 83  
CYS HB2  H N N 84  
CYS HB3  H N N 85  
CYS HG   H N N 86  
CYS HXT  H N N 87  
GLN N    N N N 88  
GLN CA   C N S 89  
GLN C    C N N 90  
GLN O    O N N 91  
GLN CB   C N N 92  
GLN CG   C N N 93  
GLN CD   C N N 94  
GLN OE1  O N N 95  
GLN NE2  N N N 96  
GLN OXT  O N N 97  
GLN H    H N N 98  
GLN H2   H N N 99  
GLN HA   H N N 100 
GLN HB2  H N N 101 
GLN HB3  H N N 102 
GLN HG2  H N N 103 
GLN HG3  H N N 104 
GLN HE21 H N N 105 
GLN HE22 H N N 106 
GLN HXT  H N N 107 
GLU N    N N N 108 
GLU CA   C N S 109 
GLU C    C N N 110 
GLU O    O N N 111 
GLU CB   C N N 112 
GLU CG   C N N 113 
GLU CD   C N N 114 
GLU OE1  O N N 115 
GLU OE2  O N N 116 
GLU OXT  O N N 117 
GLU H    H N N 118 
GLU H2   H N N 119 
GLU HA   H N N 120 
GLU HB2  H N N 121 
GLU HB3  H N N 122 
GLU HG2  H N N 123 
GLU HG3  H N N 124 
GLU HE2  H N N 125 
GLU HXT  H N N 126 
GLY N    N N N 127 
GLY CA   C N N 128 
GLY C    C N N 129 
GLY O    O N N 130 
GLY OXT  O N N 131 
GLY H    H N N 132 
GLY H2   H N N 133 
GLY HA2  H N N 134 
GLY HA3  H N N 135 
GLY HXT  H N N 136 
HIS N    N N N 137 
HIS CA   C N S 138 
HIS C    C N N 139 
HIS O    O N N 140 
HIS CB   C N N 141 
HIS CG   C Y N 142 
HIS ND1  N Y N 143 
HIS CD2  C Y N 144 
HIS CE1  C Y N 145 
HIS NE2  N Y N 146 
HIS OXT  O N N 147 
HIS H    H N N 148 
HIS H2   H N N 149 
HIS HA   H N N 150 
HIS HB2  H N N 151 
HIS HB3  H N N 152 
HIS HD1  H N N 153 
HIS HD2  H N N 154 
HIS HE1  H N N 155 
HIS HE2  H N N 156 
HIS HXT  H N N 157 
HOH O    O N N 158 
HOH H1   H N N 159 
HOH H2   H N N 160 
ILE N    N N N 161 
ILE CA   C N S 162 
ILE C    C N N 163 
ILE O    O N N 164 
ILE CB   C N S 165 
ILE CG1  C N N 166 
ILE CG2  C N N 167 
ILE CD1  C N N 168 
ILE OXT  O N N 169 
ILE H    H N N 170 
ILE H2   H N N 171 
ILE HA   H N N 172 
ILE HB   H N N 173 
ILE HG12 H N N 174 
ILE HG13 H N N 175 
ILE HG21 H N N 176 
ILE HG22 H N N 177 
ILE HG23 H N N 178 
ILE HD11 H N N 179 
ILE HD12 H N N 180 
ILE HD13 H N N 181 
ILE HXT  H N N 182 
KGQ N    N N N 183 
KGQ C    C N S 184 
KGQ O    O N N 185 
KGQ C6   C N S 186 
KGQ C8   C N N 187 
KGQ C9   C Y N 188 
KGQ C11  C Y N 189 
KGQ C13  C Y N 190 
KGQ C14  C Y N 191 
KGQ C15  C N N 192 
KGQ P    P N N 193 
KGQ O3   O N N 194 
KGQ C18  C N N 195 
KGQ C19  C N N 196 
KGQ O2   O N N 197 
KGQ O1   O N N 198 
KGQ C16  C N N 199 
KGQ C17  C N N 200 
KGQ C12  C Y N 201 
KGQ C10  C Y N 202 
KGQ C7   C N R 203 
KGQ O8   O N N 204 
KGQ C20  C N N 205 
KGQ N1   N N S 206 
KGQ C21  C N N 207 
KGQ C22  C N N 208 
KGQ C30  C N N 209 
KGQ C29  C N N 210 
KGQ S    S N N 211 
KGQ O10  O N N 212 
KGQ O9   O N N 213 
KGQ C23  C Y N 214 
KGQ C28  C Y N 215 
KGQ C27  C Y N 216 
KGQ C26  C Y N 217 
KGQ O5   O N N 218 
KGQ C31  C N N 219 
KGQ C25  C Y N 220 
KGQ C24  C Y N 221 
KGQ C4   C N N 222 
KGQ O7   O N N 223 
KGQ O6   O N N 224 
KGQ C5   C N S 225 
KGQ C3   C N N 226 
KGQ O4   O N N 227 
KGQ C32  C N R 228 
KGQ O11  O N N 229 
KGQ C2   C N N 230 
KGQ C1   C N N 231 
KGQ HN   H N N 232 
KGQ H    H N N 233 
KGQ H6   H N N 234 
KGQ H81  H N N 235 
KGQ H82  H N N 236 
KGQ H11  H N N 237 
KGQ H13  H N N 238 
KGQ H151 H N N 239 
KGQ H152 H N N 240 
KGQ H181 H N N 241 
KGQ H182 H N N 242 
KGQ H191 H N N 243 
KGQ H192 H N N 244 
KGQ H193 H N N 245 
KGQ H161 H N N 246 
KGQ H162 H N N 247 
KGQ H171 H N N 248 
KGQ H172 H N N 249 
KGQ H173 H N N 250 
KGQ H12  H N N 251 
KGQ H10  H N N 252 
KGQ H7   H N N 253 
KGQ HO8  H N N 254 
KGQ H201 H N N 255 
KGQ H202 H N N 256 
KGQ H211 H N N 257 
KGQ H212 H N N 258 
KGQ H22  H N N 259 
KGQ H301 H N N 260 
KGQ H302 H N N 261 
KGQ H303 H N N 262 
KGQ H291 H N N 263 
KGQ H292 H N N 264 
KGQ H293 H N N 265 
KGQ H28  H N N 266 
KGQ H27  H N N 267 
KGQ H311 H N N 268 
KGQ H312 H N N 269 
KGQ H313 H N N 270 
KGQ H25  H N N 271 
KGQ H24  H N N 272 
KGQ H5   H N N 273 
KGQ H31  H N N 274 
KGQ H32A H N N 275 
KGQ H32  H N N 276 
KGQ H21  H N N 277 
KGQ H22A H N N 278 
KGQ H11A H N N 279 
KGQ H12A H N N 280 
LEU N    N N N 281 
LEU CA   C N S 282 
LEU C    C N N 283 
LEU O    O N N 284 
LEU CB   C N N 285 
LEU CG   C N N 286 
LEU CD1  C N N 287 
LEU CD2  C N N 288 
LEU OXT  O N N 289 
LEU H    H N N 290 
LEU H2   H N N 291 
LEU HA   H N N 292 
LEU HB2  H N N 293 
LEU HB3  H N N 294 
LEU HG   H N N 295 
LEU HD11 H N N 296 
LEU HD12 H N N 297 
LEU HD13 H N N 298 
LEU HD21 H N N 299 
LEU HD22 H N N 300 
LEU HD23 H N N 301 
LEU HXT  H N N 302 
LYS N    N N N 303 
LYS CA   C N S 304 
LYS C    C N N 305 
LYS O    O N N 306 
LYS CB   C N N 307 
LYS CG   C N N 308 
LYS CD   C N N 309 
LYS CE   C N N 310 
LYS NZ   N N N 311 
LYS OXT  O N N 312 
LYS H    H N N 313 
LYS H2   H N N 314 
LYS HA   H N N 315 
LYS HB2  H N N 316 
LYS HB3  H N N 317 
LYS HG2  H N N 318 
LYS HG3  H N N 319 
LYS HD2  H N N 320 
LYS HD3  H N N 321 
LYS HE2  H N N 322 
LYS HE3  H N N 323 
LYS HZ1  H N N 324 
LYS HZ2  H N N 325 
LYS HZ3  H N N 326 
LYS HXT  H N N 327 
MET N    N N N 328 
MET CA   C N S 329 
MET C    C N N 330 
MET O    O N N 331 
MET CB   C N N 332 
MET CG   C N N 333 
MET SD   S N N 334 
MET CE   C N N 335 
MET OXT  O N N 336 
MET H    H N N 337 
MET H2   H N N 338 
MET HA   H N N 339 
MET HB2  H N N 340 
MET HB3  H N N 341 
MET HG2  H N N 342 
MET HG3  H N N 343 
MET HE1  H N N 344 
MET HE2  H N N 345 
MET HE3  H N N 346 
MET HXT  H N N 347 
PHE N    N N N 348 
PHE CA   C N S 349 
PHE C    C N N 350 
PHE O    O N N 351 
PHE CB   C N N 352 
PHE CG   C Y N 353 
PHE CD1  C Y N 354 
PHE CD2  C Y N 355 
PHE CE1  C Y N 356 
PHE CE2  C Y N 357 
PHE CZ   C Y N 358 
PHE OXT  O N N 359 
PHE H    H N N 360 
PHE H2   H N N 361 
PHE HA   H N N 362 
PHE HB2  H N N 363 
PHE HB3  H N N 364 
PHE HD1  H N N 365 
PHE HD2  H N N 366 
PHE HE1  H N N 367 
PHE HE2  H N N 368 
PHE HZ   H N N 369 
PHE HXT  H N N 370 
PRO N    N N N 371 
PRO CA   C N S 372 
PRO C    C N N 373 
PRO O    O N N 374 
PRO CB   C N N 375 
PRO CG   C N N 376 
PRO CD   C N N 377 
PRO OXT  O N N 378 
PRO H    H N N 379 
PRO HA   H N N 380 
PRO HB2  H N N 381 
PRO HB3  H N N 382 
PRO HG2  H N N 383 
PRO HG3  H N N 384 
PRO HD2  H N N 385 
PRO HD3  H N N 386 
PRO HXT  H N N 387 
SER N    N N N 388 
SER CA   C N S 389 
SER C    C N N 390 
SER O    O N N 391 
SER CB   C N N 392 
SER OG   O N N 393 
SER OXT  O N N 394 
SER H    H N N 395 
SER H2   H N N 396 
SER HA   H N N 397 
SER HB2  H N N 398 
SER HB3  H N N 399 
SER HG   H N N 400 
SER HXT  H N N 401 
THR N    N N N 402 
THR CA   C N S 403 
THR C    C N N 404 
THR O    O N N 405 
THR CB   C N R 406 
THR OG1  O N N 407 
THR CG2  C N N 408 
THR OXT  O N N 409 
THR H    H N N 410 
THR H2   H N N 411 
THR HA   H N N 412 
THR HB   H N N 413 
THR HG1  H N N 414 
THR HG21 H N N 415 
THR HG22 H N N 416 
THR HG23 H N N 417 
THR HXT  H N N 418 
TRP N    N N N 419 
TRP CA   C N S 420 
TRP C    C N N 421 
TRP O    O N N 422 
TRP CB   C N N 423 
TRP CG   C Y N 424 
TRP CD1  C Y N 425 
TRP CD2  C Y N 426 
TRP NE1  N Y N 427 
TRP CE2  C Y N 428 
TRP CE3  C Y N 429 
TRP CZ2  C Y N 430 
TRP CZ3  C Y N 431 
TRP CH2  C Y N 432 
TRP OXT  O N N 433 
TRP H    H N N 434 
TRP H2   H N N 435 
TRP HA   H N N 436 
TRP HB2  H N N 437 
TRP HB3  H N N 438 
TRP HD1  H N N 439 
TRP HE1  H N N 440 
TRP HE3  H N N 441 
TRP HZ2  H N N 442 
TRP HZ3  H N N 443 
TRP HH2  H N N 444 
TRP HXT  H N N 445 
TYR N    N N N 446 
TYR CA   C N S 447 
TYR C    C N N 448 
TYR O    O N N 449 
TYR CB   C N N 450 
TYR CG   C Y N 451 
TYR CD1  C Y N 452 
TYR CD2  C Y N 453 
TYR CE1  C Y N 454 
TYR CE2  C Y N 455 
TYR CZ   C Y N 456 
TYR OH   O N N 457 
TYR OXT  O N N 458 
TYR H    H N N 459 
TYR H2   H N N 460 
TYR HA   H N N 461 
TYR HB2  H N N 462 
TYR HB3  H N N 463 
TYR HD1  H N N 464 
TYR HD2  H N N 465 
TYR HE1  H N N 466 
TYR HE2  H N N 467 
TYR HH   H N N 468 
TYR HXT  H N N 469 
VAL N    N N N 470 
VAL CA   C N S 471 
VAL C    C N N 472 
VAL O    O N N 473 
VAL CB   C N N 474 
VAL CG1  C N N 475 
VAL CG2  C N N 476 
VAL OXT  O N N 477 
VAL H    H N N 478 
VAL H2   H N N 479 
VAL HA   H N N 480 
VAL HB   H N N 481 
VAL HG11 H N N 482 
VAL HG12 H N N 483 
VAL HG13 H N N 484 
VAL HG21 H N N 485 
VAL HG22 H N N 486 
VAL HG23 H N N 487 
VAL HXT  H N N 488 
# 
loop_
_chem_comp_bond.comp_id 
_chem_comp_bond.atom_id_1 
_chem_comp_bond.atom_id_2 
_chem_comp_bond.value_order 
_chem_comp_bond.pdbx_aromatic_flag 
_chem_comp_bond.pdbx_stereo_config 
_chem_comp_bond.pdbx_ordinal 
ALA N   CA   sing N N 1   
ALA N   H    sing N N 2   
ALA N   H2   sing N N 3   
ALA CA  C    sing N N 4   
ALA CA  CB   sing N N 5   
ALA CA  HA   sing N N 6   
ALA C   O    doub N N 7   
ALA C   OXT  sing N N 8   
ALA CB  HB1  sing N N 9   
ALA CB  HB2  sing N N 10  
ALA CB  HB3  sing N N 11  
ALA OXT HXT  sing N N 12  
ARG N   CA   sing N N 13  
ARG N   H    sing N N 14  
ARG N   H2   sing N N 15  
ARG CA  C    sing N N 16  
ARG CA  CB   sing N N 17  
ARG CA  HA   sing N N 18  
ARG C   O    doub N N 19  
ARG C   OXT  sing N N 20  
ARG CB  CG   sing N N 21  
ARG CB  HB2  sing N N 22  
ARG CB  HB3  sing N N 23  
ARG CG  CD   sing N N 24  
ARG CG  HG2  sing N N 25  
ARG CG  HG3  sing N N 26  
ARG CD  NE   sing N N 27  
ARG CD  HD2  sing N N 28  
ARG CD  HD3  sing N N 29  
ARG NE  CZ   sing N N 30  
ARG NE  HE   sing N N 31  
ARG CZ  NH1  sing N N 32  
ARG CZ  NH2  doub N N 33  
ARG NH1 HH11 sing N N 34  
ARG NH1 HH12 sing N N 35  
ARG NH2 HH21 sing N N 36  
ARG NH2 HH22 sing N N 37  
ARG OXT HXT  sing N N 38  
ASN N   CA   sing N N 39  
ASN N   H    sing N N 40  
ASN N   H2   sing N N 41  
ASN CA  C    sing N N 42  
ASN CA  CB   sing N N 43  
ASN CA  HA   sing N N 44  
ASN C   O    doub N N 45  
ASN C   OXT  sing N N 46  
ASN CB  CG   sing N N 47  
ASN CB  HB2  sing N N 48  
ASN CB  HB3  sing N N 49  
ASN CG  OD1  doub N N 50  
ASN CG  ND2  sing N N 51  
ASN ND2 HD21 sing N N 52  
ASN ND2 HD22 sing N N 53  
ASN OXT HXT  sing N N 54  
ASP N   CA   sing N N 55  
ASP N   H    sing N N 56  
ASP N   H2   sing N N 57  
ASP CA  C    sing N N 58  
ASP CA  CB   sing N N 59  
ASP CA  HA   sing N N 60  
ASP C   O    doub N N 61  
ASP C   OXT  sing N N 62  
ASP CB  CG   sing N N 63  
ASP CB  HB2  sing N N 64  
ASP CB  HB3  sing N N 65  
ASP CG  OD1  doub N N 66  
ASP CG  OD2  sing N N 67  
ASP OD2 HD2  sing N N 68  
ASP OXT HXT  sing N N 69  
CYS N   CA   sing N N 70  
CYS N   H    sing N N 71  
CYS N   H2   sing N N 72  
CYS CA  C    sing N N 73  
CYS CA  CB   sing N N 74  
CYS CA  HA   sing N N 75  
CYS C   O    doub N N 76  
CYS C   OXT  sing N N 77  
CYS CB  SG   sing N N 78  
CYS CB  HB2  sing N N 79  
CYS CB  HB3  sing N N 80  
CYS SG  HG   sing N N 81  
CYS OXT HXT  sing N N 82  
GLN N   CA   sing N N 83  
GLN N   H    sing N N 84  
GLN N   H2   sing N N 85  
GLN CA  C    sing N N 86  
GLN CA  CB   sing N N 87  
GLN CA  HA   sing N N 88  
GLN C   O    doub N N 89  
GLN C   OXT  sing N N 90  
GLN CB  CG   sing N N 91  
GLN CB  HB2  sing N N 92  
GLN CB  HB3  sing N N 93  
GLN CG  CD   sing N N 94  
GLN CG  HG2  sing N N 95  
GLN CG  HG3  sing N N 96  
GLN CD  OE1  doub N N 97  
GLN CD  NE2  sing N N 98  
GLN NE2 HE21 sing N N 99  
GLN NE2 HE22 sing N N 100 
GLN OXT HXT  sing N N 101 
GLU N   CA   sing N N 102 
GLU N   H    sing N N 103 
GLU N   H2   sing N N 104 
GLU CA  C    sing N N 105 
GLU CA  CB   sing N N 106 
GLU CA  HA   sing N N 107 
GLU C   O    doub N N 108 
GLU C   OXT  sing N N 109 
GLU CB  CG   sing N N 110 
GLU CB  HB2  sing N N 111 
GLU CB  HB3  sing N N 112 
GLU CG  CD   sing N N 113 
GLU CG  HG2  sing N N 114 
GLU CG  HG3  sing N N 115 
GLU CD  OE1  doub N N 116 
GLU CD  OE2  sing N N 117 
GLU OE2 HE2  sing N N 118 
GLU OXT HXT  sing N N 119 
GLY N   CA   sing N N 120 
GLY N   H    sing N N 121 
GLY N   H2   sing N N 122 
GLY CA  C    sing N N 123 
GLY CA  HA2  sing N N 124 
GLY CA  HA3  sing N N 125 
GLY C   O    doub N N 126 
GLY C   OXT  sing N N 127 
GLY OXT HXT  sing N N 128 
HIS N   CA   sing N N 129 
HIS N   H    sing N N 130 
HIS N   H2   sing N N 131 
HIS CA  C    sing N N 132 
HIS CA  CB   sing N N 133 
HIS CA  HA   sing N N 134 
HIS C   O    doub N N 135 
HIS C   OXT  sing N N 136 
HIS CB  CG   sing N N 137 
HIS CB  HB2  sing N N 138 
HIS CB  HB3  sing N N 139 
HIS CG  ND1  sing Y N 140 
HIS CG  CD2  doub Y N 141 
HIS ND1 CE1  doub Y N 142 
HIS ND1 HD1  sing N N 143 
HIS CD2 NE2  sing Y N 144 
HIS CD2 HD2  sing N N 145 
HIS CE1 NE2  sing Y N 146 
HIS CE1 HE1  sing N N 147 
HIS NE2 HE2  sing N N 148 
HIS OXT HXT  sing N N 149 
HOH O   H1   sing N N 150 
HOH O   H2   sing N N 151 
ILE N   CA   sing N N 152 
ILE N   H    sing N N 153 
ILE N   H2   sing N N 154 
ILE CA  C    sing N N 155 
ILE CA  CB   sing N N 156 
ILE CA  HA   sing N N 157 
ILE C   O    doub N N 158 
ILE C   OXT  sing N N 159 
ILE CB  CG1  sing N N 160 
ILE CB  CG2  sing N N 161 
ILE CB  HB   sing N N 162 
ILE CG1 CD1  sing N N 163 
ILE CG1 HG12 sing N N 164 
ILE CG1 HG13 sing N N 165 
ILE CG2 HG21 sing N N 166 
ILE CG2 HG22 sing N N 167 
ILE CG2 HG23 sing N N 168 
ILE CD1 HD11 sing N N 169 
ILE CD1 HD12 sing N N 170 
ILE CD1 HD13 sing N N 171 
ILE OXT HXT  sing N N 172 
KGQ N   C6   sing N N 173 
KGQ N   C4   sing N N 174 
KGQ N   HN   sing N N 175 
KGQ C   C1   sing N N 176 
KGQ C   C5   sing N N 177 
KGQ C   C32  sing N N 178 
KGQ C   H    sing N N 179 
KGQ O   C15  sing N N 180 
KGQ O   C14  sing N N 181 
KGQ C6  C8   sing N N 182 
KGQ C6  C7   sing N N 183 
KGQ C6  H6   sing N N 184 
KGQ C8  C9   sing N N 185 
KGQ C8  H81  sing N N 186 
KGQ C8  H82  sing N N 187 
KGQ C9  C11  doub Y N 188 
KGQ C9  C10  sing Y N 189 
KGQ C11 C13  sing Y N 190 
KGQ C11 H11  sing N N 191 
KGQ C13 C14  doub Y N 192 
KGQ C13 H13  sing N N 193 
KGQ C14 C12  sing Y N 194 
KGQ C15 P    sing N N 195 
KGQ C15 H151 sing N N 196 
KGQ C15 H152 sing N N 197 
KGQ P   O1   sing N N 198 
KGQ P   O3   sing N N 199 
KGQ P   O2   doub N N 200 
KGQ O3  C18  sing N N 201 
KGQ C18 C19  sing N N 202 
KGQ C18 H181 sing N N 203 
KGQ C18 H182 sing N N 204 
KGQ C19 H191 sing N N 205 
KGQ C19 H192 sing N N 206 
KGQ C19 H193 sing N N 207 
KGQ O1  C16  sing N N 208 
KGQ C16 C17  sing N N 209 
KGQ C16 H161 sing N N 210 
KGQ C16 H162 sing N N 211 
KGQ C17 H171 sing N N 212 
KGQ C17 H172 sing N N 213 
KGQ C17 H173 sing N N 214 
KGQ C12 C10  doub Y N 215 
KGQ C12 H12  sing N N 216 
KGQ C10 H10  sing N N 217 
KGQ C7  C20  sing N N 218 
KGQ C7  O8   sing N N 219 
KGQ C7  H7   sing N N 220 
KGQ O8  HO8  sing N N 221 
KGQ C20 N1   sing N N 222 
KGQ C20 H201 sing N N 223 
KGQ C20 H202 sing N N 224 
KGQ N1  S    sing N N 225 
KGQ N1  C21  sing N N 226 
KGQ C21 C22  sing N N 227 
KGQ C21 H211 sing N N 228 
KGQ C21 H212 sing N N 229 
KGQ C22 C29  sing N N 230 
KGQ C22 C30  sing N N 231 
KGQ C22 H22  sing N N 232 
KGQ C30 H301 sing N N 233 
KGQ C30 H302 sing N N 234 
KGQ C30 H303 sing N N 235 
KGQ C29 H291 sing N N 236 
KGQ C29 H292 sing N N 237 
KGQ C29 H293 sing N N 238 
KGQ S   O9   doub N N 239 
KGQ S   C23  sing N N 240 
KGQ S   O10  doub N N 241 
KGQ C23 C24  doub Y N 242 
KGQ C23 C28  sing Y N 243 
KGQ C28 C27  doub Y N 244 
KGQ C28 H28  sing N N 245 
KGQ C27 C26  sing Y N 246 
KGQ C27 H27  sing N N 247 
KGQ C26 O5   sing N N 248 
KGQ C26 C25  doub Y N 249 
KGQ O5  C31  sing N N 250 
KGQ C31 H311 sing N N 251 
KGQ C31 H312 sing N N 252 
KGQ C31 H313 sing N N 253 
KGQ C25 C24  sing Y N 254 
KGQ C25 H25  sing N N 255 
KGQ C24 H24  sing N N 256 
KGQ C4  O7   doub N N 257 
KGQ C4  O6   sing N N 258 
KGQ O6  C5   sing N N 259 
KGQ C5  C3   sing N N 260 
KGQ C5  H5   sing N N 261 
KGQ C3  O4   sing N N 262 
KGQ C3  H31  sing N N 263 
KGQ C3  H32A sing N N 264 
KGQ O4  C32  sing N N 265 
KGQ C32 O11  sing N N 266 
KGQ C32 H32  sing N N 267 
KGQ O11 C2   sing N N 268 
KGQ C2  C1   sing N N 269 
KGQ C2  H21  sing N N 270 
KGQ C2  H22A sing N N 271 
KGQ C1  H11A sing N N 272 
KGQ C1  H12A sing N N 273 
LEU N   CA   sing N N 274 
LEU N   H    sing N N 275 
LEU N   H2   sing N N 276 
LEU CA  C    sing N N 277 
LEU CA  CB   sing N N 278 
LEU CA  HA   sing N N 279 
LEU C   O    doub N N 280 
LEU C   OXT  sing N N 281 
LEU CB  CG   sing N N 282 
LEU CB  HB2  sing N N 283 
LEU CB  HB3  sing N N 284 
LEU CG  CD1  sing N N 285 
LEU CG  CD2  sing N N 286 
LEU CG  HG   sing N N 287 
LEU CD1 HD11 sing N N 288 
LEU CD1 HD12 sing N N 289 
LEU CD1 HD13 sing N N 290 
LEU CD2 HD21 sing N N 291 
LEU CD2 HD22 sing N N 292 
LEU CD2 HD23 sing N N 293 
LEU OXT HXT  sing N N 294 
LYS N   CA   sing N N 295 
LYS N   H    sing N N 296 
LYS N   H2   sing N N 297 
LYS CA  C    sing N N 298 
LYS CA  CB   sing N N 299 
LYS CA  HA   sing N N 300 
LYS C   O    doub N N 301 
LYS C   OXT  sing N N 302 
LYS CB  CG   sing N N 303 
LYS CB  HB2  sing N N 304 
LYS CB  HB3  sing N N 305 
LYS CG  CD   sing N N 306 
LYS CG  HG2  sing N N 307 
LYS CG  HG3  sing N N 308 
LYS CD  CE   sing N N 309 
LYS CD  HD2  sing N N 310 
LYS CD  HD3  sing N N 311 
LYS CE  NZ   sing N N 312 
LYS CE  HE2  sing N N 313 
LYS CE  HE3  sing N N 314 
LYS NZ  HZ1  sing N N 315 
LYS NZ  HZ2  sing N N 316 
LYS NZ  HZ3  sing N N 317 
LYS OXT HXT  sing N N 318 
MET N   CA   sing N N 319 
MET N   H    sing N N 320 
MET N   H2   sing N N 321 
MET CA  C    sing N N 322 
MET CA  CB   sing N N 323 
MET CA  HA   sing N N 324 
MET C   O    doub N N 325 
MET C   OXT  sing N N 326 
MET CB  CG   sing N N 327 
MET CB  HB2  sing N N 328 
MET CB  HB3  sing N N 329 
MET CG  SD   sing N N 330 
MET CG  HG2  sing N N 331 
MET CG  HG3  sing N N 332 
MET SD  CE   sing N N 333 
MET CE  HE1  sing N N 334 
MET CE  HE2  sing N N 335 
MET CE  HE3  sing N N 336 
MET OXT HXT  sing N N 337 
PHE N   CA   sing N N 338 
PHE N   H    sing N N 339 
PHE N   H2   sing N N 340 
PHE CA  C    sing N N 341 
PHE CA  CB   sing N N 342 
PHE CA  HA   sing N N 343 
PHE C   O    doub N N 344 
PHE C   OXT  sing N N 345 
PHE CB  CG   sing N N 346 
PHE CB  HB2  sing N N 347 
PHE CB  HB3  sing N N 348 
PHE CG  CD1  doub Y N 349 
PHE CG  CD2  sing Y N 350 
PHE CD1 CE1  sing Y N 351 
PHE CD1 HD1  sing N N 352 
PHE CD2 CE2  doub Y N 353 
PHE CD2 HD2  sing N N 354 
PHE CE1 CZ   doub Y N 355 
PHE CE1 HE1  sing N N 356 
PHE CE2 CZ   sing Y N 357 
PHE CE2 HE2  sing N N 358 
PHE CZ  HZ   sing N N 359 
PHE OXT HXT  sing N N 360 
PRO N   CA   sing N N 361 
PRO N   CD   sing N N 362 
PRO N   H    sing N N 363 
PRO CA  C    sing N N 364 
PRO CA  CB   sing N N 365 
PRO CA  HA   sing N N 366 
PRO C   O    doub N N 367 
PRO C   OXT  sing N N 368 
PRO CB  CG   sing N N 369 
PRO CB  HB2  sing N N 370 
PRO CB  HB3  sing N N 371 
PRO CG  CD   sing N N 372 
PRO CG  HG2  sing N N 373 
PRO CG  HG3  sing N N 374 
PRO CD  HD2  sing N N 375 
PRO CD  HD3  sing N N 376 
PRO OXT HXT  sing N N 377 
SER N   CA   sing N N 378 
SER N   H    sing N N 379 
SER N   H2   sing N N 380 
SER CA  C    sing N N 381 
SER CA  CB   sing N N 382 
SER CA  HA   sing N N 383 
SER C   O    doub N N 384 
SER C   OXT  sing N N 385 
SER CB  OG   sing N N 386 
SER CB  HB2  sing N N 387 
SER CB  HB3  sing N N 388 
SER OG  HG   sing N N 389 
SER OXT HXT  sing N N 390 
THR N   CA   sing N N 391 
THR N   H    sing N N 392 
THR N   H2   sing N N 393 
THR CA  C    sing N N 394 
THR CA  CB   sing N N 395 
THR CA  HA   sing N N 396 
THR C   O    doub N N 397 
THR C   OXT  sing N N 398 
THR CB  OG1  sing N N 399 
THR CB  CG2  sing N N 400 
THR CB  HB   sing N N 401 
THR OG1 HG1  sing N N 402 
THR CG2 HG21 sing N N 403 
THR CG2 HG22 sing N N 404 
THR CG2 HG23 sing N N 405 
THR OXT HXT  sing N N 406 
TRP N   CA   sing N N 407 
TRP N   H    sing N N 408 
TRP N   H2   sing N N 409 
TRP CA  C    sing N N 410 
TRP CA  CB   sing N N 411 
TRP CA  HA   sing N N 412 
TRP C   O    doub N N 413 
TRP C   OXT  sing N N 414 
TRP CB  CG   sing N N 415 
TRP CB  HB2  sing N N 416 
TRP CB  HB3  sing N N 417 
TRP CG  CD1  doub Y N 418 
TRP CG  CD2  sing Y N 419 
TRP CD1 NE1  sing Y N 420 
TRP CD1 HD1  sing N N 421 
TRP CD2 CE2  doub Y N 422 
TRP CD2 CE3  sing Y N 423 
TRP NE1 CE2  sing Y N 424 
TRP NE1 HE1  sing N N 425 
TRP CE2 CZ2  sing Y N 426 
TRP CE3 CZ3  doub Y N 427 
TRP CE3 HE3  sing N N 428 
TRP CZ2 CH2  doub Y N 429 
TRP CZ2 HZ2  sing N N 430 
TRP CZ3 CH2  sing Y N 431 
TRP CZ3 HZ3  sing N N 432 
TRP CH2 HH2  sing N N 433 
TRP OXT HXT  sing N N 434 
TYR N   CA   sing N N 435 
TYR N   H    sing N N 436 
TYR N   H2   sing N N 437 
TYR CA  C    sing N N 438 
TYR CA  CB   sing N N 439 
TYR CA  HA   sing N N 440 
TYR C   O    doub N N 441 
TYR C   OXT  sing N N 442 
TYR CB  CG   sing N N 443 
TYR CB  HB2  sing N N 444 
TYR CB  HB3  sing N N 445 
TYR CG  CD1  doub Y N 446 
TYR CG  CD2  sing Y N 447 
TYR CD1 CE1  sing Y N 448 
TYR CD1 HD1  sing N N 449 
TYR CD2 CE2  doub Y N 450 
TYR CD2 HD2  sing N N 451 
TYR CE1 CZ   doub Y N 452 
TYR CE1 HE1  sing N N 453 
TYR CE2 CZ   sing Y N 454 
TYR CE2 HE2  sing N N 455 
TYR CZ  OH   sing N N 456 
TYR OH  HH   sing N N 457 
TYR OXT HXT  sing N N 458 
VAL N   CA   sing N N 459 
VAL N   H    sing N N 460 
VAL N   H2   sing N N 461 
VAL CA  C    sing N N 462 
VAL CA  CB   sing N N 463 
VAL CA  HA   sing N N 464 
VAL C   O    doub N N 465 
VAL C   OXT  sing N N 466 
VAL CB  CG1  sing N N 467 
VAL CB  CG2  sing N N 468 
VAL CB  HB   sing N N 469 
VAL CG1 HG11 sing N N 470 
VAL CG1 HG12 sing N N 471 
VAL CG1 HG13 sing N N 472 
VAL CG2 HG21 sing N N 473 
VAL CG2 HG22 sing N N 474 
VAL CG2 HG23 sing N N 475 
VAL OXT HXT  sing N N 476 
# 
loop_
_pdbx_entity_nonpoly.entity_id 
_pdbx_entity_nonpoly.name 
_pdbx_entity_nonpoly.comp_id 
2 
;DIETHYL ({4-[(2S,3R)-2-({[(3R,3AS,6AR)-HEXAHYDROFURO[2,3-B]FURAN-3-YLOXY]CARBONYL}AMINO)-3-HYDROXY-4-{ISOBUTYL[(4-METHOXYPHENYL)SULFONYL]AMINO}BUTYL]PHENOXY}METHYL)PHOSPHONATE
;
KGQ 
3 water HOH 
# 
_pdbx_initial_refinement_model.id               1 
_pdbx_initial_refinement_model.entity_id_list   ? 
_pdbx_initial_refinement_model.type             'experimental model' 
_pdbx_initial_refinement_model.source_name      PDB 
_pdbx_initial_refinement_model.accession_code   2RKG 
_pdbx_initial_refinement_model.details          'PDB ENTRY 2RKG' 
# 
